data_7OZ5
#
_entry.id   7OZ5
#
_cell.length_a   310.747
_cell.length_b   62.063
_cell.length_c   169.292
_cell.angle_alpha   90.000
_cell.angle_beta   104.930
_cell.angle_gamma   90.000
#
_symmetry.space_group_name_H-M   'C 1 2 1'
#
loop_
_entity.id
_entity.type
_entity.pdbx_description
1 polymer 'Reverse transcriptase/ribonuclease H'
2 polymer 'Gag-Pol polyprotein'
3 polymer 'DNA (28-MER)'
4 polymer "DNA (5'-D(*AP*CP*AP*GP*TP*CP*CP*CP*TP*GP*TP*TP*CP*GP*GP*GP*CP*GP*CP*CP*G)-3')"
5 branched beta-D-fructofuranose-(2-1)-alpha-D-glucopyranose
6 non-polymer 'CADMIUM ION'
7 non-polymer (1~{R},2~{R})-2-phenyl-~{N}-(1,3-thiazol-2-yl)cyclopropane-1-carboxamide
8 water water
#
loop_
_entity_poly.entity_id
_entity_poly.type
_entity_poly.pdbx_seq_one_letter_code
_entity_poly.pdbx_strand_id
1 'polypeptide(L)'
;MVPISPIETVPVKLKPGMDGPKVKQWPLTEEKIKALVEICTEMEKEGKISKIGPENPYNTPVFACKKKDSTKWRKLVDFR
ELNKRTQDFWEVQLGIPHPAGLKKKKSVTVLDVGDAYFSVPLDEDFRKYTAFTIPSINNETPGIRYQYNVLPQGWKGSPA
IFQSSMTKILEPFKKQNPDIVIYQYMDDLYVGSDLEIGQHRTKIEELRQHLLRWGLTTPDKKHQKEPPFLWMGYELHPDK
WTVQPIVLPEKDSWTVNDIQKLVGKLNWASQIYPGIKVRQLSKLLRGTKALTEVIPLTEEAELELAENREILKEPVHGVY
YDPSKDLIAEIQKQGQGQWTYQIYQEPFKNLKTGKYARMRGAHTNDVKQLTEAVQKITTESIVIWGKTPKFKLPIQKETW
ETWWTEYWQATWIPEWEFVNTPPLVKLWYQLEKEPIVGAETFYVDGAANRETKLGKAGYVTNKGRQKVVPLTNTTNQKTE
LQAIYLALQDSGLEVNIVTDSQYALGIIQAQPDKSESELVNQIIEQLIKKEKVYLAWVPAHKGIGGNEQVDKLVSA
;
A,C
2 'polypeptide(L)'
;MAHHHHHHALEVLFQGPISPIETVPVKLKPGMDGPKVKQWPLTEEKIKALVEICTEMEKEGKISKIGPENPYNTPVFAIK
KKDSTKWRKLVDFRELNKRTQDFWEVQLGIPHPAGLKKKKSVTVLDVGDAYFSVPLDEDFRKYTAFTIPSINNETPGIRY
QYNVLPQGWKGSPAIFQSSMTKILEPFKKQNPDIVIYQYMDDLYVGSDLEIGQHRTKIEELRQHLLRWGLTTPDKKHQKE
PPFLWMGYELHPDKWTVQPIVLPEKDSWTVNDIQKLVGKLNWASQIYPGIKVRQLSKLLRGTKALTEVIPLTEEAELELA
ENREILKEPVHGVYYDPSKDLIAEIQKQGQGQWTYQIYQEPFKNLKTGKYARMRGAHTNDVKQLTEAVQKITTESIVIWG
KTPKFKLPIQKETWETWWTEYWQATWIPEWEFVNTPPLVKLWYQ
;
B,D
3 'polydeoxyribonucleotide'
;(DA)(DT)(DG)(DA)(DA)(DT)(DC)(DG)(DG)(DC)(DG)(DC)(DC)(DC)(DG)(DA)(DA)(DC)(DA)(DG)
(DG)(DG)(DA)(DC)(DT)(DG)(DT)(DG)
;
T,E
4 'polydeoxyribonucleotide'
;(DA)(DC)(DA)(DG)(DT)(DC)(DC)(DC)(DT)(DG)(DT)(DT)(DC)(DG)(DG)(DG)(DC)(DG)(DC)(DC)
(DG)
;
P,F
#
# COMPACT_ATOMS: atom_id res chain seq x y z
N VAL A 2 -27.72 23.66 -9.94
CA VAL A 2 -27.94 23.41 -8.53
C VAL A 2 -28.20 24.72 -7.80
N PRO A 3 -29.49 25.03 -7.58
CA PRO A 3 -29.85 26.28 -6.91
C PRO A 3 -29.22 26.37 -5.52
N ILE A 4 -29.29 27.58 -4.95
CA ILE A 4 -28.68 27.81 -3.66
C ILE A 4 -29.28 26.85 -2.63
N SER A 5 -28.51 26.58 -1.57
CA SER A 5 -28.90 25.58 -0.58
C SER A 5 -30.14 26.03 0.18
N PRO A 6 -31.08 25.12 0.45
CA PRO A 6 -32.31 25.49 1.17
C PRO A 6 -32.09 25.56 2.67
N ILE A 7 -30.81 25.57 3.07
CA ILE A 7 -30.45 25.71 4.48
C ILE A 7 -30.77 27.12 4.98
N GLU A 8 -31.08 27.21 6.27
CA GLU A 8 -31.46 28.48 6.86
C GLU A 8 -30.24 29.39 6.94
N THR A 9 -30.43 30.67 6.64
CA THR A 9 -29.32 31.58 6.70
C THR A 9 -28.90 31.80 8.15
N VAL A 10 -27.62 32.11 8.34
CA VAL A 10 -27.15 32.39 9.69
C VAL A 10 -27.36 33.87 9.97
N PRO A 11 -28.05 34.23 11.06
CA PRO A 11 -28.22 35.65 11.39
C PRO A 11 -26.87 36.30 11.65
N VAL A 12 -26.59 37.38 10.94
CA VAL A 12 -25.34 38.10 11.07
C VAL A 12 -25.64 39.56 11.38
N LYS A 13 -24.90 40.13 12.32
CA LYS A 13 -25.05 41.52 12.72
C LYS A 13 -23.72 42.25 12.60
N LEU A 14 -23.81 43.57 12.60
CA LEU A 14 -22.65 44.43 12.73
C LEU A 14 -22.29 44.61 14.19
N LYS A 15 -21.05 45.04 14.43
CA LYS A 15 -20.64 45.34 15.79
C LYS A 15 -21.51 46.47 16.34
N PRO A 16 -21.78 46.47 17.64
CA PRO A 16 -22.76 47.44 18.18
C PRO A 16 -22.35 48.88 17.87
N GLY A 17 -23.31 49.64 17.36
CA GLY A 17 -23.09 51.03 17.03
C GLY A 17 -22.21 51.24 15.82
N MET A 18 -22.27 50.33 14.85
CA MET A 18 -21.47 50.41 13.64
C MET A 18 -22.36 50.40 12.39
N ASP A 19 -21.78 50.84 11.29
CA ASP A 19 -22.41 50.82 9.98
C ASP A 19 -21.53 49.99 9.05
N GLY A 20 -22.00 49.85 7.80
CA GLY A 20 -21.28 49.07 6.80
C GLY A 20 -20.10 49.81 6.23
N PRO A 21 -19.34 49.10 5.39
CA PRO A 21 -18.15 49.69 4.76
C PRO A 21 -18.49 50.58 3.57
N LYS A 22 -17.72 51.67 3.44
CA LYS A 22 -17.88 52.65 2.37
C LYS A 22 -16.52 52.93 1.71
N VAL A 23 -15.88 51.90 1.19
CA VAL A 23 -14.55 51.99 0.57
C VAL A 23 -14.65 52.09 -0.94
N LYS A 24 -13.93 53.05 -1.52
CA LYS A 24 -13.92 53.27 -2.97
C LYS A 24 -13.07 52.21 -3.67
N GLN A 25 -13.41 51.95 -4.93
CA GLN A 25 -12.76 50.89 -5.72
C GLN A 25 -11.44 51.36 -6.33
N TRP A 26 -10.36 50.62 -6.05
CA TRP A 26 -9.04 50.94 -6.61
C TRP A 26 -8.96 50.46 -8.06
N PRO A 27 -8.04 51.01 -8.85
CA PRO A 27 -7.97 50.61 -10.26
C PRO A 27 -7.53 49.17 -10.42
N LEU A 28 -8.03 48.54 -11.48
CA LEU A 28 -7.74 47.15 -11.83
C LEU A 28 -7.21 47.08 -13.25
N THR A 29 -6.46 46.03 -13.53
CA THR A 29 -5.95 45.82 -14.88
C THR A 29 -7.07 45.32 -15.80
N GLU A 30 -6.87 45.53 -17.11
CA GLU A 30 -7.88 45.21 -18.12
C GLU A 30 -8.11 43.71 -18.25
N GLU A 31 -7.09 42.89 -17.99
CA GLU A 31 -7.28 41.44 -18.04
C GLU A 31 -8.31 41.00 -17.00
N LYS A 32 -8.29 41.61 -15.81
CA LYS A 32 -9.22 41.27 -14.74
C LYS A 32 -10.59 41.97 -14.88
N ILE A 33 -10.66 43.15 -15.52
CA ILE A 33 -11.96 43.83 -15.66
C ILE A 33 -12.91 43.03 -16.54
N LYS A 34 -12.46 42.59 -17.72
CA LYS A 34 -13.34 41.79 -18.55
C LYS A 34 -13.69 40.47 -17.88
N ALA A 35 -12.76 39.91 -17.11
CA ALA A 35 -13.05 38.67 -16.39
C ALA A 35 -14.02 38.90 -15.24
N LEU A 36 -13.91 40.02 -14.53
CA LEU A 36 -14.85 40.24 -13.45
C LEU A 36 -16.24 40.54 -13.99
N VAL A 37 -16.32 41.33 -15.07
CA VAL A 37 -17.62 41.62 -15.65
C VAL A 37 -18.25 40.33 -16.16
N GLU A 38 -17.48 39.55 -16.91
CA GLU A 38 -17.99 38.28 -17.43
C GLU A 38 -18.38 37.35 -16.29
N ILE A 39 -17.55 37.32 -15.23
CA ILE A 39 -17.84 36.48 -14.07
C ILE A 39 -19.05 37.01 -13.31
N CYS A 40 -19.15 38.32 -13.16
CA CYS A 40 -20.21 38.86 -12.31
C CYS A 40 -21.57 38.69 -12.96
N THR A 41 -21.65 38.94 -14.27
CA THR A 41 -22.90 38.68 -14.97
C THR A 41 -23.18 37.18 -14.95
N GLU A 42 -22.12 36.35 -14.96
CA GLU A 42 -22.28 34.90 -14.87
C GLU A 42 -22.80 34.50 -13.49
N MET A 43 -22.20 35.02 -12.44
CA MET A 43 -22.62 34.62 -11.10
C MET A 43 -23.82 35.42 -10.63
N GLU A 44 -24.36 36.28 -11.51
CA GLU A 44 -25.70 36.83 -11.35
C GLU A 44 -26.73 35.90 -11.96
N LYS A 45 -26.39 35.35 -13.13
CA LYS A 45 -27.21 34.32 -13.75
C LYS A 45 -27.32 33.11 -12.83
N GLU A 46 -26.21 32.72 -12.20
CA GLU A 46 -26.23 31.60 -11.27
C GLU A 46 -26.97 31.93 -9.96
N GLY A 47 -27.37 33.19 -9.76
CA GLY A 47 -28.15 33.60 -8.61
C GLY A 47 -27.33 34.02 -7.40
N LYS A 48 -26.01 33.80 -7.41
CA LYS A 48 -25.18 34.15 -6.27
C LYS A 48 -25.13 35.65 -6.01
N ILE A 49 -25.46 36.47 -7.00
CA ILE A 49 -25.28 37.91 -6.98
C ILE A 49 -26.50 38.59 -7.58
N SER A 50 -26.87 39.74 -7.03
CA SER A 50 -27.99 40.54 -7.49
C SER A 50 -27.49 41.95 -7.75
N LYS A 51 -28.03 42.58 -8.79
CA LYS A 51 -27.72 43.98 -9.06
C LYS A 51 -28.40 44.87 -8.03
N ILE A 52 -27.76 46.01 -7.74
CA ILE A 52 -28.25 46.96 -6.75
C ILE A 52 -28.24 48.36 -7.34
N GLY A 53 -29.00 49.25 -6.71
CA GLY A 53 -29.12 50.61 -7.17
C GLY A 53 -28.52 51.61 -6.20
N PRO A 54 -28.81 52.89 -6.41
CA PRO A 54 -28.26 53.96 -5.54
C PRO A 54 -28.79 53.94 -4.12
N GLU A 55 -29.86 53.18 -3.83
CA GLU A 55 -30.38 53.06 -2.47
C GLU A 55 -29.37 52.44 -1.52
N ASN A 56 -28.43 51.66 -2.05
CA ASN A 56 -27.39 51.02 -1.26
C ASN A 56 -26.22 51.96 -1.06
N PRO A 57 -25.96 52.45 0.15
CA PRO A 57 -24.87 53.40 0.36
C PRO A 57 -23.52 52.79 0.76
N TYR A 58 -23.37 51.47 0.69
CA TYR A 58 -22.16 50.80 1.13
C TYR A 58 -21.35 50.34 -0.08
N ASN A 59 -20.08 50.05 0.15
CA ASN A 59 -19.23 49.57 -0.93
C ASN A 59 -17.98 48.92 -0.37
N THR A 60 -17.34 48.08 -1.19
CA THR A 60 -16.12 47.36 -0.85
C THR A 60 -15.34 47.08 -2.13
N PRO A 61 -14.03 47.33 -2.14
CA PRO A 61 -13.24 47.12 -3.35
C PRO A 61 -13.16 45.65 -3.75
N VAL A 62 -13.15 45.42 -5.07
CA VAL A 62 -13.17 44.07 -5.63
C VAL A 62 -12.03 43.90 -6.62
N PHE A 63 -11.47 42.69 -6.66
CA PHE A 63 -10.44 42.30 -7.62
C PHE A 63 -10.68 40.81 -7.91
N ALA A 64 -9.75 40.19 -8.64
CA ALA A 64 -9.95 38.79 -9.03
C ALA A 64 -8.59 38.16 -9.29
N CYS A 65 -8.25 37.16 -8.46
CA CYS A 65 -7.04 36.37 -8.57
C CYS A 65 -7.33 34.95 -9.06
N LYS A 66 -6.28 34.31 -9.59
CA LYS A 66 -6.37 32.95 -10.08
C LYS A 66 -6.63 31.97 -8.92
N LYS A 67 -7.54 31.02 -9.14
CA LYS A 67 -7.79 29.99 -8.15
C LYS A 67 -6.54 29.14 -7.91
N LYS A 68 -6.39 28.66 -6.67
CA LYS A 68 -5.23 27.89 -6.25
C LYS A 68 -5.05 26.62 -7.07
N ASP A 69 -3.99 26.56 -7.87
CA ASP A 69 -3.67 25.41 -8.71
C ASP A 69 -4.86 25.04 -9.59
N SER A 70 -5.36 26.03 -10.33
CA SER A 70 -6.54 25.84 -11.16
C SER A 70 -6.56 26.88 -12.27
N THR A 71 -7.25 26.55 -13.35
CA THR A 71 -7.43 27.47 -14.45
C THR A 71 -8.64 28.38 -14.24
N LYS A 72 -9.50 28.05 -13.29
CA LYS A 72 -10.66 28.87 -12.94
C LYS A 72 -10.21 30.10 -12.16
N TRP A 73 -10.99 31.17 -12.27
CA TRP A 73 -10.68 32.38 -11.51
C TRP A 73 -11.42 32.36 -10.19
N ARG A 74 -10.73 32.82 -9.14
CA ARG A 74 -11.32 32.95 -7.82
C ARG A 74 -11.63 34.43 -7.65
N LYS A 75 -12.88 34.76 -7.34
CA LYS A 75 -13.28 36.15 -7.18
C LYS A 75 -13.06 36.56 -5.74
N LEU A 76 -12.14 37.50 -5.52
CA LEU A 76 -11.78 37.90 -4.18
C LEU A 76 -12.08 39.39 -4.02
N VAL A 77 -12.47 39.74 -2.80
CA VAL A 77 -12.84 41.09 -2.42
C VAL A 77 -12.05 41.49 -1.17
N ASP A 78 -11.56 42.72 -1.16
CA ASP A 78 -10.80 43.22 -0.02
C ASP A 78 -11.82 43.70 0.99
N PHE A 79 -12.38 42.73 1.73
CA PHE A 79 -13.41 43.01 2.71
C PHE A 79 -12.80 43.39 4.04
N ARG A 80 -11.58 43.92 4.02
CA ARG A 80 -10.90 44.29 5.25
C ARG A 80 -11.71 45.29 6.05
N GLU A 81 -12.45 46.16 5.37
CA GLU A 81 -13.23 47.16 6.07
C GLU A 81 -14.51 46.56 6.64
N LEU A 82 -15.13 45.63 5.91
CA LEU A 82 -16.33 44.94 6.39
C LEU A 82 -16.03 43.98 7.53
N ASN A 83 -14.86 43.31 7.49
CA ASN A 83 -14.53 42.37 8.57
C ASN A 83 -14.37 43.08 9.90
N LYS A 84 -13.84 44.31 9.89
CA LYS A 84 -13.74 45.05 11.14
C LYS A 84 -15.11 45.37 11.71
N ARG A 85 -16.12 45.53 10.84
CA ARG A 85 -17.45 45.89 11.27
C ARG A 85 -18.38 44.70 11.49
N THR A 86 -18.01 43.49 11.07
CA THR A 86 -18.85 42.33 11.28
C THR A 86 -18.72 41.82 12.71
N GLN A 87 -19.82 41.30 13.25
CA GLN A 87 -19.78 40.72 14.59
C GLN A 87 -18.71 39.63 14.67
N ASP A 88 -18.24 39.39 15.90
CA ASP A 88 -17.30 38.31 16.14
C ASP A 88 -18.07 36.99 16.15
N PHE A 89 -17.38 35.92 15.77
CA PHE A 89 -17.93 34.58 15.80
C PHE A 89 -17.10 33.71 16.73
N TRP A 90 -17.70 32.62 17.18
CA TRP A 90 -16.97 31.58 17.90
C TRP A 90 -16.71 30.48 16.88
N GLU A 91 -15.44 30.36 16.49
CA GLU A 91 -15.07 29.39 15.47
C GLU A 91 -15.25 27.98 15.99
N VAL A 92 -15.96 27.15 15.22
CA VAL A 92 -16.21 25.77 15.63
C VAL A 92 -15.10 24.81 15.23
N GLN A 93 -14.23 25.22 14.31
CA GLN A 93 -13.09 24.40 13.90
C GLN A 93 -12.02 24.51 14.98
N LEU A 94 -11.90 23.47 15.80
CA LEU A 94 -11.00 23.48 16.94
C LEU A 94 -9.62 22.89 16.64
N GLY A 95 -9.40 22.33 15.46
CA GLY A 95 -8.10 21.76 15.14
C GLY A 95 -8.13 21.11 13.78
N ILE A 96 -7.04 20.44 13.46
CA ILE A 96 -6.84 19.79 12.16
C ILE A 96 -6.80 18.29 12.37
N PRO A 97 -7.60 17.51 11.64
CA PRO A 97 -7.52 16.04 11.76
C PRO A 97 -6.18 15.49 11.30
N HIS A 98 -5.68 14.49 12.04
CA HIS A 98 -4.41 13.87 11.69
C HIS A 98 -4.63 12.42 11.27
N PRO A 99 -3.97 11.96 10.20
CA PRO A 99 -4.17 10.58 9.76
C PRO A 99 -3.86 9.54 10.81
N ALA A 100 -2.89 9.81 11.69
CA ALA A 100 -2.55 8.84 12.74
C ALA A 100 -3.72 8.56 13.66
N GLY A 101 -4.76 9.40 13.65
CA GLY A 101 -5.96 9.12 14.42
C GLY A 101 -7.04 8.39 13.67
N LEU A 102 -6.81 8.11 12.39
CA LEU A 102 -7.75 7.37 11.56
C LEU A 102 -7.63 5.88 11.83
N LYS A 103 -8.78 5.22 11.95
CA LYS A 103 -8.82 3.79 12.11
C LYS A 103 -8.89 3.12 10.75
N LYS A 104 -8.69 1.81 10.74
CA LYS A 104 -8.73 1.08 9.47
C LYS A 104 -10.18 0.86 9.07
N LYS A 105 -10.46 1.09 7.80
CA LYS A 105 -11.79 0.96 7.23
C LYS A 105 -11.72 0.18 5.93
N LYS A 106 -12.81 -0.53 5.65
CA LYS A 106 -12.86 -1.36 4.45
C LYS A 106 -12.89 -0.50 3.20
N SER A 107 -13.74 0.53 3.20
CA SER A 107 -13.96 1.39 2.05
C SER A 107 -13.77 2.85 2.43
N VAL A 108 -13.06 3.59 1.59
CA VAL A 108 -12.71 4.98 1.84
C VAL A 108 -13.05 5.79 0.60
N THR A 109 -13.65 6.96 0.82
CA THR A 109 -13.96 7.87 -0.26
C THR A 109 -13.65 9.29 0.18
N VAL A 110 -13.04 10.08 -0.69
CA VAL A 110 -12.77 11.48 -0.41
C VAL A 110 -13.57 12.33 -1.38
N LEU A 111 -14.46 13.16 -0.84
CA LEU A 111 -15.30 14.05 -1.63
C LEU A 111 -14.84 15.49 -1.44
N ASP A 112 -15.38 16.37 -2.28
CA ASP A 112 -15.10 17.79 -2.15
C ASP A 112 -16.29 18.51 -2.78
N VAL A 113 -16.93 19.40 -2.01
CA VAL A 113 -18.08 20.15 -2.49
C VAL A 113 -17.62 21.28 -3.40
N GLY A 114 -18.26 21.38 -4.57
CA GLY A 114 -17.94 22.41 -5.54
C GLY A 114 -18.71 23.70 -5.31
N ASP A 115 -17.99 24.82 -5.37
CA ASP A 115 -18.54 26.14 -5.09
C ASP A 115 -19.24 26.12 -3.73
N ALA A 116 -18.44 25.79 -2.71
CA ALA A 116 -18.97 25.58 -1.36
C ALA A 116 -19.65 26.84 -0.85
N TYR A 117 -18.85 27.89 -0.67
CA TYR A 117 -19.41 29.13 -0.13
C TYR A 117 -20.54 29.64 -1.02
N PHE A 118 -20.40 29.45 -2.33
CA PHE A 118 -21.40 29.93 -3.28
C PHE A 118 -22.67 29.09 -3.29
N SER A 119 -22.74 28.04 -2.47
CA SER A 119 -23.95 27.24 -2.34
C SER A 119 -24.78 27.61 -1.12
N VAL A 120 -24.17 28.19 -0.10
CA VAL A 120 -24.85 28.55 1.15
C VAL A 120 -25.34 29.98 1.05
N PRO A 121 -26.62 30.25 1.27
CA PRO A 121 -27.10 31.63 1.19
C PRO A 121 -26.59 32.46 2.35
N LEU A 122 -26.65 33.78 2.17
CA LEU A 122 -26.24 34.73 3.20
C LEU A 122 -27.48 35.37 3.80
N ASP A 123 -27.40 35.75 5.07
CA ASP A 123 -28.55 36.35 5.74
C ASP A 123 -29.08 37.54 4.94
N GLU A 124 -30.39 37.55 4.72
CA GLU A 124 -30.98 38.54 3.83
C GLU A 124 -30.75 39.95 4.35
N ASP A 125 -30.88 40.16 5.66
CA ASP A 125 -30.72 41.50 6.22
C ASP A 125 -29.30 42.00 6.11
N PHE A 126 -28.33 41.08 6.06
CA PHE A 126 -26.91 41.43 6.02
C PHE A 126 -26.39 41.65 4.61
N ARG A 127 -27.18 41.34 3.59
CA ARG A 127 -26.66 41.39 2.23
C ARG A 127 -26.34 42.83 1.82
N LYS A 128 -27.03 43.81 2.38
CA LYS A 128 -26.80 45.20 1.98
C LYS A 128 -25.35 45.62 2.23
N TYR A 129 -24.73 45.09 3.28
CA TYR A 129 -23.38 45.51 3.62
C TYR A 129 -22.29 44.87 2.76
N THR A 130 -22.66 43.95 1.87
CA THR A 130 -21.68 43.33 0.99
C THR A 130 -21.69 43.98 -0.38
N ALA A 131 -22.15 45.24 -0.44
CA ALA A 131 -22.26 45.94 -1.71
C ALA A 131 -20.89 46.26 -2.25
N PHE A 132 -20.74 46.12 -3.57
CA PHE A 132 -19.50 46.46 -4.22
C PHE A 132 -19.80 47.01 -5.59
N THR A 133 -18.82 47.70 -6.17
CA THR A 133 -18.95 48.38 -7.44
C THR A 133 -17.87 47.91 -8.39
N ILE A 134 -18.27 47.62 -9.62
CA ILE A 134 -17.34 47.23 -10.68
C ILE A 134 -17.09 48.48 -11.53
N PRO A 135 -15.92 49.09 -11.46
CA PRO A 135 -15.64 50.26 -12.28
C PRO A 135 -15.44 49.80 -13.71
N SER A 136 -16.05 50.51 -14.63
CA SER A 136 -15.97 50.12 -16.02
C SER A 136 -14.65 50.59 -16.61
N ILE A 137 -14.42 50.18 -17.86
CA ILE A 137 -13.20 50.56 -18.56
C ILE A 137 -13.24 52.05 -18.83
N ASN A 138 -14.31 52.52 -19.42
CA ASN A 138 -14.47 53.94 -19.65
C ASN A 138 -14.74 54.60 -18.31
N ASN A 139 -13.91 55.58 -17.95
CA ASN A 139 -14.06 56.25 -16.65
C ASN A 139 -15.31 57.09 -16.60
N GLU A 140 -15.92 57.33 -17.76
CA GLU A 140 -17.18 58.06 -17.84
C GLU A 140 -18.33 57.20 -17.38
N THR A 141 -18.25 55.89 -17.61
CA THR A 141 -19.28 54.99 -17.12
C THR A 141 -19.21 54.86 -15.60
N PRO A 142 -20.37 54.78 -14.93
CA PRO A 142 -20.36 54.83 -13.45
C PRO A 142 -19.82 53.56 -12.82
N GLY A 143 -20.14 52.41 -13.40
CA GLY A 143 -19.79 51.11 -12.86
C GLY A 143 -21.00 50.42 -12.27
N ILE A 144 -20.98 49.09 -12.30
CA ILE A 144 -22.13 48.28 -11.95
C ILE A 144 -21.97 47.85 -10.49
N ARG A 145 -23.00 48.12 -9.69
CA ARG A 145 -23.01 47.70 -8.30
C ARG A 145 -23.80 46.42 -8.09
N TYR A 146 -23.25 45.52 -7.28
CA TYR A 146 -23.83 44.23 -6.96
C TYR A 146 -23.82 44.05 -5.45
N GLN A 147 -24.59 43.10 -4.97
CA GLN A 147 -24.51 42.66 -3.59
C GLN A 147 -24.44 41.13 -3.60
N TYR A 148 -24.01 40.57 -2.48
CA TYR A 148 -23.79 39.14 -2.40
C TYR A 148 -25.05 38.47 -1.84
N ASN A 149 -25.46 37.38 -2.48
CA ASN A 149 -26.55 36.53 -1.99
C ASN A 149 -26.06 35.26 -1.31
N VAL A 150 -24.78 34.92 -1.44
CA VAL A 150 -24.20 33.72 -0.84
C VAL A 150 -22.98 34.13 -0.04
N LEU A 151 -22.38 33.15 0.65
CA LEU A 151 -21.22 33.42 1.49
C LEU A 151 -20.08 33.95 0.63
N PRO A 152 -19.68 35.19 0.82
CA PRO A 152 -18.56 35.72 0.05
C PRO A 152 -17.22 35.24 0.55
N GLN A 153 -16.28 35.15 -0.40
CA GLN A 153 -14.92 34.75 -0.09
C GLN A 153 -14.08 35.94 0.36
N GLY A 154 -13.53 35.84 1.57
CA GLY A 154 -12.80 36.92 2.18
C GLY A 154 -13.50 37.54 3.35
N TRP A 155 -14.75 37.17 3.58
CA TRP A 155 -15.51 37.60 4.74
C TRP A 155 -15.19 36.71 5.93
N LYS A 156 -15.02 37.33 7.09
CA LYS A 156 -14.54 36.61 8.26
C LYS A 156 -15.56 35.59 8.76
N GLY A 157 -16.83 35.79 8.46
CA GLY A 157 -17.85 34.84 8.87
C GLY A 157 -18.07 33.66 7.95
N SER A 158 -17.55 33.70 6.73
CA SER A 158 -17.81 32.63 5.78
C SER A 158 -17.30 31.26 6.23
N PRO A 159 -16.07 31.10 6.71
CA PRO A 159 -15.63 29.75 7.10
C PRO A 159 -16.46 29.14 8.20
N ALA A 160 -16.78 29.92 9.24
CA ALA A 160 -17.56 29.37 10.35
C ALA A 160 -18.98 29.03 9.92
N ILE A 161 -19.61 29.90 9.13
CA ILE A 161 -21.00 29.65 8.75
C ILE A 161 -21.11 28.46 7.82
N PHE A 162 -20.17 28.32 6.88
CA PHE A 162 -20.21 27.15 6.02
C PHE A 162 -19.92 25.88 6.83
N GLN A 163 -18.95 25.95 7.75
CA GLN A 163 -18.68 24.79 8.60
C GLN A 163 -19.89 24.42 9.41
N SER A 164 -20.54 25.43 10.01
CA SER A 164 -21.76 25.16 10.77
C SER A 164 -22.86 24.65 9.85
N SER A 165 -22.95 25.20 8.63
CA SER A 165 -24.00 24.78 7.71
C SER A 165 -23.78 23.36 7.21
N MET A 166 -22.53 22.98 6.97
CA MET A 166 -22.26 21.62 6.48
C MET A 166 -22.62 20.58 7.52
N THR A 167 -22.42 20.90 8.80
CA THR A 167 -22.75 19.93 9.83
C THR A 167 -24.26 19.70 9.90
N LYS A 168 -25.05 20.77 9.76
CA LYS A 168 -26.49 20.63 9.75
C LYS A 168 -26.97 19.81 8.55
N ILE A 169 -26.27 19.91 7.43
CA ILE A 169 -26.67 19.14 6.23
C ILE A 169 -26.32 17.68 6.41
N LEU A 170 -25.19 17.38 7.05
CA LEU A 170 -24.79 15.99 7.23
C LEU A 170 -25.50 15.32 8.38
N GLU A 171 -26.12 16.07 9.29
CA GLU A 171 -26.72 15.46 10.48
C GLU A 171 -27.79 14.44 10.12
N PRO A 172 -28.74 14.73 9.22
CA PRO A 172 -29.74 13.71 8.86
C PRO A 172 -29.12 12.48 8.21
N PHE A 173 -28.16 12.66 7.31
CA PHE A 173 -27.51 11.52 6.68
C PHE A 173 -26.71 10.71 7.67
N LYS A 174 -26.05 11.39 8.62
CA LYS A 174 -25.27 10.66 9.62
C LYS A 174 -26.19 9.82 10.49
N LYS A 175 -27.38 10.34 10.79
CA LYS A 175 -28.33 9.55 11.57
C LYS A 175 -28.86 8.39 10.74
N GLN A 176 -29.10 8.61 9.45
CA GLN A 176 -29.57 7.51 8.60
C GLN A 176 -28.51 6.41 8.47
N ASN A 177 -27.24 6.71 8.77
CA ASN A 177 -26.15 5.75 8.65
C ASN A 177 -25.22 5.97 9.83
N PRO A 178 -25.56 5.40 11.00
CA PRO A 178 -24.74 5.67 12.20
C PRO A 178 -23.36 5.02 12.18
N ASP A 179 -23.14 4.01 11.35
CA ASP A 179 -21.89 3.26 11.31
C ASP A 179 -20.92 3.76 10.25
N ILE A 180 -21.27 4.81 9.52
CA ILE A 180 -20.40 5.38 8.49
C ILE A 180 -19.65 6.56 9.09
N VAL A 181 -18.33 6.50 9.02
CA VAL A 181 -17.48 7.56 9.57
C VAL A 181 -17.22 8.62 8.51
N ILE A 182 -17.51 9.88 8.85
CA ILE A 182 -17.35 11.01 7.94
C ILE A 182 -16.50 12.09 8.62
N TYR A 183 -15.22 12.18 8.24
CA TYR A 183 -14.35 13.25 8.72
C TYR A 183 -14.61 14.50 7.89
N GLN A 184 -15.13 15.54 8.53
CA GLN A 184 -15.60 16.76 7.89
C GLN A 184 -14.69 17.94 8.20
N TYR A 185 -14.04 18.48 7.18
CA TYR A 185 -13.21 19.67 7.33
C TYR A 185 -13.56 20.59 6.18
N MET A 186 -14.27 21.70 6.47
CA MET A 186 -14.71 22.62 5.41
C MET A 186 -15.54 21.87 4.39
N ASP A 187 -15.10 21.79 3.14
CA ASP A 187 -15.79 21.16 2.03
C ASP A 187 -15.21 19.80 1.66
N ASP A 188 -14.18 19.33 2.35
CA ASP A 188 -13.56 18.05 2.03
C ASP A 188 -14.14 16.98 2.96
N LEU A 189 -14.57 15.85 2.40
CA LEU A 189 -15.30 14.83 3.14
C LEU A 189 -14.59 13.48 3.04
N TYR A 190 -14.01 13.03 4.15
CA TYR A 190 -13.47 11.67 4.24
C TYR A 190 -14.58 10.73 4.70
N VAL A 191 -15.06 9.88 3.81
CA VAL A 191 -16.17 8.96 4.11
C VAL A 191 -15.59 7.56 4.24
N GLY A 192 -15.84 6.93 5.38
CA GLY A 192 -15.35 5.59 5.65
C GLY A 192 -16.40 4.68 6.24
N SER A 193 -16.50 3.46 5.73
CA SER A 193 -17.47 2.48 6.22
C SER A 193 -16.85 1.09 6.23
N ASP A 194 -17.51 0.17 6.92
CA ASP A 194 -17.09 -1.22 6.97
C ASP A 194 -17.91 -2.12 6.05
N LEU A 195 -18.74 -1.55 5.19
CA LEU A 195 -19.51 -2.32 4.23
C LEU A 195 -18.60 -2.84 3.11
N GLU A 196 -19.17 -3.71 2.29
CA GLU A 196 -18.42 -4.18 1.13
C GLU A 196 -18.26 -3.05 0.11
N ILE A 197 -17.28 -3.22 -0.78
CA ILE A 197 -16.95 -2.16 -1.73
C ILE A 197 -18.13 -1.86 -2.63
N GLY A 198 -18.97 -2.86 -2.92
CA GLY A 198 -20.13 -2.61 -3.75
C GLY A 198 -21.18 -1.79 -3.02
N GLN A 199 -21.57 -2.23 -1.83
CA GLN A 199 -22.55 -1.52 -1.03
C GLN A 199 -22.06 -0.16 -0.54
N HIS A 200 -20.74 0.04 -0.51
CA HIS A 200 -20.21 1.33 -0.07
C HIS A 200 -20.48 2.42 -1.10
N ARG A 201 -20.24 2.12 -2.38
CA ARG A 201 -20.53 3.09 -3.43
C ARG A 201 -22.03 3.41 -3.48
N THR A 202 -22.87 2.47 -3.08
CA THR A 202 -24.30 2.76 -2.97
C THR A 202 -24.56 3.83 -1.92
N LYS A 203 -23.88 3.77 -0.78
CA LYS A 203 -24.09 4.77 0.27
C LYS A 203 -23.46 6.09 -0.11
N ILE A 204 -22.34 6.07 -0.84
CA ILE A 204 -21.73 7.30 -1.31
C ILE A 204 -22.67 8.06 -2.23
N GLU A 205 -23.36 7.32 -3.12
CA GLU A 205 -24.32 7.95 -4.01
C GLU A 205 -25.52 8.46 -3.23
N GLU A 206 -25.91 7.75 -2.17
CA GLU A 206 -26.94 8.26 -1.28
C GLU A 206 -26.48 9.56 -0.63
N LEU A 207 -25.20 9.63 -0.28
CA LEU A 207 -24.64 10.84 0.30
C LEU A 207 -24.54 11.95 -0.74
N ARG A 208 -24.12 11.63 -1.96
CA ARG A 208 -24.03 12.66 -2.98
C ARG A 208 -25.42 13.19 -3.34
N GLN A 209 -26.40 12.30 -3.40
CA GLN A 209 -27.77 12.73 -3.66
C GLN A 209 -28.33 13.53 -2.50
N HIS A 210 -27.99 13.13 -1.26
CA HIS A 210 -28.41 13.89 -0.09
C HIS A 210 -27.84 15.29 -0.10
N LEU A 211 -26.56 15.42 -0.46
CA LEU A 211 -25.95 16.74 -0.54
C LEU A 211 -26.49 17.53 -1.71
N LEU A 212 -26.83 16.85 -2.81
CA LEU A 212 -27.36 17.57 -3.96
C LEU A 212 -28.71 18.18 -3.65
N ARG A 213 -29.54 17.50 -2.85
CA ARG A 213 -30.82 18.09 -2.47
C ARG A 213 -30.60 19.36 -1.66
N TRP A 214 -29.51 19.42 -0.91
CA TRP A 214 -29.17 20.60 -0.14
C TRP A 214 -28.26 21.56 -0.93
N GLY A 215 -28.25 21.48 -2.25
CA GLY A 215 -27.48 22.41 -3.04
C GLY A 215 -25.97 22.24 -2.99
N LEU A 216 -25.49 21.07 -2.61
CA LEU A 216 -24.06 20.78 -2.49
C LEU A 216 -23.68 19.73 -3.55
N THR A 217 -23.07 20.19 -4.64
CA THR A 217 -22.65 19.30 -5.71
C THR A 217 -21.33 18.63 -5.38
N THR A 218 -21.22 17.34 -5.71
CA THR A 218 -19.96 16.63 -5.60
C THR A 218 -19.37 16.31 -6.97
N PRO A 219 -18.59 17.23 -7.55
CA PRO A 219 -18.07 17.03 -8.90
C PRO A 219 -17.21 15.79 -9.02
N ASP A 220 -17.25 15.17 -10.20
CA ASP A 220 -16.42 14.00 -10.46
C ASP A 220 -14.94 14.35 -10.41
N LYS A 221 -14.59 15.58 -10.80
CA LYS A 221 -13.20 16.02 -10.73
C LYS A 221 -12.68 16.02 -9.30
N LYS A 222 -13.58 16.17 -8.31
CA LYS A 222 -13.18 16.17 -6.91
C LYS A 222 -13.60 14.89 -6.19
N HIS A 223 -14.05 13.88 -6.91
CA HIS A 223 -14.46 12.61 -6.31
C HIS A 223 -13.32 11.60 -6.45
N GLN A 224 -12.74 11.18 -5.34
CA GLN A 224 -11.67 10.18 -5.30
C GLN A 224 -12.29 8.86 -4.87
N LYS A 225 -12.10 7.79 -5.65
CA LYS A 225 -12.70 6.53 -5.25
C LYS A 225 -11.73 5.40 -4.93
N GLU A 226 -10.44 5.60 -5.16
CA GLU A 226 -9.42 4.57 -5.04
C GLU A 226 -8.26 5.08 -4.21
N PRO A 227 -7.74 4.28 -3.29
CA PRO A 227 -6.46 4.63 -2.72
C PRO A 227 -5.43 4.59 -3.84
N PRO A 228 -4.42 5.45 -3.79
CA PRO A 228 -4.12 6.45 -2.76
C PRO A 228 -5.00 7.68 -2.72
N PHE A 229 -5.22 8.18 -1.50
CA PHE A 229 -6.04 9.36 -1.23
C PHE A 229 -5.20 10.56 -0.83
N LEU A 230 -5.43 11.70 -1.48
CA LEU A 230 -4.79 12.96 -1.11
C LEU A 230 -5.75 13.70 -0.17
N TRP A 231 -5.45 13.69 1.13
CA TRP A 231 -6.39 14.20 2.12
C TRP A 231 -5.63 14.98 3.18
N MET A 232 -5.97 16.26 3.31
CA MET A 232 -5.35 17.12 4.33
C MET A 232 -3.84 17.18 4.16
N GLY A 233 -3.38 17.20 2.90
CA GLY A 233 -1.97 17.25 2.59
C GLY A 233 -1.23 15.95 2.82
N TYR A 234 -1.95 14.84 2.95
CA TYR A 234 -1.34 13.53 3.14
C TYR A 234 -1.68 12.63 1.96
N GLU A 235 -0.95 11.52 1.86
CA GLU A 235 -1.23 10.45 0.90
C GLU A 235 -1.70 9.24 1.70
N LEU A 236 -2.98 8.89 1.54
CA LEU A 236 -3.60 7.83 2.31
C LEU A 236 -3.64 6.53 1.52
N HIS A 237 -2.58 5.72 1.65
CA HIS A 237 -2.62 4.35 1.14
C HIS A 237 -3.47 3.47 2.06
N PRO A 238 -3.89 2.30 1.57
CA PRO A 238 -4.82 1.47 2.36
C PRO A 238 -4.32 1.08 3.74
N ASP A 239 -3.03 0.78 3.90
CA ASP A 239 -2.51 0.34 5.18
C ASP A 239 -1.40 1.22 5.71
N LYS A 240 -1.01 2.26 4.98
CA LYS A 240 0.01 3.20 5.41
C LYS A 240 -0.38 4.59 4.94
N TRP A 241 0.17 5.59 5.61
CA TRP A 241 -0.04 7.00 5.28
C TRP A 241 1.30 7.72 5.27
N THR A 242 1.39 8.73 4.41
CA THR A 242 2.60 9.54 4.33
C THR A 242 2.23 10.96 3.93
N VAL A 243 3.21 11.86 4.06
CA VAL A 243 3.02 13.27 3.78
C VAL A 243 3.27 13.55 2.31
N GLN A 244 2.49 14.47 1.75
CA GLN A 244 2.71 14.88 0.38
C GLN A 244 4.12 15.47 0.25
N PRO A 245 4.72 15.39 -0.92
CA PRO A 245 6.15 15.67 -1.06
C PRO A 245 6.56 17.02 -0.46
N ILE A 246 7.56 17.00 0.42
CA ILE A 246 8.12 18.23 0.98
C ILE A 246 9.24 18.72 0.06
N VAL A 247 9.23 20.00 -0.27
CA VAL A 247 10.24 20.59 -1.14
C VAL A 247 11.01 21.61 -0.32
N LEU A 248 12.25 21.26 0.06
CA LEU A 248 13.15 22.19 0.73
C LEU A 248 13.91 23.03 -0.30
N PRO A 249 13.89 24.35 -0.18
CA PRO A 249 14.60 25.18 -1.16
C PRO A 249 16.11 25.04 -1.03
N GLU A 250 16.80 25.16 -2.16
CA GLU A 250 18.25 25.11 -2.24
C GLU A 250 18.78 26.47 -2.70
N LYS A 251 19.53 27.12 -1.82
CA LYS A 251 20.09 28.43 -2.12
C LYS A 251 21.50 28.54 -1.57
N ASP A 252 22.31 29.38 -2.23
CA ASP A 252 23.69 29.62 -1.78
C ASP A 252 23.72 30.64 -0.65
N SER A 253 22.86 31.64 -0.74
CA SER A 253 22.69 32.66 0.29
C SER A 253 21.22 32.66 0.70
N TRP A 254 20.97 32.88 1.98
CA TRP A 254 19.63 32.80 2.54
C TRP A 254 19.26 34.14 3.18
N THR A 255 17.96 34.40 3.26
CA THR A 255 17.46 35.58 3.95
C THR A 255 16.60 35.17 5.13
N VAL A 256 16.21 36.17 5.92
CA VAL A 256 15.39 35.89 7.11
C VAL A 256 14.12 35.15 6.71
N ASN A 257 13.39 35.71 5.75
CA ASN A 257 12.20 35.07 5.22
C ASN A 257 12.46 33.63 4.82
N ASP A 258 13.57 33.40 4.11
CA ASP A 258 13.89 32.06 3.62
C ASP A 258 14.12 31.10 4.78
N ILE A 259 14.85 31.55 5.80
CA ILE A 259 15.02 30.73 7.00
C ILE A 259 13.67 30.44 7.63
N GLN A 260 12.80 31.45 7.71
CA GLN A 260 11.48 31.27 8.29
C GLN A 260 10.67 30.20 7.56
N LYS A 261 10.80 30.13 6.23
CA LYS A 261 10.12 29.07 5.49
C LYS A 261 10.77 27.71 5.76
N LEU A 262 12.10 27.66 5.83
CA LEU A 262 12.78 26.38 6.05
C LEU A 262 12.44 25.79 7.41
N VAL A 263 12.42 26.62 8.46
CA VAL A 263 12.03 26.13 9.79
C VAL A 263 10.61 25.59 9.76
N GLY A 264 9.71 26.29 9.09
CA GLY A 264 8.31 25.88 9.10
C GLY A 264 8.12 24.54 8.43
N LYS A 265 8.72 24.37 7.25
CA LYS A 265 8.60 23.12 6.53
C LYS A 265 9.25 21.98 7.29
N LEU A 266 10.34 22.28 8.02
CA LEU A 266 10.96 21.23 8.84
C LEU A 266 10.05 20.85 10.01
N ASN A 267 9.33 21.82 10.59
CA ASN A 267 8.33 21.48 11.59
C ASN A 267 7.22 20.63 11.00
N TRP A 268 6.72 21.02 9.82
CA TRP A 268 5.66 20.24 9.21
C TRP A 268 6.14 18.84 8.88
N ALA A 269 7.44 18.66 8.64
CA ALA A 269 7.98 17.35 8.34
C ALA A 269 8.25 16.54 9.59
N SER A 270 8.41 17.19 10.74
CA SER A 270 8.80 16.50 11.96
C SER A 270 7.68 15.62 12.51
N GLN A 271 6.48 15.69 11.94
CA GLN A 271 5.37 14.87 12.42
C GLN A 271 5.55 13.41 12.08
N ILE A 272 6.31 13.11 11.01
CA ILE A 272 6.59 11.73 10.63
C ILE A 272 8.07 11.46 10.42
N TYR A 273 8.88 12.45 10.12
CA TYR A 273 10.32 12.23 9.97
C TYR A 273 10.99 12.30 11.33
N PRO A 274 11.58 11.22 11.83
CA PRO A 274 12.16 11.23 13.18
C PRO A 274 13.58 11.79 13.17
N GLY A 275 13.81 12.81 13.99
CA GLY A 275 15.13 13.38 14.19
C GLY A 275 15.30 14.78 13.67
N ILE A 276 14.22 15.43 13.26
CA ILE A 276 14.31 16.79 12.73
C ILE A 276 14.75 17.73 13.83
N LYS A 277 15.71 18.60 13.52
CA LYS A 277 16.23 19.58 14.47
C LYS A 277 16.09 20.97 13.85
N VAL A 278 15.63 21.94 14.64
CA VAL A 278 15.46 23.28 14.09
C VAL A 278 16.00 24.34 15.04
N ARG A 279 16.63 23.91 16.14
CA ARG A 279 17.11 24.86 17.14
C ARG A 279 18.14 25.82 16.56
N GLN A 280 19.17 25.27 15.89
CA GLN A 280 20.22 26.09 15.32
C GLN A 280 19.75 26.91 14.13
N LEU A 281 18.77 26.40 13.38
CA LEU A 281 18.20 27.17 12.27
C LEU A 281 17.31 28.30 12.75
N SER A 282 16.59 28.09 13.86
CA SER A 282 15.77 29.16 14.41
C SER A 282 16.62 30.20 15.13
N LYS A 283 17.82 29.83 15.57
CA LYS A 283 18.69 30.82 16.20
C LYS A 283 19.06 31.92 15.23
N LEU A 284 19.09 31.61 13.93
CA LEU A 284 19.42 32.62 12.93
C LEU A 284 18.31 33.67 12.80
N LEU A 285 17.12 33.41 13.31
CA LEU A 285 16.01 34.35 13.26
C LEU A 285 15.98 35.30 14.45
N ARG A 286 16.99 35.27 15.32
CA ARG A 286 17.03 36.09 16.52
C ARG A 286 17.56 37.49 16.20
N GLY A 287 16.81 38.51 16.60
CA GLY A 287 17.27 39.89 16.47
C GLY A 287 16.95 40.56 15.15
N THR A 288 17.16 39.85 14.04
CA THR A 288 16.98 40.40 12.72
C THR A 288 15.49 40.42 12.38
N LYS A 289 14.93 41.62 12.21
CA LYS A 289 13.55 41.72 11.76
C LYS A 289 13.46 42.05 10.28
N ALA A 290 14.60 42.26 9.62
CA ALA A 290 14.63 42.46 8.17
C ALA A 290 14.35 41.14 7.44
N LEU A 291 13.22 41.08 6.73
CA LEU A 291 12.80 39.80 6.16
C LEU A 291 13.68 39.45 4.97
N THR A 292 14.15 40.46 4.24
CA THR A 292 14.99 40.27 3.07
C THR A 292 16.48 40.43 3.38
N GLU A 293 16.84 40.42 4.66
CA GLU A 293 18.26 40.45 5.04
C GLU A 293 18.89 39.10 4.74
N VAL A 294 20.11 39.13 4.22
CA VAL A 294 20.82 37.89 3.93
C VAL A 294 21.60 37.47 5.17
N ILE A 295 21.52 36.19 5.51
CA ILE A 295 22.15 35.62 6.70
C ILE A 295 23.15 34.54 6.29
N PRO A 296 24.41 34.64 6.70
CA PRO A 296 25.36 33.54 6.46
C PRO A 296 25.07 32.38 7.40
N LEU A 297 25.05 31.16 6.85
CA LEU A 297 24.78 30.00 7.67
C LEU A 297 25.95 29.74 8.60
N THR A 298 25.66 29.61 9.89
CA THR A 298 26.68 29.29 10.89
C THR A 298 27.14 27.84 10.75
N GLU A 299 28.22 27.51 11.45
CA GLU A 299 28.73 26.14 11.41
C GLU A 299 27.74 25.15 12.03
N GLU A 300 27.03 25.58 13.09
CA GLU A 300 26.04 24.74 13.74
C GLU A 300 24.74 24.66 12.93
N ALA A 301 24.38 25.75 12.26
CA ALA A 301 23.16 25.80 11.47
C ALA A 301 23.26 24.90 10.23
N GLU A 302 24.38 24.99 9.51
CA GLU A 302 24.59 24.15 8.34
C GLU A 302 24.60 22.67 8.70
N LEU A 303 25.26 22.30 9.80
CA LEU A 303 25.20 20.91 10.25
C LEU A 303 23.76 20.46 10.50
N GLU A 304 22.93 21.34 11.06
CA GLU A 304 21.54 20.99 11.31
C GLU A 304 20.78 20.77 10.00
N LEU A 305 20.99 21.64 9.01
CA LEU A 305 20.35 21.47 7.72
C LEU A 305 20.77 20.17 7.04
N ALA A 306 22.07 19.85 7.11
CA ALA A 306 22.56 18.59 6.55
C ALA A 306 21.91 17.37 7.20
N GLU A 307 21.74 17.42 8.53
CA GLU A 307 21.11 16.31 9.24
C GLU A 307 19.67 16.10 8.80
N ASN A 308 18.93 17.19 8.61
CA ASN A 308 17.53 17.11 8.21
C ASN A 308 17.39 16.54 6.80
N ARG A 309 18.19 17.06 5.85
CA ARG A 309 18.15 16.52 4.50
C ARG A 309 18.56 15.05 4.48
N GLU A 310 19.44 14.65 5.39
CA GLU A 310 19.90 13.26 5.43
C GLU A 310 18.74 12.32 5.76
N ILE A 311 17.91 12.68 6.73
CA ILE A 311 16.77 11.84 7.11
C ILE A 311 15.55 12.12 6.25
N LEU A 312 15.62 13.07 5.32
CA LEU A 312 14.51 13.39 4.43
C LEU A 312 14.65 12.70 3.09
N LYS A 313 15.83 12.18 2.77
CA LYS A 313 16.05 11.46 1.52
C LYS A 313 15.43 10.08 1.56
N GLU A 314 15.20 9.53 2.74
CA GLU A 314 14.58 8.24 2.93
C GLU A 314 13.09 8.42 3.17
N PRO A 315 12.23 7.65 2.50
CA PRO A 315 10.79 7.83 2.71
C PRO A 315 10.33 7.24 4.02
N VAL A 316 9.44 7.98 4.69
CA VAL A 316 8.85 7.55 5.95
C VAL A 316 7.34 7.47 5.77
N HIS A 317 6.73 6.49 6.44
CA HIS A 317 5.30 6.30 6.42
C HIS A 317 4.79 6.20 7.85
N GLY A 318 3.50 6.47 8.03
CA GLY A 318 2.84 6.34 9.31
C GLY A 318 1.83 5.20 9.26
N VAL A 319 1.37 4.81 10.43
CA VAL A 319 0.40 3.73 10.58
C VAL A 319 -0.91 4.31 11.09
N TYR A 320 -1.99 3.57 10.91
CA TYR A 320 -3.28 4.01 11.41
C TYR A 320 -3.46 3.54 12.85
N TYR A 321 -4.56 3.95 13.47
CA TYR A 321 -4.78 3.76 14.88
C TYR A 321 -5.62 2.50 15.11
N ASP A 322 -5.25 1.73 16.12
CA ASP A 322 -6.00 0.54 16.49
C ASP A 322 -6.58 0.75 17.89
N PRO A 323 -7.90 0.92 18.02
CA PRO A 323 -8.48 1.19 19.35
C PRO A 323 -8.30 0.06 20.34
N SER A 324 -7.95 -1.14 19.89
CA SER A 324 -7.81 -2.26 20.81
C SER A 324 -6.44 -2.31 21.47
N LYS A 325 -5.42 -1.73 20.84
CA LYS A 325 -4.06 -1.82 21.33
C LYS A 325 -3.63 -0.54 22.06
N ASP A 326 -2.68 -0.69 22.98
CA ASP A 326 -2.24 0.43 23.79
C ASP A 326 -1.46 1.43 22.95
N LEU A 327 -1.51 2.69 23.35
CA LEU A 327 -0.79 3.77 22.70
C LEU A 327 0.52 4.02 23.45
N ILE A 328 1.63 4.01 22.74
CA ILE A 328 2.95 4.10 23.34
C ILE A 328 3.73 5.23 22.69
N ALA A 329 4.38 6.03 23.52
CA ALA A 329 5.23 7.12 23.07
C ALA A 329 6.59 7.01 23.76
N GLU A 330 7.65 7.20 22.99
CA GLU A 330 9.02 7.11 23.48
C GLU A 330 9.77 8.37 23.12
N ILE A 331 10.52 8.90 24.08
CA ILE A 331 11.22 10.16 23.93
C ILE A 331 12.72 9.92 24.03
N GLN A 332 13.48 10.69 23.25
CA GLN A 332 14.94 10.67 23.30
C GLN A 332 15.46 12.09 23.35
N LYS A 333 16.56 12.27 24.08
CA LYS A 333 17.24 13.56 24.16
C LYS A 333 18.31 13.63 23.08
N GLN A 334 18.08 14.45 22.05
CA GLN A 334 19.02 14.53 20.93
C GLN A 334 20.09 15.57 21.23
N GLY A 335 19.71 16.84 21.26
CA GLY A 335 20.62 17.91 21.57
C GLY A 335 20.30 18.57 22.91
N GLN A 336 21.03 19.65 23.19
CA GLN A 336 20.78 20.41 24.40
C GLN A 336 19.51 21.24 24.22
N GLY A 337 18.49 20.95 25.02
CA GLY A 337 17.20 21.58 24.89
C GLY A 337 16.34 21.04 23.78
N GLN A 338 16.77 20.00 23.08
CA GLN A 338 16.04 19.46 21.95
C GLN A 338 15.63 18.02 22.26
N TRP A 339 14.42 17.67 21.87
CA TRP A 339 13.90 16.32 22.09
C TRP A 339 13.12 15.86 20.87
N THR A 340 13.15 14.55 20.63
CA THR A 340 12.32 13.95 19.60
C THR A 340 11.58 12.78 20.22
N TYR A 341 10.38 12.53 19.72
CA TYR A 341 9.56 11.44 20.23
C TYR A 341 8.85 10.75 19.08
N GLN A 342 8.48 9.51 19.31
CA GLN A 342 7.70 8.72 18.36
C GLN A 342 6.58 8.02 19.11
N ILE A 343 5.37 8.10 18.56
CA ILE A 343 4.19 7.45 19.12
C ILE A 343 3.84 6.28 18.21
N TYR A 344 3.76 5.09 18.78
CA TYR A 344 3.48 3.90 18.02
C TYR A 344 2.68 2.93 18.87
N GLN A 345 2.22 1.86 18.22
CA GLN A 345 1.59 0.71 18.86
C GLN A 345 2.42 -0.56 18.70
N GLU A 346 2.87 -0.87 17.49
CA GLU A 346 3.83 -1.93 17.20
C GLU A 346 5.21 -1.31 17.00
N PRO A 347 6.25 -1.92 17.56
CA PRO A 347 7.58 -1.30 17.49
C PRO A 347 7.99 -1.04 16.05
N PHE A 348 8.65 0.10 15.83
CA PHE A 348 9.14 0.47 14.50
C PHE A 348 8.00 0.69 13.51
N LYS A 349 6.77 0.84 13.99
CA LYS A 349 5.63 1.14 13.14
C LYS A 349 4.94 2.37 13.73
N ASN A 350 5.60 3.52 13.54
CA ASN A 350 5.17 4.76 14.17
C ASN A 350 3.85 5.25 13.60
N LEU A 351 2.92 5.62 14.49
CA LEU A 351 1.75 6.37 14.05
C LEU A 351 2.16 7.76 13.59
N LYS A 352 2.91 8.46 14.43
CA LYS A 352 3.43 9.79 14.12
C LYS A 352 4.65 10.05 14.99
N THR A 353 5.42 11.06 14.59
CA THR A 353 6.58 11.51 15.35
C THR A 353 6.41 12.99 15.67
N GLY A 354 7.37 13.54 16.40
CA GLY A 354 7.30 14.94 16.76
C GLY A 354 8.54 15.37 17.49
N LYS A 355 8.51 16.61 17.98
CA LYS A 355 9.65 17.17 18.67
C LYS A 355 9.21 18.27 19.62
N TYR A 356 9.97 18.41 20.70
CA TYR A 356 9.78 19.45 21.70
C TYR A 356 11.14 20.09 21.91
N ALA A 357 11.22 21.41 21.71
CA ALA A 357 12.49 22.11 21.81
C ALA A 357 12.27 23.51 22.36
N ARG A 358 11.43 23.59 23.40
CA ARG A 358 11.12 24.83 24.08
C ARG A 358 11.95 25.00 25.36
N MET A 359 12.54 26.19 25.51
CA MET A 359 13.28 26.55 26.71
C MET A 359 12.30 27.27 27.61
N ARG A 360 11.82 26.58 28.65
CA ARG A 360 10.88 27.16 29.60
C ARG A 360 11.67 27.71 30.79
N GLY A 361 11.73 29.03 30.89
CA GLY A 361 12.40 29.66 32.01
C GLY A 361 13.82 30.09 31.69
N ALA A 362 14.36 30.95 32.55
CA ALA A 362 15.75 31.38 32.40
C ALA A 362 16.71 30.31 32.88
N HIS A 363 16.31 29.48 33.84
CA HIS A 363 17.15 28.41 34.34
C HIS A 363 16.33 27.13 34.42
N THR A 364 16.90 26.03 33.92
CA THR A 364 16.18 24.77 33.88
C THR A 364 17.17 23.62 33.83
N ASN A 365 16.64 22.40 33.94
CA ASN A 365 17.44 21.18 33.84
C ASN A 365 16.75 20.23 32.85
N ASP A 366 17.39 19.10 32.60
CA ASP A 366 16.84 18.13 31.67
C ASP A 366 15.58 17.46 32.21
N VAL A 367 15.50 17.25 33.52
CA VAL A 367 14.31 16.61 34.08
C VAL A 367 13.09 17.50 33.90
N LYS A 368 13.26 18.80 34.08
CA LYS A 368 12.15 19.72 33.84
C LYS A 368 11.72 19.66 32.38
N GLN A 369 12.68 19.78 31.46
CA GLN A 369 12.33 19.76 30.04
C GLN A 369 11.71 18.43 29.64
N LEU A 370 12.20 17.34 30.21
CA LEU A 370 11.59 16.03 29.91
C LEU A 370 10.14 15.99 30.38
N THR A 371 9.87 16.51 31.58
CA THR A 371 8.49 16.56 32.05
C THR A 371 7.64 17.53 31.24
N GLU A 372 8.24 18.62 30.74
CA GLU A 372 7.49 19.53 29.89
C GLU A 372 7.15 18.87 28.56
N ALA A 373 8.06 18.07 28.01
CA ALA A 373 7.81 17.36 26.77
C ALA A 373 6.80 16.24 26.95
N VAL A 374 6.81 15.59 28.11
CA VAL A 374 5.82 14.55 28.38
C VAL A 374 4.42 15.14 28.37
N GLN A 375 4.27 16.35 28.90
CA GLN A 375 2.96 17.00 28.92
C GLN A 375 2.51 17.41 27.51
N LYS A 376 3.43 17.91 26.69
CA LYS A 376 3.06 18.27 25.34
C LYS A 376 2.56 17.06 24.58
N ILE A 377 3.22 15.91 24.75
CA ILE A 377 2.75 14.69 24.10
C ILE A 377 1.39 14.27 24.65
N THR A 378 1.21 14.37 25.96
CA THR A 378 -0.06 14.01 26.57
C THR A 378 -1.22 14.80 25.95
N THR A 379 -1.07 16.12 25.88
CA THR A 379 -2.13 16.93 25.28
C THR A 379 -2.35 16.55 23.82
N GLU A 380 -1.26 16.43 23.07
CA GLU A 380 -1.37 16.06 21.67
C GLU A 380 -2.05 14.72 21.49
N SER A 381 -1.76 13.76 22.40
CA SER A 381 -2.38 12.44 22.31
C SER A 381 -3.88 12.50 22.61
N ILE A 382 -4.31 13.39 23.50
CA ILE A 382 -5.73 13.49 23.80
C ILE A 382 -6.50 14.01 22.59
N VAL A 383 -5.88 14.90 21.82
CA VAL A 383 -6.55 15.46 20.65
C VAL A 383 -6.70 14.41 19.57
N ILE A 384 -5.64 13.65 19.30
CA ILE A 384 -5.64 12.72 18.18
C ILE A 384 -6.40 11.44 18.53
N TRP A 385 -6.09 10.85 19.68
CA TRP A 385 -6.63 9.54 20.02
C TRP A 385 -7.57 9.53 21.22
N GLY A 386 -7.70 10.66 21.94
CA GLY A 386 -8.62 10.71 23.05
C GLY A 386 -8.21 9.92 24.27
N LYS A 387 -6.93 9.60 24.41
CA LYS A 387 -6.46 8.87 25.58
C LYS A 387 -4.99 9.19 25.82
N THR A 388 -4.53 8.90 27.05
CA THR A 388 -3.15 9.18 27.44
C THR A 388 -2.28 7.98 27.10
N PRO A 389 -1.13 8.17 26.48
CA PRO A 389 -0.28 7.04 26.10
C PRO A 389 0.61 6.56 27.23
N LYS A 390 1.03 5.31 27.10
CA LYS A 390 2.07 4.77 27.96
C LYS A 390 3.41 5.27 27.46
N PHE A 391 4.32 5.54 28.41
CA PHE A 391 5.56 6.25 28.10
C PHE A 391 6.78 5.36 28.26
N LYS A 392 7.78 5.65 27.43
CA LYS A 392 9.08 4.99 27.46
C LYS A 392 10.11 6.10 27.49
N LEU A 393 10.67 6.37 28.67
CA LEU A 393 11.46 7.58 28.85
C LEU A 393 12.93 7.23 29.11
N PRO A 394 13.86 8.08 28.62
CA PRO A 394 15.30 7.84 28.85
C PRO A 394 15.78 8.44 30.18
N ILE A 395 15.13 8.06 31.26
CA ILE A 395 15.44 8.56 32.59
C ILE A 395 15.28 7.40 33.56
N GLN A 396 16.20 7.29 34.50
CA GLN A 396 16.15 6.19 35.45
C GLN A 396 14.95 6.33 36.38
N LYS A 397 14.41 5.19 36.81
CA LYS A 397 13.31 5.21 37.77
C LYS A 397 13.74 5.87 39.07
N GLU A 398 14.98 5.60 39.51
CA GLU A 398 15.52 6.19 40.74
C GLU A 398 15.91 7.65 40.54
N THR A 399 16.26 8.03 39.31
CA THR A 399 16.58 9.43 39.03
C THR A 399 15.35 10.30 39.27
N TRP A 400 14.21 9.87 38.74
CA TRP A 400 12.96 10.61 38.93
C TRP A 400 12.46 10.56 40.37
N GLU A 401 12.68 9.45 41.08
CA GLU A 401 12.18 9.38 42.45
C GLU A 401 12.85 10.40 43.35
N THR A 402 14.16 10.59 43.22
CA THR A 402 14.83 11.59 44.06
C THR A 402 14.48 13.01 43.63
N TRP A 403 14.04 13.20 42.38
CA TRP A 403 13.71 14.55 41.93
C TRP A 403 12.31 14.98 42.40
N TRP A 404 11.28 14.18 42.12
CA TRP A 404 9.93 14.61 42.47
C TRP A 404 9.67 14.60 43.97
N THR A 405 10.43 13.82 44.72
CA THR A 405 10.28 13.82 46.17
C THR A 405 11.03 14.97 46.82
N GLU A 406 12.06 15.48 46.15
CA GLU A 406 12.88 16.54 46.72
C GLU A 406 12.52 17.91 46.16
N TYR A 407 11.67 17.96 45.13
CA TYR A 407 11.27 19.21 44.49
C TYR A 407 10.05 19.79 45.20
N TRP A 408 10.05 21.12 45.34
CA TRP A 408 9.01 21.81 46.09
C TRP A 408 7.70 21.97 45.33
N GLN A 409 7.71 21.88 44.02
CA GLN A 409 6.47 21.97 43.27
C GLN A 409 5.90 20.61 43.05
N ALA A 410 4.63 20.55 42.75
CA ALA A 410 3.99 19.27 42.48
C ALA A 410 4.26 18.92 41.02
N THR A 411 4.99 17.83 40.80
CA THR A 411 5.30 17.36 39.46
C THR A 411 4.96 15.88 39.37
N TRP A 412 4.40 15.47 38.23
CA TRP A 412 4.00 14.07 38.08
C TRP A 412 4.14 13.68 36.61
N ILE A 413 4.48 12.41 36.39
CA ILE A 413 4.53 11.85 35.04
C ILE A 413 3.63 10.62 35.02
N PRO A 414 2.77 10.47 34.02
CA PRO A 414 1.88 9.30 33.98
C PRO A 414 2.63 7.99 33.84
N GLU A 415 1.88 6.89 33.71
CA GLU A 415 2.49 5.57 33.65
C GLU A 415 3.59 5.53 32.60
N TRP A 416 4.79 5.20 33.05
CA TRP A 416 5.96 5.19 32.19
C TRP A 416 6.89 4.07 32.62
N GLU A 417 7.69 3.61 31.66
CA GLU A 417 8.71 2.60 31.89
C GLU A 417 10.05 3.14 31.44
N PHE A 418 11.13 2.62 32.01
CA PHE A 418 12.45 3.13 31.67
C PHE A 418 12.99 2.40 30.45
N VAL A 419 13.58 3.15 29.53
CA VAL A 419 14.31 2.57 28.41
C VAL A 419 15.74 3.06 28.47
N ASN A 420 16.68 2.15 28.24
CA ASN A 420 18.11 2.44 28.33
C ASN A 420 18.65 2.85 26.97
N THR A 421 18.18 4.00 26.51
CA THR A 421 18.62 4.58 25.24
C THR A 421 19.37 5.87 25.56
N PRO A 422 20.70 5.81 25.68
CA PRO A 422 21.47 7.01 25.97
C PRO A 422 21.32 8.02 24.85
N PRO A 423 21.51 9.32 25.15
CA PRO A 423 21.91 9.87 26.46
C PRO A 423 20.78 9.89 27.46
N LEU A 424 21.07 9.46 28.69
CA LEU A 424 20.07 9.41 29.73
C LEU A 424 19.93 10.78 30.41
N VAL A 425 18.81 10.96 31.09
CA VAL A 425 18.55 12.19 31.84
C VAL A 425 18.96 11.99 33.29
N LYS A 426 19.85 12.87 33.78
CA LYS A 426 20.45 12.71 35.10
C LYS A 426 20.52 14.06 35.80
N LEU A 427 20.68 14.01 37.12
CA LEU A 427 20.97 15.18 37.95
C LEU A 427 22.48 15.27 38.11
N TRP A 428 23.08 16.32 37.54
CA TRP A 428 24.53 16.43 37.45
C TRP A 428 25.19 16.74 38.79
N TYR A 429 24.47 17.33 39.73
CA TYR A 429 25.02 17.57 41.06
C TYR A 429 23.89 17.52 42.06
N GLN A 430 24.24 17.43 43.33
CA GLN A 430 23.24 17.29 44.38
C GLN A 430 23.71 18.04 45.61
N LEU A 431 22.88 18.97 46.08
CA LEU A 431 23.22 19.75 47.26
C LEU A 431 23.01 18.93 48.52
N GLU A 432 23.97 19.02 49.45
CA GLU A 432 23.88 18.29 50.70
C GLU A 432 22.75 18.84 51.57
N LYS A 433 22.12 17.95 52.33
CA LYS A 433 21.03 18.36 53.23
C LYS A 433 21.53 18.83 54.58
N GLU A 434 22.78 18.52 54.93
CA GLU A 434 23.36 18.91 56.20
C GLU A 434 24.74 19.50 55.95
N PRO A 435 25.15 20.48 56.77
CA PRO A 435 26.46 21.10 56.57
C PRO A 435 27.60 20.11 56.68
N ILE A 436 28.61 20.31 55.84
CA ILE A 436 29.72 19.37 55.74
C ILE A 436 30.71 19.66 56.86
N VAL A 437 31.10 18.62 57.58
CA VAL A 437 32.11 18.75 58.63
C VAL A 437 33.49 18.80 57.98
N GLY A 438 34.32 19.73 58.42
CA GLY A 438 35.64 19.84 57.82
C GLY A 438 35.61 20.46 56.45
N ALA A 439 34.61 21.29 56.16
CA ALA A 439 34.51 22.00 54.90
C ALA A 439 34.56 23.50 55.19
N GLU A 440 35.37 24.22 54.43
CA GLU A 440 35.53 25.65 54.66
C GLU A 440 34.20 26.37 54.48
N THR A 441 33.81 27.15 55.48
CA THR A 441 32.52 27.84 55.45
C THR A 441 32.69 29.22 54.82
N PHE A 442 31.94 29.49 53.76
CA PHE A 442 32.01 30.75 53.03
C PHE A 442 30.77 31.57 53.30
N TYR A 443 30.95 32.77 53.82
CA TYR A 443 29.85 33.71 53.99
C TYR A 443 29.96 34.70 52.85
N VAL A 444 29.08 34.58 51.88
CA VAL A 444 29.18 35.36 50.64
C VAL A 444 28.10 36.43 50.66
N ASP A 445 28.37 37.51 49.95
CA ASP A 445 27.35 38.50 49.67
C ASP A 445 27.85 39.38 48.54
N GLY A 446 26.95 40.21 48.04
CA GLY A 446 27.31 41.15 46.99
C GLY A 446 26.34 42.30 47.00
N ALA A 447 26.75 43.41 46.42
CA ALA A 447 25.90 44.59 46.38
C ALA A 447 26.16 45.34 45.08
N ALA A 448 25.31 46.31 44.81
CA ALA A 448 25.40 47.13 43.61
C ALA A 448 24.62 48.40 43.88
N ASN A 449 25.05 49.48 43.25
CA ASN A 449 24.35 50.75 43.36
C ASN A 449 23.28 50.84 42.28
N ARG A 450 22.14 51.41 42.62
CA ARG A 450 21.02 51.47 41.70
C ARG A 450 21.19 52.48 40.60
N GLU A 451 21.89 53.56 40.88
CA GLU A 451 22.15 54.57 39.86
C GLU A 451 23.46 54.29 39.11
N THR A 452 24.51 53.95 39.84
CA THR A 452 25.84 53.77 39.25
C THR A 452 25.95 52.46 38.49
N LYS A 453 25.17 51.46 38.85
CA LYS A 453 25.23 50.13 38.23
C LYS A 453 26.56 49.46 38.49
N LEU A 454 27.40 50.06 39.35
CA LEU A 454 28.63 49.45 39.79
C LEU A 454 28.41 48.70 41.10
N GLY A 455 29.16 47.61 41.29
CA GLY A 455 28.96 46.83 42.50
C GLY A 455 30.18 46.03 42.89
N LYS A 456 30.08 45.43 44.08
CA LYS A 456 31.12 44.58 44.64
C LYS A 456 30.54 43.21 44.92
N ALA A 457 31.42 42.22 45.05
CA ALA A 457 31.00 40.87 45.39
C ALA A 457 32.17 40.15 46.05
N GLY A 458 31.94 39.58 47.23
CA GLY A 458 33.02 38.93 47.94
C GLY A 458 32.52 37.94 48.96
N TYR A 459 33.45 37.45 49.77
CA TYR A 459 33.13 36.44 50.78
C TYR A 459 34.12 36.52 51.93
N VAL A 460 33.71 35.96 53.07
CA VAL A 460 34.58 35.72 54.21
C VAL A 460 34.36 34.28 54.65
N THR A 461 35.40 33.65 55.17
CA THR A 461 35.35 32.25 55.56
C THR A 461 35.69 32.10 57.03
N ASN A 462 35.44 30.89 57.56
CA ASN A 462 35.79 30.60 58.94
C ASN A 462 37.29 30.41 59.13
N LYS A 463 38.02 30.11 58.06
CA LYS A 463 39.47 30.02 58.11
C LYS A 463 40.15 31.40 58.01
N GLY A 464 39.37 32.48 58.06
CA GLY A 464 39.89 33.84 57.97
C GLY A 464 40.07 34.38 56.57
N ARG A 465 39.89 33.56 55.55
CA ARG A 465 40.08 33.98 54.17
C ARG A 465 38.96 34.92 53.71
N GLN A 466 39.33 36.00 53.03
CA GLN A 466 38.39 36.99 52.52
C GLN A 466 38.71 37.32 51.07
N LYS A 467 37.76 37.98 50.41
CA LYS A 467 37.90 38.41 49.02
C LYS A 467 36.79 39.38 48.68
N VAL A 468 37.11 40.39 47.89
CA VAL A 468 36.12 41.33 47.36
C VAL A 468 36.52 41.71 45.94
N VAL A 469 35.60 41.53 44.99
CA VAL A 469 35.85 41.79 43.58
C VAL A 469 34.95 42.95 43.16
N PRO A 470 35.48 43.99 42.50
CA PRO A 470 34.63 45.06 41.99
C PRO A 470 34.07 44.72 40.63
N LEU A 471 32.80 45.09 40.43
CA LEU A 471 32.07 44.77 39.20
C LEU A 471 31.51 46.05 38.63
N THR A 472 31.41 46.11 37.30
CA THR A 472 30.90 47.28 36.60
C THR A 472 29.72 46.88 35.74
N ASN A 473 28.68 47.72 35.74
CA ASN A 473 27.48 47.44 34.95
C ASN A 473 26.87 46.12 35.41
N THR A 474 26.36 46.14 36.64
CA THR A 474 25.83 44.95 37.26
C THR A 474 24.61 45.33 38.08
N THR A 475 23.95 44.33 38.66
CA THR A 475 22.79 44.57 39.50
C THR A 475 22.96 43.87 40.84
N ASN A 476 22.01 44.15 41.76
CA ASN A 476 22.01 43.47 43.05
C ASN A 476 21.86 41.96 42.88
N GLN A 477 20.95 41.53 42.01
CA GLN A 477 20.72 40.10 41.82
C GLN A 477 21.94 39.41 41.25
N LYS A 478 22.70 40.10 40.40
CA LYS A 478 23.85 39.49 39.77
C LYS A 478 25.02 39.35 40.75
N THR A 479 25.20 40.32 41.65
CA THR A 479 26.32 40.26 42.58
C THR A 479 26.16 39.15 43.61
N GLU A 480 24.92 38.87 44.05
CA GLU A 480 24.74 37.74 44.96
C GLU A 480 25.04 36.42 44.26
N LEU A 481 24.67 36.30 42.98
CA LEU A 481 25.08 35.12 42.20
C LEU A 481 26.59 35.12 41.99
N GLN A 482 27.17 36.31 41.75
CA GLN A 482 28.62 36.40 41.56
C GLN A 482 29.38 36.03 42.82
N ALA A 483 28.82 36.34 44.00
CA ALA A 483 29.50 35.99 45.24
C ALA A 483 29.56 34.47 45.41
N ILE A 484 28.45 33.79 45.10
CA ILE A 484 28.45 32.33 45.18
C ILE A 484 29.45 31.73 44.20
N TYR A 485 29.60 32.35 43.03
CA TYR A 485 30.59 31.87 42.07
C TYR A 485 32.00 31.99 42.62
N LEU A 486 32.30 33.06 43.35
CA LEU A 486 33.63 33.22 43.94
C LEU A 486 33.89 32.14 44.96
N ALA A 487 32.93 31.88 45.85
CA ALA A 487 33.13 30.86 46.87
C ALA A 487 33.36 29.49 46.24
N LEU A 488 32.63 29.17 45.16
CA LEU A 488 32.87 27.90 44.51
C LEU A 488 34.23 27.84 43.84
N GLN A 489 34.72 28.98 43.33
CA GLN A 489 36.03 29.00 42.69
C GLN A 489 37.14 28.79 43.71
N ASP A 490 37.12 29.55 44.79
CA ASP A 490 38.22 29.58 45.75
C ASP A 490 38.03 28.58 46.89
N SER A 491 37.46 27.42 46.62
CA SER A 491 37.24 26.42 47.65
C SER A 491 37.71 25.07 47.15
N GLY A 492 37.77 24.11 48.06
CA GLY A 492 38.09 22.74 47.73
C GLY A 492 36.89 21.99 47.18
N LEU A 493 37.01 20.66 47.18
CA LEU A 493 35.93 19.85 46.64
C LEU A 493 34.75 19.77 47.58
N GLU A 494 34.90 20.24 48.82
CA GLU A 494 33.80 20.29 49.78
C GLU A 494 33.77 21.68 50.39
N VAL A 495 32.62 22.34 50.29
CA VAL A 495 32.51 23.74 50.72
C VAL A 495 31.11 23.97 51.28
N ASN A 496 31.03 24.78 52.32
CA ASN A 496 29.77 25.28 52.86
C ASN A 496 29.63 26.75 52.50
N ILE A 497 28.50 27.11 51.89
CA ILE A 497 28.23 28.45 51.43
C ILE A 497 26.96 28.96 52.11
N VAL A 498 27.04 30.17 52.66
CA VAL A 498 25.91 30.79 53.35
C VAL A 498 25.61 32.10 52.62
N THR A 499 24.43 32.20 52.02
CA THR A 499 24.00 33.40 51.31
C THR A 499 22.76 34.00 51.96
N ASP A 500 22.50 35.27 51.64
CA ASP A 500 21.27 35.94 52.07
C ASP A 500 20.32 36.24 50.92
N SER A 501 20.55 35.67 49.75
CA SER A 501 19.77 35.96 48.56
C SER A 501 18.85 34.78 48.29
N GLN A 502 17.55 34.96 48.52
CA GLN A 502 16.62 33.91 48.08
C GLN A 502 16.69 33.75 46.57
N TYR A 503 16.90 34.85 45.84
CA TYR A 503 17.00 34.77 44.39
C TYR A 503 18.11 33.83 43.98
N ALA A 504 19.32 34.03 44.53
CA ALA A 504 20.41 33.13 44.19
C ALA A 504 20.17 31.73 44.74
N LEU A 505 19.49 31.63 45.89
CA LEU A 505 19.24 30.32 46.47
C LEU A 505 18.20 29.55 45.67
N GLY A 506 17.13 30.23 45.25
CA GLY A 506 16.09 29.55 44.51
C GLY A 506 16.53 29.08 43.15
N ILE A 507 17.51 29.75 42.55
CA ILE A 507 18.03 29.31 41.25
C ILE A 507 18.83 28.04 41.41
N ILE A 508 19.74 28.02 42.39
CA ILE A 508 20.65 26.90 42.58
C ILE A 508 19.92 25.68 43.14
N GLN A 509 18.96 25.90 44.05
CA GLN A 509 18.28 24.77 44.67
C GLN A 509 17.47 23.97 43.68
N ALA A 510 17.12 24.54 42.53
CA ALA A 510 16.37 23.81 41.53
C ALA A 510 17.24 22.88 40.71
N GLN A 511 18.55 22.83 40.99
CA GLN A 511 19.49 21.98 40.28
C GLN A 511 19.40 22.18 38.77
N PRO A 512 19.61 23.39 38.28
CA PRO A 512 19.65 23.59 36.82
C PRO A 512 20.97 23.12 36.25
N ASP A 513 20.89 22.62 35.01
CA ASP A 513 22.08 22.24 34.25
C ASP A 513 22.28 23.14 33.05
N LYS A 514 21.34 24.04 32.78
CA LYS A 514 21.50 24.99 31.70
C LYS A 514 20.77 26.28 32.08
N SER A 515 21.26 27.40 31.57
CA SER A 515 20.69 28.68 31.93
C SER A 515 20.95 29.70 30.83
N GLU A 516 19.99 30.60 30.65
CA GLU A 516 20.18 31.73 29.74
C GLU A 516 21.22 32.70 30.27
N SER A 517 21.55 32.61 31.56
CA SER A 517 22.56 33.47 32.16
C SER A 517 23.91 32.78 32.05
N GLU A 518 24.89 33.50 31.51
CA GLU A 518 26.24 32.95 31.44
C GLU A 518 26.80 32.69 32.83
N LEU A 519 26.49 33.58 33.79
CA LEU A 519 27.03 33.44 35.14
C LEU A 519 26.50 32.20 35.83
N VAL A 520 25.21 31.89 35.64
CA VAL A 520 24.64 30.71 36.27
C VAL A 520 25.26 29.46 35.68
N ASN A 521 25.47 29.45 34.36
CA ASN A 521 26.12 28.29 33.76
C ASN A 521 27.52 28.08 34.31
N GLN A 522 28.22 29.18 34.64
CA GLN A 522 29.51 29.05 35.30
C GLN A 522 29.35 28.48 36.70
N ILE A 523 28.30 28.90 37.40
CA ILE A 523 28.05 28.36 38.74
C ILE A 523 27.68 26.89 38.64
N ILE A 524 26.91 26.52 37.62
CA ILE A 524 26.55 25.12 37.44
C ILE A 524 27.80 24.30 37.18
N GLU A 525 28.71 24.83 36.35
CA GLU A 525 29.94 24.12 36.04
C GLU A 525 30.79 23.85 37.27
N GLN A 526 30.81 24.79 38.21
CA GLN A 526 31.57 24.59 39.44
C GLN A 526 30.93 23.54 40.33
N LEU A 527 29.60 23.55 40.40
CA LEU A 527 28.88 22.61 41.27
C LEU A 527 29.07 21.17 40.82
N ILE A 528 29.18 20.93 39.52
CA ILE A 528 29.41 19.57 39.05
C ILE A 528 30.83 19.12 39.38
N LYS A 529 31.79 20.04 39.43
CA LYS A 529 33.15 19.67 39.75
C LYS A 529 33.33 19.33 41.22
N LYS A 530 32.54 19.94 42.09
CA LYS A 530 32.65 19.70 43.52
C LYS A 530 32.22 18.27 43.86
N GLU A 531 32.55 17.85 45.07
CA GLU A 531 32.14 16.55 45.58
C GLU A 531 31.02 16.62 46.61
N LYS A 532 31.03 17.65 47.45
CA LYS A 532 29.98 17.88 48.43
C LYS A 532 29.79 19.39 48.55
N VAL A 533 28.57 19.86 48.35
CA VAL A 533 28.25 21.28 48.48
C VAL A 533 27.00 21.40 49.33
N TYR A 534 27.08 22.22 50.38
CA TYR A 534 25.94 22.55 51.22
C TYR A 534 25.66 24.03 51.12
N LEU A 535 24.45 24.39 50.71
CA LEU A 535 24.04 25.77 50.55
C LEU A 535 23.00 26.10 51.62
N ALA A 536 23.28 27.13 52.43
CA ALA A 536 22.40 27.53 53.51
C ALA A 536 21.99 28.99 53.32
N TRP A 537 20.83 29.35 53.87
CA TRP A 537 20.33 30.71 53.74
C TRP A 537 20.13 31.31 55.13
N VAL A 538 20.47 32.60 55.24
CA VAL A 538 20.23 33.35 56.47
C VAL A 538 19.67 34.71 56.09
N PRO A 539 18.83 35.28 56.94
CA PRO A 539 18.25 36.59 56.63
C PRO A 539 19.30 37.68 56.71
N ALA A 540 19.28 38.55 55.70
CA ALA A 540 20.23 39.65 55.61
C ALA A 540 19.87 40.76 56.58
N HIS A 541 20.87 41.52 57.00
CA HIS A 541 20.66 42.68 57.87
C HIS A 541 20.04 42.26 59.20
N LYS A 542 20.54 41.16 59.76
CA LYS A 542 20.05 40.71 61.07
C LYS A 542 21.19 40.40 62.03
N GLY A 543 22.40 40.86 61.73
CA GLY A 543 23.54 40.67 62.62
C GLY A 543 23.85 39.20 62.88
N ILE A 544 23.86 38.41 61.82
CA ILE A 544 24.05 36.97 61.90
C ILE A 544 25.44 36.60 61.37
N GLY A 545 26.21 35.91 62.20
CA GLY A 545 27.44 35.27 61.78
C GLY A 545 28.29 36.03 60.78
N GLY A 546 28.89 35.29 59.84
CA GLY A 546 29.71 35.89 58.80
C GLY A 546 28.96 36.73 57.81
N ASN A 547 27.63 36.63 57.78
CA ASN A 547 26.84 37.48 56.91
C ASN A 547 27.07 38.95 57.23
N GLU A 548 27.19 39.28 58.52
CA GLU A 548 27.47 40.66 58.90
C GLU A 548 28.86 41.10 58.47
N GLN A 549 29.85 40.22 58.56
CA GLN A 549 31.21 40.62 58.18
C GLN A 549 31.29 40.91 56.69
N VAL A 550 30.69 40.03 55.87
CA VAL A 550 30.79 40.22 54.43
C VAL A 550 29.84 41.32 53.99
N ASP A 551 28.76 41.55 54.74
CA ASP A 551 27.82 42.62 54.40
C ASP A 551 28.49 43.97 54.45
N LYS A 552 29.28 44.23 55.50
CA LYS A 552 30.00 45.49 55.58
C LYS A 552 31.10 45.60 54.52
N LEU A 553 31.66 44.47 54.06
CA LEU A 553 32.72 44.54 53.06
C LEU A 553 32.20 44.95 51.68
N VAL A 554 31.01 44.48 51.31
CA VAL A 554 30.48 44.75 49.97
C VAL A 554 29.54 45.95 49.88
N SER A 555 28.93 46.37 50.99
CA SER A 555 28.06 47.54 50.92
C SER A 555 28.84 48.86 50.86
N ALA A 556 30.12 48.84 51.19
CA ALA A 556 30.95 50.03 51.15
C ALA A 556 31.61 50.16 49.77
N ILE B 21 -44.14 29.61 35.17
CA ILE B 21 -43.08 30.36 35.84
C ILE B 21 -42.26 31.22 34.88
N GLU B 22 -42.33 32.53 35.10
CA GLU B 22 -41.66 33.48 34.25
C GLU B 22 -40.20 33.64 34.68
N THR B 23 -39.35 33.92 33.72
CA THR B 23 -37.92 33.95 33.99
C THR B 23 -37.54 35.29 34.63
N VAL B 24 -36.51 35.25 35.46
CA VAL B 24 -36.01 36.44 36.13
C VAL B 24 -35.01 37.14 35.21
N PRO B 25 -35.18 38.45 34.98
CA PRO B 25 -34.24 39.16 34.10
C PRO B 25 -32.87 39.23 34.75
N VAL B 26 -31.85 38.90 33.97
CA VAL B 26 -30.47 38.87 34.43
C VAL B 26 -29.63 39.71 33.49
N LYS B 27 -28.77 40.55 34.07
CA LYS B 27 -27.88 41.38 33.29
C LYS B 27 -26.43 41.05 33.67
N LEU B 28 -25.50 41.44 32.80
CA LEU B 28 -24.09 41.43 33.11
C LEU B 28 -23.71 42.70 33.86
N LYS B 29 -22.57 42.66 34.55
CA LYS B 29 -22.13 43.86 35.23
C LYS B 29 -21.83 44.95 34.20
N PRO B 30 -22.03 46.21 34.57
CA PRO B 30 -21.91 47.31 33.58
C PRO B 30 -20.59 47.25 32.83
N GLY B 31 -20.66 47.34 31.50
CA GLY B 31 -19.46 47.49 30.72
C GLY B 31 -18.69 46.21 30.54
N MET B 32 -19.35 45.06 30.63
CA MET B 32 -18.69 43.78 30.52
C MET B 32 -19.41 42.89 29.52
N ASP B 33 -18.63 42.18 28.71
CA ASP B 33 -19.16 41.26 27.72
C ASP B 33 -19.27 39.86 28.34
N GLY B 34 -19.79 38.93 27.58
CA GLY B 34 -19.91 37.57 28.03
C GLY B 34 -18.58 36.85 27.96
N PRO B 35 -18.54 35.65 28.53
CA PRO B 35 -17.30 34.88 28.53
C PRO B 35 -16.99 34.37 27.14
N LYS B 36 -15.68 34.29 26.84
CA LYS B 36 -15.18 33.81 25.57
C LYS B 36 -13.94 32.95 25.83
N VAL B 37 -14.16 31.77 26.42
CA VAL B 37 -13.10 30.89 26.86
C VAL B 37 -13.07 29.66 25.96
N LYS B 38 -11.89 29.37 25.41
CA LYS B 38 -11.73 28.24 24.51
C LYS B 38 -11.98 26.94 25.25
N GLN B 39 -12.43 25.93 24.51
CA GLN B 39 -12.63 24.60 25.09
C GLN B 39 -11.32 23.83 25.07
N TRP B 40 -10.98 23.19 26.21
CA TRP B 40 -9.75 22.43 26.27
C TRP B 40 -9.98 20.99 25.88
N PRO B 41 -8.94 20.28 25.43
CA PRO B 41 -9.14 18.92 24.95
C PRO B 41 -9.67 17.99 26.03
N LEU B 42 -10.50 17.03 25.60
CA LEU B 42 -11.13 16.06 26.47
C LEU B 42 -10.86 14.66 25.96
N THR B 43 -10.85 13.70 26.89
CA THR B 43 -10.65 12.30 26.56
C THR B 43 -11.92 11.70 25.94
N GLU B 44 -11.74 10.61 25.19
CA GLU B 44 -12.89 9.92 24.61
C GLU B 44 -13.87 9.47 25.67
N GLU B 45 -13.38 9.06 26.84
CA GLU B 45 -14.26 8.70 27.94
C GLU B 45 -15.15 9.87 28.33
N LYS B 46 -14.59 11.09 28.36
CA LYS B 46 -15.36 12.24 28.77
C LYS B 46 -16.23 12.79 27.64
N ILE B 47 -15.74 12.73 26.39
CA ILE B 47 -16.53 13.25 25.28
C ILE B 47 -17.77 12.42 25.06
N LYS B 48 -17.62 11.09 25.06
CA LYS B 48 -18.77 10.22 24.86
C LYS B 48 -19.80 10.38 25.97
N ALA B 49 -19.34 10.67 27.19
CA ALA B 49 -20.26 10.92 28.30
C ALA B 49 -20.96 12.25 28.15
N LEU B 50 -20.24 13.26 27.68
CA LEU B 50 -20.83 14.59 27.51
C LEU B 50 -21.86 14.60 26.38
N VAL B 51 -21.57 13.93 25.26
CA VAL B 51 -22.50 13.95 24.15
C VAL B 51 -23.83 13.32 24.55
N GLU B 52 -23.77 12.20 25.30
CA GLU B 52 -25.00 11.58 25.76
C GLU B 52 -25.78 12.51 26.69
N ILE B 53 -25.08 13.19 27.59
CA ILE B 53 -25.75 14.07 28.54
C ILE B 53 -26.39 15.24 27.82
N CYS B 54 -25.68 15.86 26.88
CA CYS B 54 -26.21 17.07 26.26
C CYS B 54 -27.38 16.74 25.33
N THR B 55 -27.31 15.59 24.66
CA THR B 55 -28.42 15.17 23.80
C THR B 55 -29.69 14.96 24.61
N GLU B 56 -29.57 14.44 25.84
CA GLU B 56 -30.75 14.28 26.68
C GLU B 56 -31.24 15.61 27.21
N MET B 57 -30.33 16.55 27.45
CA MET B 57 -30.77 17.84 27.93
C MET B 57 -31.49 18.60 26.82
N GLU B 58 -31.06 18.39 25.57
CA GLU B 58 -31.73 19.03 24.44
C GLU B 58 -33.13 18.45 24.23
N LYS B 59 -33.29 17.13 24.44
CA LYS B 59 -34.61 16.53 24.25
C LYS B 59 -35.59 17.08 25.27
N GLU B 60 -35.17 17.19 26.53
CA GLU B 60 -36.02 17.74 27.57
C GLU B 60 -36.04 19.26 27.57
N GLY B 61 -35.54 19.90 26.51
CA GLY B 61 -35.64 21.35 26.42
C GLY B 61 -34.79 22.12 27.40
N LYS B 62 -33.82 21.47 28.05
CA LYS B 62 -33.00 22.15 29.04
C LYS B 62 -31.89 22.97 28.38
N ILE B 63 -31.40 22.50 27.24
CA ILE B 63 -30.45 23.20 26.38
C ILE B 63 -30.94 23.08 24.95
N SER B 64 -30.32 23.84 24.06
CA SER B 64 -30.70 23.82 22.65
C SER B 64 -29.46 24.15 21.83
N LYS B 65 -29.44 23.64 20.61
CA LYS B 65 -28.29 23.86 19.74
C LYS B 65 -28.25 25.31 19.27
N ILE B 66 -27.04 25.82 19.12
CA ILE B 66 -26.80 27.15 18.59
C ILE B 66 -25.71 27.06 17.53
N GLY B 67 -25.38 28.22 16.94
CA GLY B 67 -24.40 28.27 15.89
C GLY B 67 -23.20 29.12 16.23
N PRO B 68 -22.40 29.47 15.22
CA PRO B 68 -21.22 30.31 15.49
C PRO B 68 -21.55 31.77 15.60
N GLU B 69 -22.79 32.16 15.31
CA GLU B 69 -23.22 33.54 15.49
C GLU B 69 -23.37 33.92 16.96
N ASN B 70 -23.28 32.97 17.88
CA ASN B 70 -23.17 33.27 19.30
C ASN B 70 -21.69 33.37 19.63
N PRO B 71 -21.16 34.57 19.92
CA PRO B 71 -19.71 34.73 20.08
C PRO B 71 -19.18 34.35 21.45
N TYR B 72 -19.96 33.68 22.29
CA TYR B 72 -19.58 33.36 23.66
C TYR B 72 -19.35 31.86 23.81
N ASN B 73 -18.48 31.52 24.75
CA ASN B 73 -18.21 30.11 25.03
C ASN B 73 -17.69 29.95 26.45
N THR B 74 -17.98 28.78 27.03
CA THR B 74 -17.60 28.42 28.38
C THR B 74 -17.16 26.97 28.33
N PRO B 75 -16.04 26.61 28.94
CA PRO B 75 -15.54 25.23 28.81
C PRO B 75 -16.41 24.25 29.58
N VAL B 76 -16.53 23.03 29.02
CA VAL B 76 -17.32 21.97 29.63
C VAL B 76 -16.48 20.71 29.68
N PHE B 77 -16.69 19.91 30.73
CA PHE B 77 -16.05 18.61 30.87
C PHE B 77 -16.86 17.76 31.83
N ALA B 78 -16.48 16.49 31.93
CA ALA B 78 -17.24 15.53 32.72
C ALA B 78 -16.37 14.92 33.82
N ILE B 79 -17.01 14.65 34.96
CA ILE B 79 -16.42 14.04 36.14
C ILE B 79 -17.27 12.87 36.59
N LYS B 80 -16.63 11.85 37.15
CA LYS B 80 -17.36 10.72 37.74
C LYS B 80 -17.80 11.09 39.15
N LYS B 81 -19.08 10.84 39.45
CA LYS B 81 -19.68 11.32 40.68
C LYS B 81 -19.04 10.63 41.89
N LYS B 82 -19.34 11.17 43.06
CA LYS B 82 -18.72 10.73 44.31
C LYS B 82 -19.26 9.36 44.71
N ASP B 83 -18.37 8.38 44.76
CA ASP B 83 -18.75 7.00 45.08
C ASP B 83 -19.88 6.53 44.16
N SER B 84 -19.65 6.71 42.86
CA SER B 84 -20.64 6.35 41.86
C SER B 84 -19.93 6.12 40.54
N THR B 85 -20.68 5.53 39.61
CA THR B 85 -20.22 5.30 38.24
C THR B 85 -20.81 6.31 37.26
N LYS B 86 -21.84 7.03 37.65
CA LYS B 86 -22.49 7.99 36.79
C LYS B 86 -21.61 9.21 36.58
N TRP B 87 -21.84 9.90 35.46
CA TRP B 87 -21.07 11.09 35.12
C TRP B 87 -21.91 12.30 35.45
N ARG B 88 -21.24 13.38 35.83
CA ARG B 88 -21.89 14.65 36.10
C ARG B 88 -21.25 15.65 35.14
N LYS B 89 -22.08 16.39 34.42
CA LYS B 89 -21.55 17.42 33.54
C LYS B 89 -21.21 18.65 34.35
N LEU B 90 -19.96 19.09 34.21
CA LEU B 90 -19.45 20.24 34.95
C LEU B 90 -19.04 21.34 33.98
N VAL B 91 -19.61 22.54 34.17
CA VAL B 91 -19.29 23.71 33.38
C VAL B 91 -18.32 24.59 34.16
N ASP B 92 -17.29 25.09 33.48
CA ASP B 92 -16.33 26.00 34.10
C ASP B 92 -16.90 27.40 33.98
N PHE B 93 -17.87 27.69 34.84
CA PHE B 93 -18.58 28.97 34.76
C PHE B 93 -17.87 30.05 35.56
N ARG B 94 -16.54 29.95 35.69
CA ARG B 94 -15.82 30.96 36.47
C ARG B 94 -15.88 32.32 35.79
N GLU B 95 -15.68 32.35 34.47
CA GLU B 95 -15.67 33.62 33.76
C GLU B 95 -17.05 34.24 33.68
N LEU B 96 -18.08 33.42 33.44
CA LEU B 96 -19.43 33.97 33.43
C LEU B 96 -19.85 34.49 34.79
N ASN B 97 -19.44 33.82 35.87
CA ASN B 97 -19.83 34.27 37.21
C ASN B 97 -19.17 35.58 37.63
N LYS B 98 -17.93 35.84 37.22
CA LYS B 98 -17.30 37.12 37.49
C LYS B 98 -18.04 38.27 36.81
N ARG B 99 -18.58 38.03 35.62
CA ARG B 99 -19.21 39.08 34.82
C ARG B 99 -20.72 39.13 35.04
N THR B 100 -21.27 38.20 35.82
CA THR B 100 -22.70 38.17 36.10
C THR B 100 -23.05 39.15 37.21
N GLN B 101 -24.21 39.78 37.05
CA GLN B 101 -24.72 40.73 38.03
C GLN B 101 -24.76 40.12 39.42
N ASP B 102 -24.58 40.98 40.42
CA ASP B 102 -24.78 40.60 41.81
C ASP B 102 -26.25 40.64 42.19
N PHE B 103 -26.64 39.72 43.09
CA PHE B 103 -28.04 39.54 43.44
C PHE B 103 -28.27 40.04 44.87
N TRP B 104 -29.17 41.00 45.01
CA TRP B 104 -29.53 41.60 46.30
C TRP B 104 -28.31 42.11 47.06
N PRO B 111 -27.17 35.82 55.80
CA PRO B 111 -26.58 35.39 57.08
C PRO B 111 -26.01 33.98 56.99
N HIS B 112 -24.71 33.84 57.30
CA HIS B 112 -24.03 32.55 57.22
C HIS B 112 -24.14 31.81 58.55
N PRO B 113 -24.55 30.53 58.54
CA PRO B 113 -24.67 29.78 59.79
C PRO B 113 -23.32 29.51 60.44
N ALA B 114 -23.03 30.18 61.56
CA ALA B 114 -21.77 29.96 62.26
C ALA B 114 -21.71 28.62 62.98
N GLY B 115 -22.85 27.96 63.18
CA GLY B 115 -22.87 26.65 63.83
C GLY B 115 -22.60 25.47 62.93
N LEU B 116 -22.60 25.67 61.61
CA LEU B 116 -22.32 24.57 60.71
C LEU B 116 -20.92 24.01 60.93
N LYS B 117 -19.94 24.88 61.15
CA LYS B 117 -18.60 24.41 61.45
C LYS B 117 -18.46 23.80 62.84
N LYS B 118 -19.43 23.99 63.73
CA LYS B 118 -19.39 23.39 65.06
C LYS B 118 -20.08 22.04 65.12
N LYS B 119 -20.87 21.68 64.10
CA LYS B 119 -21.56 20.41 64.12
C LYS B 119 -20.56 19.26 64.02
N LYS B 120 -20.98 18.10 64.53
CA LYS B 120 -20.15 16.91 64.47
C LYS B 120 -20.02 16.41 63.04
N SER B 121 -21.14 16.13 62.40
CA SER B 121 -21.18 15.59 61.05
C SER B 121 -21.85 16.60 60.12
N VAL B 122 -21.29 16.76 58.92
CA VAL B 122 -21.87 17.63 57.90
C VAL B 122 -21.84 16.88 56.56
N THR B 123 -22.98 16.83 55.88
CA THR B 123 -23.14 16.09 54.65
C THR B 123 -23.46 17.03 53.48
N VAL B 124 -22.81 16.79 52.35
CA VAL B 124 -22.95 17.61 51.15
C VAL B 124 -23.87 16.91 50.17
N LEU B 125 -24.98 17.55 49.82
CA LEU B 125 -25.96 17.02 48.89
C LEU B 125 -25.95 17.86 47.61
N ASP B 126 -25.85 17.19 46.46
CA ASP B 126 -25.88 17.86 45.16
C ASP B 126 -27.33 18.07 44.74
N VAL B 127 -27.82 19.29 44.90
CA VAL B 127 -29.18 19.64 44.49
C VAL B 127 -29.16 20.49 43.22
N GLY B 128 -28.08 20.43 42.45
CA GLY B 128 -28.00 21.23 41.25
C GLY B 128 -29.08 20.87 40.25
N ASP B 129 -29.60 19.65 40.33
CA ASP B 129 -30.65 19.22 39.41
C ASP B 129 -31.92 20.05 39.57
N ALA B 130 -32.09 20.71 40.72
CA ALA B 130 -33.29 21.50 40.93
C ALA B 130 -33.33 22.70 39.99
N TYR B 131 -32.16 23.22 39.60
CA TYR B 131 -32.11 24.40 38.75
C TYR B 131 -32.70 24.13 37.38
N PHE B 132 -32.66 22.88 36.91
CA PHE B 132 -33.12 22.57 35.57
C PHE B 132 -34.63 22.70 35.41
N SER B 133 -35.33 23.07 36.47
CA SER B 133 -36.78 23.27 36.41
C SER B 133 -37.19 24.73 36.26
N VAL B 134 -36.28 25.67 36.47
CA VAL B 134 -36.58 27.10 36.36
C VAL B 134 -36.03 27.60 35.03
N PRO B 135 -36.84 28.23 34.18
CA PRO B 135 -36.34 28.75 32.91
C PRO B 135 -35.46 29.97 33.14
N LEU B 136 -34.58 30.21 32.19
CA LEU B 136 -33.64 31.31 32.24
C LEU B 136 -34.11 32.45 31.33
N ASP B 137 -33.81 33.68 31.75
CA ASP B 137 -34.14 34.86 30.97
C ASP B 137 -33.58 34.80 29.56
N GLU B 138 -34.45 35.03 28.58
CA GLU B 138 -34.06 34.92 27.18
C GLU B 138 -32.92 35.86 26.83
N ASP B 139 -32.97 37.08 27.32
CA ASP B 139 -31.90 38.00 26.99
C ASP B 139 -30.55 37.56 27.54
N PHE B 140 -30.52 36.55 28.41
CA PHE B 140 -29.30 36.11 29.05
C PHE B 140 -28.77 34.76 28.56
N ARG B 141 -29.60 33.97 27.88
CA ARG B 141 -29.21 32.59 27.58
C ARG B 141 -27.99 32.55 26.66
N LYS B 142 -27.77 33.62 25.89
CA LYS B 142 -26.66 33.63 24.94
C LYS B 142 -25.31 33.51 25.64
N TYR B 143 -25.22 33.94 26.90
CA TYR B 143 -23.97 33.92 27.66
C TYR B 143 -23.63 32.56 28.25
N THR B 144 -24.56 31.60 28.23
CA THR B 144 -24.29 30.27 28.77
C THR B 144 -23.87 29.27 27.71
N ALA B 145 -23.34 29.74 26.60
CA ALA B 145 -22.96 28.86 25.50
C ALA B 145 -21.68 28.08 25.82
N PHE B 146 -21.63 26.83 25.37
CA PHE B 146 -20.46 25.99 25.50
C PHE B 146 -20.36 25.10 24.26
N THR B 147 -19.18 24.57 24.03
CA THR B 147 -18.90 23.80 22.82
C THR B 147 -18.35 22.44 23.19
N ILE B 148 -18.96 21.38 22.66
CA ILE B 148 -18.47 20.02 22.86
C ILE B 148 -17.49 19.70 21.74
N PRO B 149 -16.24 19.36 22.04
CA PRO B 149 -15.27 19.04 21.00
C PRO B 149 -15.44 17.61 20.49
N SER B 150 -14.65 17.27 19.47
CA SER B 150 -14.68 15.94 18.86
C SER B 150 -13.25 15.42 18.74
N ILE B 151 -13.12 14.10 18.89
CA ILE B 151 -11.82 13.46 18.81
C ILE B 151 -11.24 13.64 17.41
N ASN B 152 -9.96 14.00 17.35
CA ASN B 152 -9.24 14.14 16.07
C ASN B 152 -9.88 15.19 15.17
N ASN B 153 -10.70 16.07 15.72
CA ASN B 153 -11.36 17.14 14.97
C ASN B 153 -12.13 16.58 13.79
N GLU B 154 -12.71 15.40 13.97
CA GLU B 154 -13.54 14.78 12.94
C GLU B 154 -14.64 15.73 12.48
N THR B 155 -15.42 16.27 13.42
CA THR B 155 -16.48 17.23 13.15
C THR B 155 -16.17 18.53 13.86
N PRO B 156 -16.74 19.65 13.40
CA PRO B 156 -16.64 20.90 14.15
C PRO B 156 -17.28 20.77 15.52
N GLY B 157 -16.99 21.72 16.39
CA GLY B 157 -17.59 21.71 17.71
C GLY B 157 -19.09 21.91 17.61
N ILE B 158 -19.84 21.13 18.39
CA ILE B 158 -21.28 21.27 18.45
C ILE B 158 -21.59 22.16 19.64
N ARG B 159 -22.24 23.29 19.40
CA ARG B 159 -22.43 24.30 20.42
C ARG B 159 -23.84 24.23 20.98
N TYR B 160 -23.96 24.42 22.29
CA TYR B 160 -25.25 24.46 22.95
C TYR B 160 -25.31 25.69 23.83
N GLN B 161 -26.53 26.13 24.13
CA GLN B 161 -26.75 27.14 25.15
C GLN B 161 -27.83 26.62 26.09
N TYR B 162 -27.91 27.24 27.26
CA TYR B 162 -28.84 26.78 28.29
C TYR B 162 -30.16 27.52 28.15
N ASN B 163 -31.27 26.81 28.37
CA ASN B 163 -32.60 27.43 28.42
C ASN B 163 -33.16 27.49 29.84
N VAL B 164 -32.57 26.76 30.78
CA VAL B 164 -32.99 26.74 32.18
C VAL B 164 -31.81 27.16 33.04
N LEU B 165 -32.07 27.30 34.34
CA LEU B 165 -31.01 27.65 35.27
C LEU B 165 -29.92 26.59 35.23
N PRO B 166 -28.67 26.96 34.97
CA PRO B 166 -27.60 25.95 34.83
C PRO B 166 -26.90 25.68 36.15
N GLN B 167 -26.48 24.43 36.32
CA GLN B 167 -25.65 24.09 37.47
C GLN B 167 -24.29 24.78 37.40
N GLY B 168 -23.84 25.31 38.53
CA GLY B 168 -22.57 26.00 38.58
C GLY B 168 -22.62 27.48 38.27
N TRP B 169 -23.78 28.01 37.94
CA TRP B 169 -23.92 29.43 37.67
C TRP B 169 -24.14 30.20 38.96
N LYS B 170 -23.50 31.37 39.06
CA LYS B 170 -23.63 32.20 40.26
C LYS B 170 -25.08 32.59 40.50
N GLY B 171 -25.83 32.84 39.42
CA GLY B 171 -27.21 33.28 39.53
C GLY B 171 -28.23 32.19 39.77
N SER B 172 -27.86 30.92 39.55
CA SER B 172 -28.84 29.85 39.73
C SER B 172 -29.30 29.70 41.17
N PRO B 173 -28.42 29.63 42.17
CA PRO B 173 -28.92 29.52 43.55
C PRO B 173 -29.69 30.74 44.01
N ALA B 174 -29.37 31.93 43.49
CA ALA B 174 -30.08 33.13 43.90
C ALA B 174 -31.50 33.16 43.35
N ILE B 175 -31.66 32.87 42.06
CA ILE B 175 -32.98 32.85 41.45
C ILE B 175 -33.84 31.75 42.07
N PHE B 176 -33.25 30.61 42.42
CA PHE B 176 -33.96 29.51 43.03
C PHE B 176 -34.09 29.63 44.55
N GLN B 177 -33.52 30.69 45.14
CA GLN B 177 -33.52 30.84 46.59
C GLN B 177 -34.94 30.85 47.14
N SER B 178 -35.86 31.55 46.48
CA SER B 178 -37.22 31.62 46.96
C SER B 178 -37.86 30.24 47.00
N SER B 179 -37.60 29.40 46.02
CA SER B 179 -38.18 28.06 46.02
C SER B 179 -37.49 27.15 47.03
N MET B 180 -36.20 27.41 47.33
CA MET B 180 -35.47 26.54 48.24
C MET B 180 -35.85 26.76 49.70
N THR B 181 -36.00 28.01 50.14
CA THR B 181 -36.46 28.26 51.50
C THR B 181 -37.82 27.63 51.73
N LYS B 182 -38.66 27.63 50.71
CA LYS B 182 -40.00 27.06 50.83
C LYS B 182 -39.93 25.55 50.98
N ILE B 183 -39.03 24.91 50.23
CA ILE B 183 -38.93 23.46 50.26
C ILE B 183 -38.37 22.97 51.59
N LEU B 184 -37.42 23.71 52.16
CA LEU B 184 -36.70 23.28 53.35
C LEU B 184 -37.39 23.65 54.65
N GLU B 185 -38.27 24.64 54.65
CA GLU B 185 -38.87 25.12 55.90
C GLU B 185 -39.58 24.05 56.74
N PRO B 186 -40.35 23.13 56.17
CA PRO B 186 -40.93 22.07 57.03
C PRO B 186 -39.88 21.18 57.66
N PHE B 187 -38.83 20.83 56.94
CA PHE B 187 -37.82 19.95 57.50
C PHE B 187 -37.00 20.69 58.56
N LYS B 188 -36.77 21.99 58.35
CA LYS B 188 -35.95 22.77 59.28
C LYS B 188 -36.70 23.07 60.57
N LYS B 189 -38.04 23.16 60.51
CA LYS B 189 -38.83 23.31 61.73
C LYS B 189 -39.09 21.98 62.40
N GLN B 190 -39.12 20.90 61.61
CA GLN B 190 -39.20 19.55 62.14
C GLN B 190 -37.88 19.08 62.74
N ASN B 191 -36.77 19.65 62.30
CA ASN B 191 -35.45 19.34 62.86
C ASN B 191 -34.72 20.65 63.06
N PRO B 192 -35.06 21.40 64.11
CA PRO B 192 -34.41 22.71 64.32
C PRO B 192 -32.97 22.59 64.76
N ASP B 193 -32.52 21.40 65.17
CA ASP B 193 -31.16 21.21 65.62
C ASP B 193 -30.21 20.92 64.46
N ILE B 194 -30.72 20.84 63.24
CA ILE B 194 -29.93 20.54 62.06
C ILE B 194 -29.66 21.84 61.33
N VAL B 195 -28.40 22.10 61.02
CA VAL B 195 -28.03 23.30 60.28
C VAL B 195 -27.98 22.95 58.79
N ILE B 196 -28.65 23.77 57.97
CA ILE B 196 -28.70 23.53 56.52
C ILE B 196 -28.24 24.81 55.83
N TYR B 197 -27.08 24.74 55.18
CA TYR B 197 -26.52 25.83 54.40
C TYR B 197 -26.48 25.43 52.93
N GLN B 198 -26.65 26.42 52.05
CA GLN B 198 -26.64 26.21 50.61
C GLN B 198 -25.52 27.04 49.99
N TYR B 199 -24.74 26.41 49.12
CA TYR B 199 -23.72 27.13 48.36
C TYR B 199 -23.66 26.52 46.97
N MET B 200 -24.11 27.29 45.97
CA MET B 200 -24.10 26.86 44.55
C MET B 200 -24.93 25.59 44.43
N ASP B 201 -24.42 24.53 43.81
CA ASP B 201 -25.20 23.31 43.60
C ASP B 201 -25.29 22.47 44.85
N ASP B 202 -24.50 22.77 45.88
CA ASP B 202 -24.35 21.88 47.02
C ASP B 202 -25.17 22.37 48.22
N LEU B 203 -25.73 21.41 48.94
CA LEU B 203 -26.47 21.66 50.17
C LEU B 203 -25.66 21.04 51.31
N TYR B 204 -25.26 21.86 52.27
CA TYR B 204 -24.43 21.39 53.38
C TYR B 204 -25.33 21.17 54.60
N VAL B 205 -25.39 19.93 55.07
CA VAL B 205 -26.33 19.52 56.11
C VAL B 205 -25.51 19.05 57.30
N GLY B 206 -25.61 19.78 58.41
CA GLY B 206 -24.82 19.50 59.60
C GLY B 206 -25.71 19.16 60.78
N SER B 207 -25.25 18.22 61.61
CA SER B 207 -25.96 17.83 62.82
C SER B 207 -24.97 17.31 63.85
N ASP B 208 -25.44 17.21 65.08
CA ASP B 208 -24.66 16.67 66.20
C ASP B 208 -25.08 15.26 66.57
N LEU B 209 -25.91 14.62 65.76
CA LEU B 209 -26.39 13.27 66.04
C LEU B 209 -25.24 12.27 65.91
N GLU B 210 -25.52 11.04 66.31
CA GLU B 210 -24.56 9.98 66.08
C GLU B 210 -24.47 9.68 64.59
N ILE B 211 -23.37 9.02 64.20
CA ILE B 211 -23.09 8.85 62.78
C ILE B 211 -24.23 8.06 62.12
N GLY B 212 -24.77 7.08 62.83
CA GLY B 212 -25.83 6.27 62.24
C GLY B 212 -27.15 7.01 62.17
N GLN B 213 -27.53 7.69 63.25
CA GLN B 213 -28.73 8.52 63.21
C GLN B 213 -28.56 9.72 62.30
N HIS B 214 -27.33 10.16 62.06
CA HIS B 214 -27.10 11.27 61.14
C HIS B 214 -27.37 10.82 59.71
N ARG B 215 -26.89 9.64 59.34
CA ARG B 215 -27.07 9.13 57.99
C ARG B 215 -28.55 8.87 57.68
N THR B 216 -29.32 8.51 58.71
CA THR B 216 -30.77 8.36 58.55
C THR B 216 -31.45 9.70 58.31
N LYS B 217 -31.01 10.75 59.01
CA LYS B 217 -31.55 12.09 58.80
C LYS B 217 -31.27 12.61 57.41
N ILE B 218 -30.11 12.26 56.83
CA ILE B 218 -29.84 12.65 55.45
C ILE B 218 -30.85 12.00 54.51
N GLU B 219 -31.13 10.71 54.69
CA GLU B 219 -32.15 10.06 53.88
C GLU B 219 -33.53 10.66 54.11
N GLU B 220 -33.82 11.12 55.33
CA GLU B 220 -35.07 11.81 55.56
C GLU B 220 -35.16 13.10 54.75
N LEU B 221 -34.04 13.84 54.68
CA LEU B 221 -34.04 15.05 53.87
C LEU B 221 -34.12 14.74 52.38
N ARG B 222 -33.41 13.70 51.93
CA ARG B 222 -33.47 13.36 50.51
C ARG B 222 -34.88 12.99 50.07
N GLN B 223 -35.59 12.19 50.88
CA GLN B 223 -36.94 11.85 50.52
C GLN B 223 -37.88 13.03 50.64
N HIS B 224 -37.64 13.91 51.61
CA HIS B 224 -38.45 15.13 51.69
C HIS B 224 -38.20 16.03 50.48
N LEU B 225 -36.94 16.07 50.01
CA LEU B 225 -36.62 16.82 48.79
C LEU B 225 -37.23 16.12 47.59
N LEU B 226 -37.20 14.80 47.61
CA LEU B 226 -37.73 13.99 46.52
C LEU B 226 -39.21 14.29 46.26
N ARG B 227 -39.94 14.74 47.28
CA ARG B 227 -41.32 15.16 47.03
C ARG B 227 -41.41 16.30 46.01
N TRP B 228 -40.34 17.11 45.87
CA TRP B 228 -40.25 18.15 44.85
C TRP B 228 -39.11 17.91 43.87
N GLY B 229 -37.84 17.96 44.26
CA GLY B 229 -36.77 17.85 43.29
C GLY B 229 -35.81 16.75 43.65
N LEU B 230 -35.25 16.15 42.61
CA LEU B 230 -34.47 14.94 42.73
C LEU B 230 -33.04 15.24 43.16
N THR B 231 -32.44 14.28 43.85
CA THR B 231 -31.07 14.36 44.30
C THR B 231 -30.22 13.34 43.55
N THR B 232 -28.91 13.60 43.52
CA THR B 232 -28.00 12.67 42.88
C THR B 232 -28.26 11.25 43.39
N PRO B 233 -28.16 10.23 42.53
CA PRO B 233 -28.46 8.86 42.96
C PRO B 233 -27.84 8.39 44.26
N ASP B 234 -28.60 7.64 45.04
CA ASP B 234 -28.13 7.19 46.33
C ASP B 234 -26.75 6.61 46.26
N LYS B 235 -25.93 6.98 47.22
CA LYS B 235 -24.60 6.42 47.26
C LYS B 235 -24.71 4.91 47.32
N LYS B 236 -23.96 4.22 46.50
CA LYS B 236 -24.03 2.76 46.46
C LYS B 236 -23.56 2.15 47.77
N HIS B 237 -22.55 2.76 48.39
CA HIS B 237 -22.07 2.36 49.72
C HIS B 237 -22.72 3.24 50.76
N GLN B 238 -23.18 2.63 51.85
CA GLN B 238 -23.89 3.34 52.91
C GLN B 238 -23.14 3.39 54.22
N LYS B 239 -22.03 2.65 54.36
CA LYS B 239 -21.28 2.59 55.60
C LYS B 239 -19.92 3.28 55.50
N GLU B 240 -19.79 4.29 54.61
CA GLU B 240 -18.66 5.20 54.46
C GLU B 240 -17.32 4.53 54.18
N PRO B 241 -17.09 4.01 52.98
CA PRO B 241 -15.75 3.47 52.64
C PRO B 241 -14.70 4.54 52.76
N PRO B 242 -13.42 4.17 52.88
CA PRO B 242 -12.37 5.16 53.13
C PRO B 242 -12.07 6.00 51.90
N PHE B 243 -12.18 7.31 52.04
CA PHE B 243 -11.80 8.33 51.07
C PHE B 243 -12.75 8.40 49.87
N LEU B 244 -13.73 7.52 49.77
CA LEU B 244 -14.80 7.73 48.80
C LEU B 244 -15.70 8.89 49.24
N TRP B 245 -15.92 9.03 50.55
CA TRP B 245 -16.76 10.11 51.09
C TRP B 245 -15.97 11.36 51.46
N MET B 246 -14.90 11.68 50.72
CA MET B 246 -14.08 12.83 51.10
C MET B 246 -14.90 14.12 51.13
N GLY B 247 -15.55 14.44 50.02
CA GLY B 247 -16.41 15.59 49.92
C GLY B 247 -17.84 15.36 50.31
N TYR B 248 -18.18 14.14 50.69
CA TYR B 248 -19.55 13.79 51.06
C TYR B 248 -19.77 14.00 52.56
N GLU B 249 -19.23 13.08 53.36
CA GLU B 249 -19.40 13.10 54.82
C GLU B 249 -18.18 13.76 55.45
N LEU B 250 -18.31 15.04 55.84
CA LEU B 250 -17.22 15.79 56.45
C LEU B 250 -17.52 16.10 57.91
N HIS B 251 -16.47 16.11 58.74
CA HIS B 251 -16.60 16.32 60.18
C HIS B 251 -15.86 17.59 60.59
N PRO B 252 -16.56 18.73 60.73
CA PRO B 252 -15.83 19.98 60.97
C PRO B 252 -15.25 20.09 62.36
N ASP B 253 -15.89 19.47 63.34
CA ASP B 253 -15.43 19.54 64.73
C ASP B 253 -14.09 18.85 64.96
N LYS B 254 -13.52 18.20 63.94
CA LYS B 254 -12.23 17.54 64.06
C LYS B 254 -11.13 18.21 63.24
N TRP B 255 -11.41 19.36 62.62
CA TRP B 255 -10.37 20.08 61.90
C TRP B 255 -9.41 20.73 62.88
N THR B 256 -8.11 20.58 62.62
CA THR B 256 -7.06 21.04 63.51
C THR B 256 -6.15 22.01 62.77
N VAL B 257 -5.63 22.97 63.51
CA VAL B 257 -4.68 23.94 62.97
C VAL B 257 -3.27 23.42 63.17
N GLN B 258 -2.36 23.82 62.29
CA GLN B 258 -1.00 23.31 62.35
C GLN B 258 -0.15 24.38 63.05
N PRO B 259 0.29 24.14 64.29
CA PRO B 259 1.14 25.13 64.97
C PRO B 259 2.54 25.17 64.39
N ILE B 260 3.20 26.31 64.60
CA ILE B 260 4.61 26.44 64.25
C ILE B 260 5.46 25.91 65.39
N VAL B 261 6.38 25.03 65.07
CA VAL B 261 7.17 24.35 66.09
C VAL B 261 8.64 24.69 65.86
N LEU B 262 9.40 24.58 66.95
CA LEU B 262 10.83 24.80 66.91
C LEU B 262 11.53 23.53 67.36
N PRO B 263 12.71 23.22 66.83
CA PRO B 263 13.37 21.96 67.18
C PRO B 263 13.85 21.99 68.62
N GLU B 264 13.91 20.81 69.22
CA GLU B 264 14.44 20.65 70.57
C GLU B 264 15.66 19.73 70.50
N LYS B 265 16.84 20.30 70.72
CA LYS B 265 18.09 19.57 70.67
C LYS B 265 18.87 19.75 71.94
N ASP B 266 19.66 18.72 72.29
CA ASP B 266 20.60 18.85 73.40
C ASP B 266 21.82 19.65 72.97
N SER B 267 22.27 19.48 71.74
CA SER B 267 23.42 20.21 71.21
C SER B 267 23.03 20.94 69.94
N TRP B 268 23.44 22.20 69.85
CA TRP B 268 23.15 23.06 68.71
C TRP B 268 24.43 23.43 67.98
N THR B 269 24.39 23.39 66.66
CA THR B 269 25.50 23.83 65.83
C THR B 269 25.23 25.24 65.32
N VAL B 270 26.27 25.83 64.71
CA VAL B 270 26.10 27.15 64.11
C VAL B 270 25.04 27.11 63.03
N ASN B 271 25.05 26.05 62.21
CA ASN B 271 24.03 25.90 61.19
C ASN B 271 22.64 25.73 61.80
N ASP B 272 22.53 25.00 62.90
CA ASP B 272 21.23 24.79 63.53
C ASP B 272 20.65 26.10 64.08
N ILE B 273 21.51 26.98 64.60
CA ILE B 273 21.03 28.25 65.12
C ILE B 273 20.66 29.19 63.99
N GLN B 274 21.41 29.14 62.88
CA GLN B 274 21.06 29.99 61.74
C GLN B 274 19.70 29.61 61.19
N LYS B 275 19.41 28.31 61.04
CA LYS B 275 18.07 27.91 60.62
C LYS B 275 17.04 28.40 61.63
N LEU B 276 17.37 28.34 62.92
CA LEU B 276 16.44 28.76 63.95
C LEU B 276 16.19 30.27 63.89
N VAL B 277 17.26 31.05 63.76
CA VAL B 277 17.13 32.50 63.72
C VAL B 277 16.37 32.94 62.48
N GLY B 278 16.67 32.33 61.33
CA GLY B 278 15.92 32.65 60.12
C GLY B 278 14.46 32.28 60.21
N LYS B 279 14.16 31.14 60.84
CA LYS B 279 12.77 30.73 61.05
C LYS B 279 12.07 31.68 62.00
N LEU B 280 12.72 32.05 63.10
CA LEU B 280 12.08 32.94 64.06
C LEU B 280 11.89 34.34 63.48
N ASN B 281 12.84 34.81 62.69
CA ASN B 281 12.69 36.14 62.10
C ASN B 281 11.53 36.17 61.11
N TRP B 282 11.34 35.08 60.37
CA TRP B 282 10.16 35.00 59.50
C TRP B 282 8.88 34.88 60.30
N ALA B 283 8.88 34.07 61.36
CA ALA B 283 7.69 33.93 62.18
C ALA B 283 7.35 35.20 62.93
N SER B 284 8.32 36.11 63.09
CA SER B 284 8.02 37.37 63.76
C SER B 284 7.04 38.23 62.97
N GLN B 285 6.83 37.93 61.69
CA GLN B 285 5.82 38.64 60.90
C GLN B 285 4.39 38.20 61.22
N ILE B 286 4.22 37.03 61.84
CA ILE B 286 2.89 36.52 62.18
C ILE B 286 2.64 36.71 63.67
N TYR B 287 3.71 36.58 64.46
CA TYR B 287 3.66 36.70 65.91
C TYR B 287 4.47 37.91 66.34
N PRO B 288 3.89 38.88 67.05
CA PRO B 288 4.63 40.12 67.32
C PRO B 288 5.79 39.93 68.29
N GLY B 289 5.60 39.15 69.34
CA GLY B 289 6.56 39.05 70.42
C GLY B 289 7.79 38.21 70.16
N ILE B 290 7.99 37.70 68.95
CA ILE B 290 9.15 36.87 68.66
C ILE B 290 10.41 37.72 68.69
N LYS B 291 11.41 37.28 69.44
CA LYS B 291 12.68 37.98 69.54
C LYS B 291 13.81 37.02 69.18
N VAL B 292 14.84 37.53 68.52
CA VAL B 292 15.95 36.68 68.08
C VAL B 292 17.30 37.28 68.43
N ARG B 293 17.34 38.31 69.28
CA ARG B 293 18.60 39.01 69.52
C ARG B 293 19.56 38.10 70.29
N GLN B 294 19.13 37.53 71.43
CA GLN B 294 20.03 36.69 72.22
C GLN B 294 20.44 35.43 71.45
N LEU B 295 19.65 35.02 70.47
CA LEU B 295 20.04 33.86 69.68
C LEU B 295 21.08 34.25 68.64
N SER B 296 20.95 35.44 68.05
CA SER B 296 21.91 35.91 67.07
C SER B 296 23.25 36.22 67.71
N LYS B 297 23.24 36.56 69.01
CA LYS B 297 24.50 36.81 69.69
C LYS B 297 25.40 35.58 69.68
N LEU B 298 24.82 34.39 69.64
CA LEU B 298 25.60 33.17 69.63
C LEU B 298 26.41 32.99 68.36
N LEU B 299 26.07 33.70 67.28
CA LEU B 299 26.81 33.54 66.03
C LEU B 299 27.60 34.78 65.65
N ARG B 300 28.14 35.50 66.63
CA ARG B 300 28.75 36.80 66.35
C ARG B 300 30.11 36.68 65.67
N GLY B 301 30.74 35.51 65.67
CA GLY B 301 32.02 35.33 65.04
C GLY B 301 31.92 35.15 63.53
N THR B 302 32.81 34.32 62.98
CA THR B 302 32.76 33.87 61.60
C THR B 302 33.08 32.38 61.64
N LYS B 303 32.15 31.61 62.20
CA LYS B 303 32.41 30.23 62.57
C LYS B 303 32.05 29.27 61.44
N ALA B 304 32.44 28.01 61.63
CA ALA B 304 32.08 26.96 60.70
C ALA B 304 30.64 26.53 60.95
N LEU B 305 29.97 26.08 59.88
CA LEU B 305 28.57 25.74 60.00
C LEU B 305 28.36 24.59 60.96
N THR B 306 29.31 23.65 61.02
CA THR B 306 29.21 22.46 61.86
C THR B 306 29.70 22.68 63.29
N GLU B 307 30.18 23.87 63.62
CA GLU B 307 30.66 24.14 64.97
C GLU B 307 29.50 24.12 65.97
N VAL B 308 29.66 23.37 67.05
CA VAL B 308 28.64 23.32 68.10
C VAL B 308 28.72 24.60 68.93
N ILE B 309 27.57 25.21 69.16
CA ILE B 309 27.46 26.47 69.90
C ILE B 309 26.62 26.23 71.14
N PRO B 310 27.18 26.38 72.35
CA PRO B 310 26.37 26.25 73.56
C PRO B 310 25.44 27.44 73.77
N LEU B 311 24.19 27.14 74.13
CA LEU B 311 23.21 28.20 74.35
C LEU B 311 23.46 28.87 75.69
N THR B 312 23.60 30.20 75.67
CA THR B 312 23.76 30.93 76.91
C THR B 312 22.44 30.99 77.68
N GLU B 313 22.51 31.38 78.95
CA GLU B 313 21.31 31.44 79.77
C GLU B 313 20.32 32.43 79.19
N GLU B 314 20.82 33.53 78.63
CA GLU B 314 19.93 34.53 78.03
C GLU B 314 19.26 33.98 76.78
N ALA B 315 20.01 33.22 75.97
CA ALA B 315 19.46 32.68 74.74
C ALA B 315 18.48 31.56 75.03
N GLU B 316 18.75 30.75 76.05
CA GLU B 316 17.84 29.66 76.37
C GLU B 316 16.47 30.20 76.76
N LEU B 317 16.45 31.30 77.52
CA LEU B 317 15.19 31.93 77.91
C LEU B 317 14.46 32.53 76.71
N GLU B 318 15.19 33.21 75.83
CA GLU B 318 14.56 33.80 74.65
C GLU B 318 13.89 32.76 73.79
N LEU B 319 14.54 31.61 73.61
CA LEU B 319 13.91 30.53 72.86
C LEU B 319 12.65 30.01 73.56
N ALA B 320 12.73 29.74 74.87
CA ALA B 320 11.58 29.20 75.59
C ALA B 320 10.36 30.12 75.59
N GLU B 321 10.57 31.44 75.57
CA GLU B 321 9.40 32.32 75.50
C GLU B 321 8.82 32.34 74.08
N ASN B 322 9.69 32.26 73.08
CA ASN B 322 9.23 32.18 71.71
C ASN B 322 8.46 30.89 71.49
N ARG B 323 8.87 29.80 72.15
CA ARG B 323 8.09 28.56 72.08
C ARG B 323 6.70 28.79 72.63
N GLU B 324 6.58 29.59 73.68
CA GLU B 324 5.28 29.89 74.28
C GLU B 324 4.43 30.67 73.30
N ILE B 325 5.03 31.68 72.64
CA ILE B 325 4.29 32.51 71.70
C ILE B 325 3.78 31.71 70.50
N LEU B 326 4.60 30.80 69.95
CA LEU B 326 4.16 30.03 68.78
C LEU B 326 3.11 29.01 69.12
N LYS B 327 2.97 28.67 70.39
CA LYS B 327 1.99 27.74 70.92
C LYS B 327 0.68 28.44 71.21
N GLU B 328 0.73 29.70 71.64
CA GLU B 328 -0.47 30.48 71.91
C GLU B 328 -1.12 30.91 70.59
N PRO B 329 -2.45 30.97 70.54
CA PRO B 329 -3.15 31.42 69.33
C PRO B 329 -3.00 32.92 69.08
N VAL B 330 -3.12 33.30 67.80
CA VAL B 330 -3.01 34.71 67.43
C VAL B 330 -4.30 35.42 67.82
N HIS B 331 -4.16 36.63 68.34
CA HIS B 331 -5.30 37.44 68.72
C HIS B 331 -5.60 38.47 67.65
N GLY B 332 -6.86 38.92 67.59
CA GLY B 332 -7.18 40.04 66.72
C GLY B 332 -7.12 39.75 65.23
N VAL B 333 -7.53 38.56 64.82
CA VAL B 333 -7.60 38.20 63.40
C VAL B 333 -9.03 37.80 63.09
N TYR B 334 -9.76 38.69 62.41
CA TYR B 334 -11.18 38.48 62.15
C TYR B 334 -11.45 38.47 60.64
N TYR B 335 -12.50 37.77 60.26
CA TYR B 335 -12.86 37.59 58.86
C TYR B 335 -13.56 38.83 58.31
N ASP B 336 -13.16 39.27 57.12
CA ASP B 336 -13.80 40.43 56.49
C ASP B 336 -14.63 39.96 55.31
N PRO B 337 -15.97 40.04 55.39
CA PRO B 337 -16.79 39.50 54.30
C PRO B 337 -16.61 40.22 52.98
N SER B 338 -16.09 41.44 52.98
CA SER B 338 -15.89 42.21 51.74
C SER B 338 -14.61 41.84 51.00
N LYS B 339 -13.62 41.27 51.69
CA LYS B 339 -12.33 40.95 51.10
C LYS B 339 -12.30 39.50 50.65
N ASP B 340 -11.61 39.24 49.53
CA ASP B 340 -11.54 37.88 49.02
C ASP B 340 -10.67 37.03 49.95
N LEU B 341 -10.91 35.72 49.93
CA LEU B 341 -10.07 34.77 50.65
C LEU B 341 -8.95 34.26 49.76
N ILE B 342 -7.77 34.08 50.35
CA ILE B 342 -6.59 33.61 49.63
C ILE B 342 -6.00 32.42 50.37
N ALA B 343 -5.66 31.37 49.63
CA ALA B 343 -5.11 30.14 50.20
C ALA B 343 -3.79 29.80 49.50
N GLU B 344 -2.76 29.51 50.28
CA GLU B 344 -1.47 29.09 49.76
C GLU B 344 -1.13 27.70 50.29
N ILE B 345 -0.64 26.85 49.39
CA ILE B 345 -0.29 25.47 49.72
C ILE B 345 1.20 25.29 49.52
N GLN B 346 1.82 24.54 50.43
CA GLN B 346 3.23 24.21 50.36
C GLN B 346 3.41 22.70 50.30
N LYS B 347 4.17 22.23 49.31
CA LYS B 347 4.48 20.80 49.21
C LYS B 347 5.60 20.50 50.19
N GLN B 348 5.29 19.77 51.26
CA GLN B 348 6.27 19.49 52.29
C GLN B 348 6.97 18.15 52.10
N GLY B 349 6.52 17.34 51.15
CA GLY B 349 7.11 16.04 50.92
C GLY B 349 6.47 14.95 51.75
N GLN B 350 6.68 13.70 51.31
CA GLN B 350 6.11 12.52 51.96
C GLN B 350 4.59 12.61 52.01
N GLY B 351 3.99 13.10 50.92
CA GLY B 351 2.55 13.21 50.85
C GLY B 351 1.90 14.20 51.80
N GLN B 352 2.67 15.07 52.45
CA GLN B 352 2.12 16.04 53.40
C GLN B 352 2.12 17.43 52.78
N TRP B 353 1.02 18.15 52.97
CA TRP B 353 0.84 19.47 52.37
C TRP B 353 0.35 20.42 53.45
N THR B 354 1.01 21.57 53.57
CA THR B 354 0.60 22.60 54.51
C THR B 354 -0.06 23.73 53.74
N TYR B 355 -1.07 24.35 54.36
CA TYR B 355 -1.81 25.42 53.70
C TYR B 355 -2.19 26.48 54.71
N GLN B 356 -2.37 27.70 54.21
CA GLN B 356 -2.81 28.82 55.03
C GLN B 356 -3.86 29.59 54.25
N ILE B 357 -4.93 29.98 54.94
CA ILE B 357 -6.01 30.76 54.35
C ILE B 357 -6.02 32.10 55.05
N TYR B 358 -5.92 33.18 54.28
CA TYR B 358 -5.85 34.52 54.84
C TYR B 358 -6.48 35.51 53.88
N GLN B 359 -6.70 36.72 54.38
CA GLN B 359 -7.14 37.85 53.55
C GLN B 359 -6.11 38.96 53.45
N GLU B 360 -5.33 39.19 54.50
CA GLU B 360 -4.24 40.12 54.48
C GLU B 360 -2.95 39.37 54.80
N PRO B 361 -1.82 39.79 54.23
CA PRO B 361 -0.58 39.05 54.46
C PRO B 361 -0.29 38.91 55.95
N PHE B 362 0.06 37.69 56.35
CA PHE B 362 0.48 37.36 57.71
C PHE B 362 -0.66 37.49 58.72
N LYS B 363 -1.90 37.56 58.26
CA LYS B 363 -3.06 37.57 59.16
C LYS B 363 -3.94 36.37 58.80
N ASN B 364 -3.45 35.19 59.15
CA ASN B 364 -4.09 33.96 58.72
C ASN B 364 -5.41 33.75 59.46
N LEU B 365 -6.43 33.37 58.73
CA LEU B 365 -7.69 32.97 59.35
C LEU B 365 -7.70 31.50 59.75
N LYS B 366 -6.83 30.69 59.16
CA LYS B 366 -6.69 29.28 59.49
C LYS B 366 -5.42 28.75 58.87
N THR B 367 -4.69 27.93 59.62
CA THR B 367 -3.53 27.21 59.11
C THR B 367 -3.72 25.74 59.42
N GLY B 368 -3.72 24.92 58.37
CA GLY B 368 -4.00 23.50 58.49
C GLY B 368 -2.95 22.64 57.82
N LYS B 369 -3.21 21.33 57.86
CA LYS B 369 -2.34 20.32 57.28
C LYS B 369 -3.18 19.17 56.76
N TYR B 370 -2.86 18.71 55.57
CA TYR B 370 -3.58 17.59 54.98
C TYR B 370 -2.51 16.58 54.59
N ALA B 371 -2.76 15.30 54.81
CA ALA B 371 -1.71 14.34 54.52
C ALA B 371 -2.31 13.04 54.05
N ARG B 372 -1.45 12.18 53.53
CA ARG B 372 -1.80 10.81 53.15
C ARG B 372 -3.08 10.83 52.33
N MET B 373 -2.98 11.47 51.16
CA MET B 373 -4.12 11.56 50.25
C MET B 373 -3.88 10.62 49.07
N ARG B 374 -4.83 10.58 48.15
CA ARG B 374 -4.85 9.53 47.15
C ARG B 374 -3.57 9.54 46.32
N GLY B 375 -3.33 8.51 45.54
CA GLY B 375 -2.08 8.45 44.79
C GLY B 375 -0.94 8.52 45.75
N ALA B 376 -0.83 7.52 46.61
CA ALA B 376 0.20 7.56 47.63
C ALA B 376 1.56 7.36 47.06
N HIS B 377 2.43 8.34 47.26
CA HIS B 377 3.82 8.23 46.82
C HIS B 377 3.99 7.92 45.35
N THR B 378 3.05 8.37 44.54
CA THR B 378 3.15 8.17 43.12
C THR B 378 2.63 9.43 42.51
N ASN B 379 1.42 9.81 42.87
CA ASN B 379 0.77 10.96 42.22
C ASN B 379 0.79 12.21 43.09
N ASP B 380 1.69 13.15 42.79
CA ASP B 380 1.69 14.42 43.48
C ASP B 380 0.46 15.25 43.13
N VAL B 381 0.05 15.21 41.86
CA VAL B 381 -1.04 16.05 41.40
C VAL B 381 -2.37 15.59 41.98
N LYS B 382 -2.60 14.29 42.04
CA LYS B 382 -3.80 13.79 42.69
C LYS B 382 -3.89 14.32 44.13
N GLN B 383 -2.75 14.39 44.82
CA GLN B 383 -2.74 14.94 46.17
C GLN B 383 -3.17 16.41 46.18
N LEU B 384 -2.47 17.24 45.41
CA LEU B 384 -2.77 18.67 45.36
C LEU B 384 -4.21 18.96 44.97
N THR B 385 -4.75 18.21 44.01
CA THR B 385 -6.14 18.45 43.59
C THR B 385 -7.10 18.14 44.73
N GLU B 386 -6.82 17.10 45.51
CA GLU B 386 -7.65 16.78 46.65
C GLU B 386 -7.48 17.84 47.73
N ALA B 387 -6.25 18.28 47.98
CA ALA B 387 -6.02 19.31 49.00
C ALA B 387 -6.74 20.62 48.67
N VAL B 388 -6.74 21.02 47.38
CA VAL B 388 -7.44 22.24 46.99
C VAL B 388 -8.94 22.11 47.29
N GLN B 389 -9.49 20.92 47.04
CA GLN B 389 -10.91 20.70 47.28
C GLN B 389 -11.20 20.70 48.77
N LYS B 390 -10.31 20.11 49.56
CA LYS B 390 -10.51 20.03 51.00
C LYS B 390 -10.37 21.41 51.62
N ILE B 391 -9.43 22.22 51.12
CA ILE B 391 -9.31 23.60 51.60
C ILE B 391 -10.52 24.42 51.22
N THR B 392 -11.00 24.27 49.98
CA THR B 392 -12.20 24.96 49.53
C THR B 392 -13.44 24.56 50.32
N THR B 393 -13.62 23.25 50.56
CA THR B 393 -14.76 22.82 51.36
C THR B 393 -14.78 23.51 52.70
N GLU B 394 -13.62 23.62 53.35
CA GLU B 394 -13.54 24.30 54.64
C GLU B 394 -13.90 25.77 54.51
N SER B 395 -13.46 26.42 53.43
CA SER B 395 -13.77 27.84 53.28
C SER B 395 -15.26 28.07 53.07
N ILE B 396 -15.93 27.16 52.36
CA ILE B 396 -17.38 27.27 52.20
C ILE B 396 -18.09 27.01 53.51
N VAL B 397 -17.60 26.03 54.28
CA VAL B 397 -18.25 25.69 55.55
C VAL B 397 -18.04 26.78 56.58
N ILE B 398 -16.83 27.35 56.63
CA ILE B 398 -16.49 28.28 57.70
C ILE B 398 -16.99 29.68 57.37
N TRP B 399 -16.70 30.18 56.16
CA TRP B 399 -17.02 31.56 55.80
C TRP B 399 -18.04 31.69 54.66
N GLY B 400 -18.35 30.62 53.94
CA GLY B 400 -19.26 30.72 52.82
C GLY B 400 -18.69 31.34 51.56
N LYS B 401 -17.37 31.45 51.46
CA LYS B 401 -16.67 31.97 50.30
C LYS B 401 -15.73 30.90 49.77
N THR B 402 -15.14 31.15 48.60
CA THR B 402 -14.09 30.30 48.09
C THR B 402 -12.80 31.11 47.93
N PRO B 403 -11.66 30.59 48.37
CA PRO B 403 -10.42 31.36 48.29
C PRO B 403 -9.74 31.24 46.94
N LYS B 404 -8.96 32.27 46.61
CA LYS B 404 -8.09 32.22 45.45
C LYS B 404 -6.82 31.47 45.83
N PHE B 405 -6.51 30.42 45.09
CA PHE B 405 -5.43 29.52 45.46
C PHE B 405 -4.14 29.91 44.76
N LYS B 406 -3.03 29.89 45.51
CA LYS B 406 -1.69 30.04 44.95
C LYS B 406 -1.07 28.64 44.92
N LEU B 407 -1.15 28.01 43.76
CA LEU B 407 -0.82 26.60 43.62
C LEU B 407 0.68 26.43 43.39
N PRO B 408 1.33 25.54 44.12
CA PRO B 408 2.76 25.24 43.89
C PRO B 408 2.93 24.18 42.80
N ILE B 409 2.59 24.58 41.58
CA ILE B 409 2.61 23.65 40.45
C ILE B 409 2.75 24.47 39.18
N GLN B 410 3.36 23.88 38.17
CA GLN B 410 3.49 24.47 36.84
C GLN B 410 2.12 24.60 36.15
N LYS B 411 1.96 25.68 35.38
CA LYS B 411 0.66 25.93 34.75
C LYS B 411 0.23 24.78 33.85
N GLU B 412 1.15 24.26 33.04
CA GLU B 412 0.76 23.21 32.11
C GLU B 412 0.62 21.88 32.82
N THR B 413 1.43 21.63 33.84
CA THR B 413 1.26 20.42 34.64
C THR B 413 -0.12 20.37 35.31
N TRP B 414 -0.62 21.52 35.78
CA TRP B 414 -1.92 21.51 36.44
C TRP B 414 -3.07 21.39 35.43
N GLU B 415 -3.06 22.22 34.39
CA GLU B 415 -4.14 22.21 33.41
C GLU B 415 -4.24 20.91 32.63
N THR B 416 -3.16 20.13 32.58
CA THR B 416 -3.18 18.86 31.86
C THR B 416 -3.92 17.76 32.61
N TRP B 417 -3.89 17.80 33.94
CA TRP B 417 -4.28 16.66 34.76
C TRP B 417 -5.38 16.96 35.77
N TRP B 418 -5.65 18.23 36.06
CA TRP B 418 -6.51 18.55 37.20
C TRP B 418 -7.93 18.04 37.00
N THR B 419 -8.43 18.04 35.76
CA THR B 419 -9.79 17.56 35.52
C THR B 419 -9.94 16.08 35.80
N GLU B 420 -8.82 15.33 35.81
CA GLU B 420 -8.90 13.90 35.99
C GLU B 420 -9.14 13.50 37.44
N TYR B 421 -8.94 14.41 38.39
CA TYR B 421 -9.11 14.09 39.80
C TYR B 421 -10.10 15.03 40.49
N TRP B 422 -10.82 15.86 39.74
CA TRP B 422 -11.78 16.79 40.34
C TRP B 422 -13.12 16.11 40.48
N GLN B 423 -13.76 16.33 41.64
CA GLN B 423 -15.07 15.75 41.88
C GLN B 423 -16.04 16.73 42.54
N ALA B 424 -15.69 18.00 42.65
CA ALA B 424 -16.57 19.00 43.23
C ALA B 424 -17.39 19.68 42.13
N THR B 425 -18.54 20.23 42.53
CA THR B 425 -19.38 20.93 41.57
C THR B 425 -18.95 22.38 41.36
N TRP B 426 -18.11 22.94 42.23
CA TRP B 426 -17.59 24.30 42.09
C TRP B 426 -16.13 24.25 41.65
N ILE B 427 -15.65 25.39 41.16
CA ILE B 427 -14.25 25.54 40.78
C ILE B 427 -13.71 26.86 41.32
N PRO B 428 -12.75 26.83 42.25
CA PRO B 428 -12.16 28.06 42.79
C PRO B 428 -11.20 28.71 41.81
N GLU B 429 -11.00 30.00 42.00
CA GLU B 429 -10.00 30.72 41.22
C GLU B 429 -8.61 30.34 41.70
N TRP B 430 -7.66 30.30 40.78
CA TRP B 430 -6.31 29.93 41.16
C TRP B 430 -5.30 30.66 40.29
N GLU B 431 -4.08 30.74 40.80
CA GLU B 431 -2.93 31.19 40.02
C GLU B 431 -1.76 30.30 40.41
N PHE B 432 -0.70 30.35 39.60
CA PHE B 432 0.42 29.44 39.79
C PHE B 432 1.65 30.27 40.14
N VAL B 433 2.41 29.77 41.12
CA VAL B 433 3.55 30.48 41.67
C VAL B 433 4.70 29.50 41.80
N ASN B 434 5.92 30.00 41.67
CA ASN B 434 7.11 29.17 41.91
C ASN B 434 7.79 29.63 43.18
N THR B 435 7.50 28.94 44.26
CA THR B 435 7.91 29.41 45.58
C THR B 435 9.28 28.84 45.91
N PRO B 436 10.20 29.61 46.48
CA PRO B 436 11.46 29.02 46.91
C PRO B 436 11.24 28.16 48.15
N PRO B 437 11.88 27.04 48.23
CA PRO B 437 11.59 26.10 49.33
C PRO B 437 12.23 26.51 50.65
N LEU B 438 12.12 27.78 50.98
CA LEU B 438 12.65 28.21 52.26
C LEU B 438 11.52 28.25 53.23
N VAL B 439 10.35 27.79 52.81
CA VAL B 439 9.19 27.71 53.71
C VAL B 439 9.17 26.38 54.42
N LYS B 440 10.16 26.15 55.28
CA LYS B 440 10.21 24.94 56.08
C LYS B 440 9.67 25.43 57.38
N LEU B 441 9.05 26.59 57.34
CA LEU B 441 8.62 27.23 58.54
C LEU B 441 7.18 26.98 58.91
N TRP B 442 6.58 25.97 58.34
CA TRP B 442 5.21 25.56 58.59
C TRP B 442 5.08 24.10 58.97
N TYR B 443 6.02 23.26 58.57
CA TYR B 443 5.99 21.87 59.00
C TYR B 443 7.39 21.48 59.43
N GLN B 444 7.47 20.95 60.64
CA GLN B 444 8.67 20.64 61.40
C GLN B 444 9.80 20.02 60.57
N PRO E 6 -34.33 -11.49 -35.89
CA PRO E 6 -34.61 -11.48 -37.34
C PRO E 6 -33.44 -12.01 -38.15
N ILE E 7 -32.42 -12.51 -37.47
CA ILE E 7 -31.23 -13.03 -38.12
C ILE E 7 -31.49 -14.46 -38.56
N GLU E 8 -30.84 -14.88 -39.64
CA GLU E 8 -31.07 -16.24 -40.11
C GLU E 8 -30.47 -17.23 -39.12
N THR E 9 -31.15 -18.34 -38.91
CA THR E 9 -30.67 -19.34 -37.98
C THR E 9 -29.45 -20.06 -38.56
N VAL E 10 -28.61 -20.57 -37.66
CA VAL E 10 -27.39 -21.29 -38.03
C VAL E 10 -27.71 -22.78 -38.05
N PRO E 11 -27.39 -23.48 -39.13
CA PRO E 11 -27.75 -24.91 -39.22
C PRO E 11 -26.94 -25.73 -38.23
N VAL E 12 -27.66 -26.48 -37.40
CA VAL E 12 -27.08 -27.29 -36.35
C VAL E 12 -27.54 -28.73 -36.54
N LYS E 13 -26.59 -29.66 -36.40
CA LYS E 13 -26.83 -31.09 -36.59
C LYS E 13 -26.37 -31.84 -35.36
N LEU E 14 -26.79 -33.09 -35.27
CA LEU E 14 -26.31 -33.97 -34.23
C LEU E 14 -25.07 -34.71 -34.72
N LYS E 15 -24.40 -35.36 -33.78
CA LYS E 15 -23.26 -36.20 -34.16
C LYS E 15 -23.74 -37.34 -35.05
N PRO E 16 -22.99 -37.69 -36.08
CA PRO E 16 -23.46 -38.71 -37.03
C PRO E 16 -23.73 -40.04 -36.35
N GLY E 17 -24.96 -40.54 -36.54
CA GLY E 17 -25.37 -41.83 -36.01
C GLY E 17 -25.87 -41.77 -34.58
N MET E 18 -26.35 -40.62 -34.14
CA MET E 18 -26.89 -40.45 -32.80
C MET E 18 -28.23 -39.75 -32.84
N ASP E 19 -29.13 -40.20 -31.98
CA ASP E 19 -30.47 -39.63 -31.88
C ASP E 19 -30.42 -38.48 -30.88
N GLY E 20 -31.58 -37.93 -30.55
CA GLY E 20 -31.68 -36.88 -29.58
C GLY E 20 -31.66 -37.46 -28.18
N PRO E 21 -31.71 -36.60 -27.18
CA PRO E 21 -31.68 -37.11 -25.81
C PRO E 21 -33.05 -37.59 -25.41
N LYS E 22 -33.06 -38.63 -24.58
CA LYS E 22 -34.26 -39.21 -24.05
C LYS E 22 -33.94 -39.53 -22.59
N VAL E 23 -33.80 -38.48 -21.81
CA VAL E 23 -33.47 -38.60 -20.40
C VAL E 23 -34.77 -38.47 -19.64
N LYS E 24 -34.87 -39.20 -18.55
CA LYS E 24 -36.07 -39.17 -17.75
C LYS E 24 -36.04 -37.95 -16.86
N GLN E 25 -37.22 -37.44 -16.51
CA GLN E 25 -37.28 -36.28 -15.63
C GLN E 25 -37.34 -36.75 -14.19
N TRP E 26 -36.50 -36.17 -13.37
CA TRP E 26 -36.54 -36.50 -11.95
C TRP E 26 -37.54 -35.62 -11.21
N PRO E 27 -38.09 -36.12 -10.11
CA PRO E 27 -39.08 -35.35 -9.36
C PRO E 27 -38.52 -34.08 -8.75
N LEU E 28 -39.39 -33.07 -8.65
CA LEU E 28 -39.05 -31.77 -8.10
C LEU E 28 -39.95 -31.53 -6.90
N THR E 29 -39.54 -30.60 -6.04
CA THR E 29 -40.41 -30.23 -4.93
C THR E 29 -41.55 -29.35 -5.43
N GLU E 30 -42.54 -29.17 -4.56
CA GLU E 30 -43.73 -28.44 -4.97
C GLU E 30 -43.42 -26.96 -5.12
N GLU E 31 -42.38 -26.47 -4.42
CA GLU E 31 -41.99 -25.08 -4.55
C GLU E 31 -41.20 -24.87 -5.83
N LYS E 32 -40.37 -25.85 -6.22
CA LYS E 32 -39.62 -25.75 -7.48
C LYS E 32 -40.59 -25.87 -8.66
N ILE E 33 -41.64 -26.69 -8.50
CA ILE E 33 -42.54 -26.98 -9.59
C ILE E 33 -43.31 -25.73 -9.98
N LYS E 34 -43.87 -25.04 -8.98
CA LYS E 34 -44.64 -23.83 -9.26
C LYS E 34 -43.76 -22.76 -9.89
N ALA E 35 -42.48 -22.70 -9.50
CA ALA E 35 -41.58 -21.72 -10.08
C ALA E 35 -41.29 -22.02 -11.54
N LEU E 36 -41.27 -23.30 -11.91
CA LEU E 36 -40.99 -23.67 -13.30
C LEU E 36 -42.19 -23.38 -14.19
N VAL E 37 -43.39 -23.69 -13.72
CA VAL E 37 -44.59 -23.45 -14.53
C VAL E 37 -44.77 -21.96 -14.78
N GLU E 38 -44.51 -21.14 -13.76
CA GLU E 38 -44.60 -19.69 -13.95
C GLU E 38 -43.53 -19.16 -14.90
N ILE E 39 -42.31 -19.69 -14.80
CA ILE E 39 -41.25 -19.23 -15.69
C ILE E 39 -41.49 -19.70 -17.11
N CYS E 40 -41.84 -20.98 -17.28
CA CYS E 40 -42.00 -21.50 -18.64
C CYS E 40 -43.19 -20.90 -19.36
N THR E 41 -44.27 -20.57 -18.64
CA THR E 41 -45.39 -19.90 -19.29
C THR E 41 -45.03 -18.49 -19.71
N GLU E 42 -44.17 -17.82 -18.93
CA GLU E 42 -43.76 -16.46 -19.28
C GLU E 42 -42.85 -16.50 -20.50
N MET E 43 -41.86 -17.39 -20.48
CA MET E 43 -40.98 -17.50 -21.63
C MET E 43 -41.69 -18.05 -22.85
N GLU E 44 -42.84 -18.71 -22.68
CA GLU E 44 -43.64 -19.08 -23.85
C GLU E 44 -44.27 -17.87 -24.52
N LYS E 45 -44.82 -16.95 -23.73
CA LYS E 45 -45.44 -15.76 -24.31
C LYS E 45 -44.38 -14.90 -24.97
N GLU E 46 -43.19 -14.77 -24.33
CA GLU E 46 -42.12 -13.99 -24.91
C GLU E 46 -41.57 -14.61 -26.19
N GLY E 47 -42.03 -15.81 -26.54
CA GLY E 47 -41.62 -16.52 -27.73
C GLY E 47 -40.35 -17.34 -27.62
N LYS E 48 -39.71 -17.38 -26.45
CA LYS E 48 -38.48 -18.16 -26.35
C LYS E 48 -38.75 -19.66 -26.31
N ILE E 49 -39.97 -20.06 -25.95
CA ILE E 49 -40.33 -21.45 -25.72
C ILE E 49 -41.70 -21.71 -26.31
N SER E 50 -41.88 -22.89 -26.90
CA SER E 50 -43.16 -23.30 -27.45
C SER E 50 -43.62 -24.61 -26.84
N LYS E 51 -44.94 -24.76 -26.76
CA LYS E 51 -45.54 -25.99 -26.25
C LYS E 51 -45.41 -27.10 -27.28
N ILE E 52 -45.21 -28.32 -26.78
CA ILE E 52 -45.18 -29.52 -27.61
C ILE E 52 -45.95 -30.62 -26.88
N GLY E 53 -46.21 -31.71 -27.59
CA GLY E 53 -46.97 -32.79 -27.03
C GLY E 53 -46.22 -34.10 -27.13
N PRO E 54 -46.95 -35.22 -27.25
CA PRO E 54 -46.29 -36.52 -27.27
C PRO E 54 -45.60 -36.88 -28.58
N GLU E 55 -45.87 -36.15 -29.67
CA GLU E 55 -45.20 -36.45 -30.93
C GLU E 55 -43.68 -36.35 -30.82
N ASN E 56 -43.18 -35.44 -30.00
CA ASN E 56 -41.74 -35.36 -29.78
C ASN E 56 -41.33 -36.41 -28.76
N PRO E 57 -40.44 -37.34 -29.10
CA PRO E 57 -40.00 -38.37 -28.15
C PRO E 57 -38.82 -37.99 -27.28
N TYR E 58 -38.29 -36.78 -27.40
CA TYR E 58 -37.05 -36.43 -26.73
C TYR E 58 -37.33 -35.76 -25.40
N ASN E 59 -36.34 -35.75 -24.51
CA ASN E 59 -36.52 -35.09 -23.24
C ASN E 59 -35.15 -34.77 -22.62
N THR E 60 -35.10 -33.66 -21.88
CA THR E 60 -33.91 -33.22 -21.17
C THR E 60 -34.30 -32.81 -19.75
N PRO E 61 -33.57 -33.25 -18.72
CA PRO E 61 -33.93 -32.89 -17.34
C PRO E 61 -33.79 -31.40 -17.07
N VAL E 62 -34.77 -30.86 -16.34
CA VAL E 62 -34.80 -29.45 -15.94
C VAL E 62 -35.05 -29.37 -14.43
N PHE E 63 -34.26 -28.57 -13.74
CA PHE E 63 -34.44 -28.25 -12.32
C PHE E 63 -34.41 -26.73 -12.12
N ALA E 64 -34.47 -26.29 -10.86
CA ALA E 64 -34.43 -24.88 -10.55
C ALA E 64 -33.66 -24.64 -9.25
N CYS E 65 -32.83 -23.61 -9.27
CA CYS E 65 -32.05 -23.12 -8.12
C CYS E 65 -32.35 -21.65 -7.88
N LYS E 66 -32.00 -21.18 -6.68
CA LYS E 66 -32.20 -19.78 -6.31
C LYS E 66 -31.39 -18.83 -7.18
N LYS E 67 -31.94 -17.63 -7.38
CA LYS E 67 -31.43 -16.66 -8.34
C LYS E 67 -30.12 -16.04 -7.84
N LYS E 68 -29.45 -15.32 -8.74
CA LYS E 68 -28.17 -14.67 -8.45
C LYS E 68 -28.46 -13.38 -7.66
N ASP E 69 -28.11 -13.38 -6.38
CA ASP E 69 -28.34 -12.23 -5.51
C ASP E 69 -29.81 -11.80 -5.50
N SER E 70 -30.69 -12.76 -5.23
CA SER E 70 -32.12 -12.48 -5.22
C SER E 70 -32.85 -13.63 -4.54
N THR E 71 -34.16 -13.47 -4.32
CA THR E 71 -34.97 -14.52 -3.69
C THR E 71 -35.78 -15.21 -4.75
N LYS E 72 -35.67 -14.75 -5.99
CA LYS E 72 -36.43 -15.32 -7.08
C LYS E 72 -35.78 -16.60 -7.54
N TRP E 73 -36.44 -17.30 -8.44
CA TRP E 73 -35.87 -18.53 -8.95
C TRP E 73 -35.27 -18.40 -10.34
N ARG E 74 -34.53 -19.41 -10.76
CA ARG E 74 -33.87 -19.43 -12.05
C ARG E 74 -34.02 -20.83 -12.63
N LYS E 75 -34.43 -20.91 -13.89
CA LYS E 75 -34.58 -22.19 -14.54
C LYS E 75 -33.29 -22.65 -15.14
N LEU E 76 -32.90 -23.85 -14.78
CA LEU E 76 -31.68 -24.46 -15.29
C LEU E 76 -31.98 -25.81 -15.92
N VAL E 77 -31.45 -26.05 -17.11
CA VAL E 77 -31.71 -27.26 -17.88
C VAL E 77 -30.39 -28.03 -18.02
N ASP E 78 -30.44 -29.34 -17.78
CA ASP E 78 -29.23 -30.18 -17.84
C ASP E 78 -29.07 -30.74 -19.24
N PHE E 79 -28.31 -30.03 -20.09
CA PHE E 79 -28.14 -30.49 -21.47
C PHE E 79 -26.95 -31.42 -21.62
N ARG E 80 -26.70 -32.25 -20.61
CA ARG E 80 -25.50 -33.06 -20.64
C ARG E 80 -25.57 -34.04 -21.80
N GLU E 81 -26.73 -34.69 -21.94
CA GLU E 81 -26.88 -35.74 -22.94
C GLU E 81 -26.91 -35.15 -24.34
N LEU E 82 -27.67 -34.07 -24.51
CA LEU E 82 -27.75 -33.42 -25.82
C LEU E 82 -26.38 -32.90 -26.27
N ASN E 83 -25.60 -32.32 -25.35
CA ASN E 83 -24.27 -31.85 -25.71
C ASN E 83 -23.34 -32.98 -26.14
N LYS E 84 -23.50 -34.17 -25.56
CA LYS E 84 -22.72 -35.31 -26.01
C LYS E 84 -23.09 -35.69 -27.44
N ARG E 85 -24.36 -35.61 -27.78
CA ARG E 85 -24.84 -35.98 -29.11
C ARG E 85 -24.76 -34.83 -30.11
N THR E 86 -24.63 -33.58 -29.64
CA THR E 86 -24.57 -32.44 -30.55
C THR E 86 -23.23 -32.37 -31.26
N GLN E 87 -23.27 -32.01 -32.54
CA GLN E 87 -22.05 -31.86 -33.33
C GLN E 87 -21.07 -30.93 -32.64
N ASP E 88 -19.78 -31.11 -32.94
CA ASP E 88 -18.76 -30.19 -32.47
C ASP E 88 -18.76 -28.92 -33.31
N PHE E 89 -18.26 -27.83 -32.71
CA PHE E 89 -18.12 -26.56 -33.40
C PHE E 89 -16.70 -26.08 -33.28
N TRP E 90 -16.28 -25.26 -34.25
CA TRP E 90 -15.00 -24.56 -34.16
C TRP E 90 -15.21 -23.16 -33.59
N GLU E 91 -14.88 -22.99 -32.31
CA GLU E 91 -15.05 -21.70 -31.64
C GLU E 91 -14.06 -20.68 -32.16
N VAL E 92 -14.58 -19.56 -32.66
CA VAL E 92 -13.79 -18.49 -33.26
C VAL E 92 -13.13 -17.62 -32.20
N GLN E 93 -13.32 -17.95 -30.92
CA GLN E 93 -12.76 -17.22 -29.80
C GLN E 93 -11.52 -17.97 -29.35
N LEU E 94 -10.35 -17.36 -29.57
CA LEU E 94 -9.04 -17.95 -29.31
C LEU E 94 -8.31 -17.32 -28.12
N GLY E 95 -9.04 -16.74 -27.19
CA GLY E 95 -8.45 -16.13 -26.01
C GLY E 95 -9.28 -14.97 -25.51
N ILE E 96 -8.82 -14.37 -24.42
CA ILE E 96 -9.48 -13.23 -23.80
C ILE E 96 -8.74 -11.95 -24.16
N PRO E 97 -9.43 -10.88 -24.56
CA PRO E 97 -8.78 -9.59 -24.81
C PRO E 97 -8.10 -8.99 -23.59
N HIS E 98 -6.78 -8.78 -23.67
CA HIS E 98 -6.07 -8.23 -22.52
C HIS E 98 -6.14 -6.70 -22.54
N PRO E 99 -6.51 -6.05 -21.43
CA PRO E 99 -6.61 -4.58 -21.44
C PRO E 99 -5.30 -3.90 -21.82
N ALA E 100 -4.16 -4.58 -21.62
CA ALA E 100 -2.85 -4.06 -21.98
C ALA E 100 -2.68 -3.90 -23.49
N GLY E 101 -3.52 -4.54 -24.28
CA GLY E 101 -3.46 -4.37 -25.72
C GLY E 101 -4.36 -3.29 -26.27
N LEU E 102 -5.07 -2.57 -25.41
CA LEU E 102 -5.93 -1.49 -25.88
C LEU E 102 -5.11 -0.22 -26.07
N LYS E 103 -5.55 0.60 -27.01
CA LYS E 103 -4.97 1.92 -27.19
C LYS E 103 -5.78 2.93 -26.42
N LYS E 104 -5.17 4.09 -26.13
CA LYS E 104 -5.93 5.12 -25.44
C LYS E 104 -6.92 5.77 -26.39
N LYS E 105 -8.14 5.96 -25.90
CA LYS E 105 -9.22 6.56 -26.67
C LYS E 105 -9.82 7.72 -25.90
N LYS E 106 -10.24 8.74 -26.63
CA LYS E 106 -10.83 9.91 -25.99
C LYS E 106 -12.09 9.54 -25.24
N SER E 107 -12.94 8.71 -25.83
CA SER E 107 -14.19 8.29 -25.21
C SER E 107 -14.37 6.78 -25.33
N VAL E 108 -14.84 6.16 -24.26
CA VAL E 108 -15.02 4.72 -24.20
C VAL E 108 -16.39 4.43 -23.60
N THR E 109 -17.05 3.38 -24.11
CA THR E 109 -18.34 2.94 -23.60
C THR E 109 -18.42 1.41 -23.61
N VAL E 110 -18.89 0.83 -22.51
CA VAL E 110 -19.04 -0.61 -22.37
C VAL E 110 -20.54 -0.94 -22.32
N LEU E 111 -21.00 -1.77 -23.25
CA LEU E 111 -22.40 -2.18 -23.33
C LEU E 111 -22.55 -3.66 -22.97
N ASP E 112 -23.69 -4.00 -22.35
CA ASP E 112 -24.00 -5.38 -21.97
C ASP E 112 -25.34 -5.84 -22.55
N VAL E 113 -25.30 -6.68 -23.59
CA VAL E 113 -26.50 -7.15 -24.27
C VAL E 113 -27.32 -8.03 -23.34
N GLY E 114 -28.60 -7.70 -23.18
CA GLY E 114 -29.51 -8.47 -22.32
C GLY E 114 -30.28 -9.54 -23.08
N ASP E 115 -30.51 -10.67 -22.40
CA ASP E 115 -31.20 -11.83 -22.99
C ASP E 115 -30.54 -12.22 -24.32
N ALA E 116 -29.23 -12.43 -24.24
CA ALA E 116 -28.44 -12.56 -25.45
C ALA E 116 -28.76 -13.87 -26.14
N TYR E 117 -28.50 -14.99 -25.49
CA TYR E 117 -28.84 -16.28 -26.09
C TYR E 117 -30.33 -16.32 -26.45
N PHE E 118 -31.18 -15.69 -25.65
CA PHE E 118 -32.62 -15.70 -25.90
C PHE E 118 -33.02 -14.86 -27.11
N SER E 119 -32.10 -14.09 -27.68
CA SER E 119 -32.41 -13.21 -28.79
C SER E 119 -32.00 -13.79 -30.14
N VAL E 120 -31.41 -14.98 -30.14
CA VAL E 120 -30.91 -15.63 -31.35
C VAL E 120 -31.72 -16.90 -31.57
N PRO E 121 -32.34 -17.07 -32.74
CA PRO E 121 -33.17 -18.25 -32.97
C PRO E 121 -32.34 -19.50 -33.15
N LEU E 122 -32.96 -20.62 -32.86
CA LEU E 122 -32.33 -21.92 -33.03
C LEU E 122 -32.78 -22.52 -34.35
N ASP E 123 -31.97 -23.44 -34.88
CA ASP E 123 -32.33 -24.09 -36.14
C ASP E 123 -33.65 -24.82 -35.98
N GLU E 124 -34.59 -24.52 -36.87
CA GLU E 124 -35.93 -25.09 -36.75
C GLU E 124 -35.88 -26.62 -36.77
N ASP E 125 -34.98 -27.18 -37.59
CA ASP E 125 -34.80 -28.62 -37.66
C ASP E 125 -34.21 -29.21 -36.39
N PHE E 126 -33.64 -28.39 -35.51
CA PHE E 126 -32.97 -28.86 -34.29
C PHE E 126 -33.77 -28.63 -33.02
N ARG E 127 -34.82 -27.80 -33.07
CA ARG E 127 -35.55 -27.43 -31.87
C ARG E 127 -36.19 -28.63 -31.17
N LYS E 128 -36.40 -29.73 -31.89
CA LYS E 128 -37.05 -30.89 -31.29
C LYS E 128 -36.18 -31.57 -30.23
N TYR E 129 -34.87 -31.44 -30.33
CA TYR E 129 -33.99 -32.13 -29.39
C TYR E 129 -33.89 -31.46 -28.04
N THR E 130 -34.36 -30.21 -27.91
CA THR E 130 -34.29 -29.47 -26.65
C THR E 130 -35.57 -29.60 -25.84
N ALA E 131 -36.29 -30.71 -25.99
CA ALA E 131 -37.56 -30.89 -25.32
C ALA E 131 -37.37 -31.21 -23.85
N PHE E 132 -38.28 -30.71 -23.02
CA PHE E 132 -38.25 -30.99 -21.60
C PHE E 132 -39.67 -30.93 -21.06
N THR E 133 -39.88 -31.61 -19.94
CA THR E 133 -41.18 -31.74 -19.32
C THR E 133 -41.12 -31.20 -17.89
N ILE E 134 -42.14 -30.46 -17.48
CA ILE E 134 -42.27 -30.01 -16.10
C ILE E 134 -43.07 -31.06 -15.36
N PRO E 135 -42.46 -31.82 -14.45
CA PRO E 135 -43.24 -32.76 -13.65
C PRO E 135 -44.27 -32.04 -12.80
N SER E 136 -45.36 -32.73 -12.51
CA SER E 136 -46.39 -32.16 -11.67
C SER E 136 -46.26 -32.73 -10.27
N ILE E 137 -46.89 -32.05 -9.33
CA ILE E 137 -46.84 -32.51 -7.94
C ILE E 137 -47.42 -33.91 -7.85
N ASN E 138 -48.59 -34.10 -8.44
CA ASN E 138 -49.19 -35.42 -8.60
C ASN E 138 -48.48 -36.17 -9.72
N ASN E 139 -47.96 -37.35 -9.40
CA ASN E 139 -47.14 -38.08 -10.36
C ASN E 139 -47.99 -38.59 -11.52
N GLU E 140 -49.29 -38.77 -11.30
CA GLU E 140 -50.17 -39.26 -12.35
C GLU E 140 -50.41 -38.21 -13.42
N THR E 141 -50.24 -36.93 -13.12
CA THR E 141 -50.35 -35.90 -14.15
C THR E 141 -49.13 -35.96 -15.07
N PRO E 142 -49.31 -35.96 -16.40
CA PRO E 142 -48.15 -36.12 -17.30
C PRO E 142 -47.14 -34.99 -17.20
N GLY E 143 -47.56 -33.78 -16.88
CA GLY E 143 -46.69 -32.62 -16.88
C GLY E 143 -46.71 -31.88 -18.19
N ILE E 144 -46.12 -30.68 -18.19
CA ILE E 144 -46.11 -29.80 -19.35
C ILE E 144 -44.83 -30.00 -20.14
N ARG E 145 -44.93 -29.93 -21.47
CA ARG E 145 -43.82 -30.23 -22.34
C ARG E 145 -43.54 -29.04 -23.25
N TYR E 146 -42.30 -28.61 -23.28
CA TYR E 146 -41.86 -27.45 -24.05
C TYR E 146 -40.69 -27.85 -24.94
N GLN E 147 -40.33 -26.93 -25.82
CA GLN E 147 -39.13 -27.07 -26.64
C GLN E 147 -38.56 -25.67 -26.82
N TYR E 148 -37.27 -25.62 -27.17
CA TYR E 148 -36.57 -24.35 -27.27
C TYR E 148 -36.64 -23.80 -28.68
N ASN E 149 -36.96 -22.51 -28.79
CA ASN E 149 -36.91 -21.79 -30.06
C ASN E 149 -35.67 -20.93 -30.22
N VAL E 150 -34.89 -20.73 -29.15
CA VAL E 150 -33.69 -19.90 -29.17
C VAL E 150 -32.53 -20.70 -28.58
N LEU E 151 -31.35 -20.09 -28.60
CA LEU E 151 -30.18 -20.74 -28.04
C LEU E 151 -30.37 -20.91 -26.54
N PRO E 152 -30.39 -22.13 -26.01
CA PRO E 152 -30.58 -22.30 -24.58
C PRO E 152 -29.28 -22.14 -23.81
N GLN E 153 -29.41 -21.64 -22.58
CA GLN E 153 -28.25 -21.51 -21.70
C GLN E 153 -27.83 -22.90 -21.20
N GLY E 154 -26.61 -23.28 -21.52
CA GLY E 154 -26.10 -24.58 -21.16
C GLY E 154 -25.95 -25.56 -22.30
N TRP E 155 -26.16 -25.14 -23.54
CA TRP E 155 -26.00 -26.00 -24.69
C TRP E 155 -24.61 -25.79 -25.28
N LYS E 156 -24.09 -26.83 -25.93
CA LYS E 156 -22.70 -26.78 -26.39
C LYS E 156 -22.50 -25.73 -27.48
N GLY E 157 -23.47 -25.59 -28.37
CA GLY E 157 -23.31 -24.68 -29.49
C GLY E 157 -23.77 -23.26 -29.24
N SER E 158 -24.35 -22.98 -28.08
CA SER E 158 -24.87 -21.63 -27.83
C SER E 158 -23.78 -20.56 -27.85
N PRO E 159 -22.65 -20.73 -27.16
CA PRO E 159 -21.61 -19.69 -27.25
C PRO E 159 -21.09 -19.50 -28.66
N ALA E 160 -20.77 -20.59 -29.35
CA ALA E 160 -20.20 -20.49 -30.69
C ALA E 160 -21.17 -19.83 -31.67
N ILE E 161 -22.46 -20.16 -31.57
CA ILE E 161 -23.43 -19.60 -32.51
C ILE E 161 -23.70 -18.13 -32.20
N PHE E 162 -23.69 -17.76 -30.92
CA PHE E 162 -23.93 -16.36 -30.59
C PHE E 162 -22.78 -15.49 -31.08
N GLN E 163 -21.54 -15.92 -30.82
CA GLN E 163 -20.38 -15.15 -31.25
C GLN E 163 -20.36 -15.01 -32.76
N SER E 164 -20.90 -16.00 -33.48
CA SER E 164 -20.97 -15.88 -34.94
C SER E 164 -22.09 -14.94 -35.34
N SER E 165 -23.25 -15.08 -34.70
CA SER E 165 -24.38 -14.20 -34.99
C SER E 165 -24.06 -12.75 -34.67
N MET E 166 -23.41 -12.50 -33.54
CA MET E 166 -23.04 -11.12 -33.20
C MET E 166 -22.14 -10.53 -34.28
N THR E 167 -20.96 -11.12 -34.46
CA THR E 167 -20.00 -10.62 -35.45
C THR E 167 -20.70 -10.21 -36.75
N LYS E 168 -21.69 -11.01 -37.15
CA LYS E 168 -22.47 -10.73 -38.36
C LYS E 168 -23.32 -9.45 -38.22
N ILE E 169 -23.87 -9.21 -37.04
CA ILE E 169 -24.70 -8.02 -36.85
C ILE E 169 -23.83 -6.78 -36.80
N LEU E 170 -22.64 -6.90 -36.20
CA LEU E 170 -21.76 -5.75 -35.99
C LEU E 170 -21.08 -5.31 -37.28
N GLU E 171 -20.81 -6.25 -38.19
CA GLU E 171 -20.07 -5.94 -39.41
C GLU E 171 -20.66 -4.76 -40.17
N PRO E 172 -21.97 -4.71 -40.47
CA PRO E 172 -22.53 -3.53 -41.15
C PRO E 172 -22.12 -2.21 -40.52
N PHE E 173 -22.20 -2.13 -39.19
CA PHE E 173 -21.86 -0.90 -38.46
C PHE E 173 -20.37 -0.66 -38.51
N LYS E 174 -19.58 -1.73 -38.38
CA LYS E 174 -18.14 -1.60 -38.41
C LYS E 174 -17.69 -0.93 -39.70
N LYS E 175 -18.36 -1.24 -40.81
CA LYS E 175 -18.07 -0.58 -42.08
C LYS E 175 -18.49 0.88 -42.09
N GLN E 176 -19.58 1.21 -41.41
CA GLN E 176 -20.07 2.58 -41.31
C GLN E 176 -19.17 3.51 -40.50
N ASN E 177 -18.29 2.96 -39.66
CA ASN E 177 -17.39 3.77 -38.86
C ASN E 177 -16.01 3.12 -38.74
N PRO E 178 -15.18 3.24 -39.78
CA PRO E 178 -13.87 2.58 -39.73
C PRO E 178 -12.99 3.08 -38.59
N ASP E 179 -13.20 4.30 -38.12
CA ASP E 179 -12.37 4.88 -37.06
C ASP E 179 -12.88 4.54 -35.65
N ILE E 180 -13.90 3.70 -35.54
CA ILE E 180 -14.47 3.32 -34.26
C ILE E 180 -14.04 1.89 -33.93
N VAL E 181 -13.22 1.74 -32.89
CA VAL E 181 -12.68 0.44 -32.52
C VAL E 181 -13.70 -0.26 -31.64
N ILE E 182 -13.99 -1.52 -31.96
CA ILE E 182 -15.02 -2.28 -31.26
C ILE E 182 -14.48 -3.64 -30.86
N TYR E 183 -14.43 -3.91 -29.56
CA TYR E 183 -14.02 -5.20 -29.04
C TYR E 183 -15.28 -5.96 -28.64
N GLN E 184 -15.35 -7.21 -29.07
CA GLN E 184 -16.53 -8.04 -28.93
C GLN E 184 -16.17 -9.30 -28.15
N TYR E 185 -17.02 -9.65 -27.21
CA TYR E 185 -16.86 -10.87 -26.41
C TYR E 185 -18.24 -11.17 -25.83
N MET E 186 -18.96 -12.06 -26.50
CA MET E 186 -20.25 -12.58 -26.04
C MET E 186 -21.17 -11.37 -25.88
N ASP E 187 -21.96 -11.32 -24.81
CA ASP E 187 -22.90 -10.22 -24.57
C ASP E 187 -22.21 -8.88 -24.31
N ASP E 188 -20.95 -8.87 -23.87
CA ASP E 188 -20.27 -7.63 -23.54
C ASP E 188 -19.64 -7.03 -24.79
N LEU E 189 -19.62 -5.69 -24.84
CA LEU E 189 -19.16 -4.94 -26.00
C LEU E 189 -18.42 -3.67 -25.60
N TYR E 190 -17.17 -3.57 -26.03
CA TYR E 190 -16.32 -2.41 -25.74
C TYR E 190 -16.29 -1.55 -27.00
N VAL E 191 -16.59 -0.26 -26.84
CA VAL E 191 -16.59 0.70 -27.93
C VAL E 191 -15.67 1.85 -27.57
N GLY E 192 -14.72 2.14 -28.46
CA GLY E 192 -13.79 3.23 -28.24
C GLY E 192 -13.65 4.15 -29.42
N SER E 193 -13.68 5.47 -29.17
CA SER E 193 -13.64 6.48 -30.21
C SER E 193 -12.76 7.64 -29.78
N ASP E 194 -12.29 8.41 -30.76
CA ASP E 194 -11.52 9.61 -30.51
C ASP E 194 -12.34 10.87 -30.72
N LEU E 195 -13.64 10.74 -31.02
CA LEU E 195 -14.50 11.90 -31.14
C LEU E 195 -14.72 12.54 -29.77
N GLU E 196 -15.37 13.70 -29.80
CA GLU E 196 -15.67 14.42 -28.56
C GLU E 196 -16.67 13.61 -27.74
N ILE E 197 -16.70 13.90 -26.43
CA ILE E 197 -17.50 13.06 -25.53
C ILE E 197 -18.96 13.07 -25.98
N GLY E 198 -19.44 14.23 -26.45
CA GLY E 198 -20.81 14.29 -26.91
C GLY E 198 -21.01 13.57 -28.23
N GLN E 199 -20.14 13.84 -29.22
CA GLN E 199 -20.27 13.12 -30.48
C GLN E 199 -19.97 11.64 -30.33
N HIS E 200 -19.37 11.22 -29.21
CA HIS E 200 -19.12 9.80 -28.99
C HIS E 200 -20.42 9.07 -28.70
N ARG E 201 -21.18 9.59 -27.74
CA ARG E 201 -22.48 9.03 -27.42
C ARG E 201 -23.45 9.17 -28.58
N THR E 202 -23.23 10.13 -29.47
CA THR E 202 -24.01 10.19 -30.71
C THR E 202 -23.92 8.87 -31.48
N LYS E 203 -22.70 8.39 -31.73
CA LYS E 203 -22.51 7.11 -32.41
C LYS E 203 -22.85 5.95 -31.51
N ILE E 204 -22.76 6.12 -30.19
CA ILE E 204 -23.11 5.04 -29.29
C ILE E 204 -24.59 4.73 -29.44
N GLU E 205 -25.41 5.77 -29.50
CA GLU E 205 -26.84 5.60 -29.69
C GLU E 205 -27.18 5.04 -31.07
N GLU E 206 -26.40 5.39 -32.10
CA GLU E 206 -26.61 4.79 -33.42
C GLU E 206 -26.36 3.29 -33.41
N LEU E 207 -25.38 2.84 -32.65
CA LEU E 207 -25.16 1.40 -32.48
C LEU E 207 -26.38 0.77 -31.82
N ARG E 208 -26.78 1.29 -30.67
CA ARG E 208 -27.89 0.67 -29.94
C ARG E 208 -29.14 0.58 -30.79
N GLN E 209 -29.41 1.59 -31.61
CA GLN E 209 -30.54 1.46 -32.53
C GLN E 209 -30.25 0.46 -33.62
N HIS E 210 -28.99 0.36 -34.06
CA HIS E 210 -28.65 -0.63 -35.08
C HIS E 210 -28.82 -2.03 -34.52
N LEU E 211 -28.37 -2.25 -33.26
CA LEU E 211 -28.59 -3.54 -32.61
C LEU E 211 -30.08 -3.83 -32.42
N LEU E 212 -30.89 -2.79 -32.23
CA LEU E 212 -32.33 -2.99 -32.04
C LEU E 212 -33.01 -3.48 -33.31
N ARG E 213 -32.42 -3.21 -34.47
CA ARG E 213 -32.94 -3.68 -35.74
C ARG E 213 -32.89 -5.20 -35.87
N TRP E 214 -32.00 -5.85 -35.13
CA TRP E 214 -31.86 -7.31 -35.18
C TRP E 214 -32.36 -8.02 -33.93
N GLY E 215 -33.13 -7.34 -33.09
CA GLY E 215 -33.68 -7.95 -31.90
C GLY E 215 -32.71 -8.10 -30.75
N LEU E 216 -31.71 -7.22 -30.67
CA LEU E 216 -30.69 -7.24 -29.62
C LEU E 216 -30.88 -6.05 -28.71
N THR E 217 -31.17 -6.31 -27.44
CA THR E 217 -31.44 -5.23 -26.51
C THR E 217 -30.15 -4.81 -25.83
N THR E 218 -30.03 -3.50 -25.56
CA THR E 218 -28.92 -2.92 -24.82
C THR E 218 -29.53 -2.23 -23.61
N PRO E 219 -29.73 -2.94 -22.51
CA PRO E 219 -30.38 -2.34 -21.35
C PRO E 219 -29.59 -1.17 -20.80
N ASP E 220 -30.32 -0.26 -20.15
CA ASP E 220 -29.72 0.95 -19.61
C ASP E 220 -29.01 0.63 -18.29
N LYS E 221 -29.53 -0.35 -17.55
CA LYS E 221 -28.91 -0.78 -16.31
C LYS E 221 -27.56 -1.45 -16.54
N LYS E 222 -27.32 -1.97 -17.73
CA LYS E 222 -26.01 -2.54 -18.04
C LYS E 222 -25.30 -1.73 -19.12
N HIS E 223 -25.46 -0.42 -19.09
CA HIS E 223 -24.77 0.46 -20.04
C HIS E 223 -23.79 1.15 -19.14
N GLN E 224 -22.57 1.31 -19.59
CA GLN E 224 -21.60 1.89 -18.69
C GLN E 224 -21.06 3.22 -19.08
N LYS E 225 -21.73 4.30 -18.66
CA LYS E 225 -21.16 5.62 -18.84
C LYS E 225 -20.41 6.13 -17.63
N GLU E 226 -19.97 5.25 -16.72
CA GLU E 226 -19.37 5.66 -15.46
C GLU E 226 -17.91 5.24 -15.44
N PRO E 227 -16.95 6.12 -15.71
CA PRO E 227 -15.56 5.75 -15.47
C PRO E 227 -15.29 5.69 -13.97
N PRO E 228 -14.51 4.71 -13.51
CA PRO E 228 -13.85 3.58 -14.18
C PRO E 228 -14.80 2.49 -14.77
N PHE E 229 -14.54 2.02 -16.00
CA PHE E 229 -15.37 1.01 -16.66
C PHE E 229 -14.89 -0.40 -16.29
N LEU E 230 -15.85 -1.23 -15.88
CA LEU E 230 -15.65 -2.64 -15.54
C LEU E 230 -15.74 -3.52 -16.78
N TRP E 231 -14.59 -4.00 -17.25
CA TRP E 231 -14.49 -4.77 -18.49
C TRP E 231 -13.55 -5.95 -18.27
N MET E 232 -14.14 -7.15 -18.19
CA MET E 232 -13.44 -8.43 -18.28
C MET E 232 -12.70 -8.67 -16.97
N GLY E 233 -13.30 -8.25 -15.86
CA GLY E 233 -12.60 -8.43 -14.61
C GLY E 233 -11.51 -7.41 -14.40
N TYR E 234 -11.54 -6.30 -15.15
CA TYR E 234 -10.53 -5.27 -15.06
C TYR E 234 -11.19 -3.92 -14.78
N GLU E 235 -10.40 -3.00 -14.25
CA GLU E 235 -10.81 -1.60 -14.10
C GLU E 235 -10.06 -0.77 -15.12
N LEU E 236 -10.80 -0.08 -15.99
CA LEU E 236 -10.25 0.73 -17.08
C LEU E 236 -10.42 2.21 -16.77
N HIS E 237 -9.34 2.82 -16.30
CA HIS E 237 -9.30 4.26 -16.14
C HIS E 237 -8.92 4.90 -17.46
N PRO E 238 -9.09 6.21 -17.61
CA PRO E 238 -8.78 6.84 -18.89
C PRO E 238 -7.32 6.72 -19.27
N ASP E 239 -6.42 6.60 -18.29
CA ASP E 239 -5.00 6.54 -18.57
C ASP E 239 -4.29 5.39 -17.86
N LYS E 240 -5.02 4.55 -17.12
CA LYS E 240 -4.42 3.40 -16.46
C LYS E 240 -5.47 2.30 -16.34
N TRP E 241 -5.04 1.13 -15.88
CA TRP E 241 -5.92 -0.01 -15.74
C TRP E 241 -5.49 -0.94 -14.65
N THR E 242 -6.39 -1.79 -14.19
CA THR E 242 -6.03 -2.78 -13.21
C THR E 242 -7.04 -3.83 -13.08
N VAL E 243 -6.65 -4.97 -12.61
CA VAL E 243 -7.62 -6.03 -12.29
C VAL E 243 -8.56 -5.60 -11.17
N GLN E 244 -9.70 -6.31 -11.08
CA GLN E 244 -10.69 -6.05 -10.06
C GLN E 244 -10.23 -6.58 -8.70
N PRO E 245 -10.76 -6.00 -7.63
CA PRO E 245 -10.27 -6.31 -6.27
C PRO E 245 -10.14 -7.80 -6.04
N ILE E 246 -8.92 -8.30 -5.86
CA ILE E 246 -8.77 -9.72 -5.59
C ILE E 246 -8.96 -9.94 -4.10
N VAL E 247 -9.92 -10.78 -3.72
CA VAL E 247 -10.09 -11.12 -2.31
C VAL E 247 -9.55 -12.52 -2.08
N LEU E 248 -8.36 -12.63 -1.55
CA LEU E 248 -7.92 -13.95 -1.09
C LEU E 248 -8.38 -14.17 0.36
N PRO E 249 -8.95 -15.30 0.71
CA PRO E 249 -9.44 -15.50 2.08
C PRO E 249 -8.31 -15.71 3.10
N GLU E 250 -8.72 -15.65 4.37
CA GLU E 250 -7.86 -15.86 5.53
C GLU E 250 -8.49 -16.91 6.44
N LYS E 251 -7.71 -17.93 6.77
CA LYS E 251 -8.19 -19.06 7.53
C LYS E 251 -7.01 -19.69 8.25
N ASP E 252 -7.35 -20.48 9.26
CA ASP E 252 -6.34 -21.01 10.17
C ASP E 252 -5.84 -22.36 9.67
N SER E 253 -6.75 -23.29 9.43
CA SER E 253 -6.24 -24.37 8.63
C SER E 253 -6.47 -24.02 7.17
N TRP E 254 -6.25 -25.01 6.31
CA TRP E 254 -6.60 -24.83 4.92
C TRP E 254 -6.80 -26.16 4.19
N THR E 255 -7.58 -26.14 3.10
CA THR E 255 -7.85 -27.33 2.30
C THR E 255 -7.21 -27.22 0.93
N VAL E 256 -7.07 -28.38 0.29
CA VAL E 256 -6.49 -28.42 -1.05
C VAL E 256 -7.32 -27.53 -1.96
N ASN E 257 -8.65 -27.69 -1.89
CA ASN E 257 -9.55 -26.82 -2.64
C ASN E 257 -9.29 -25.35 -2.30
N ASP E 258 -9.15 -25.03 -1.02
CA ASP E 258 -8.86 -23.65 -0.66
C ASP E 258 -7.56 -23.18 -1.31
N ILE E 259 -6.51 -23.99 -1.20
CA ILE E 259 -5.23 -23.66 -1.84
C ILE E 259 -5.37 -23.62 -3.35
N GLN E 260 -6.18 -24.53 -3.92
CA GLN E 260 -6.45 -24.43 -5.36
C GLN E 260 -7.13 -23.12 -5.71
N LYS E 261 -8.08 -22.66 -4.87
CA LYS E 261 -8.65 -21.33 -5.09
C LYS E 261 -7.61 -20.23 -4.90
N LEU E 262 -6.77 -20.35 -3.88
CA LEU E 262 -5.81 -19.30 -3.58
C LEU E 262 -4.85 -19.09 -4.73
N VAL E 263 -4.10 -20.14 -5.10
CA VAL E 263 -3.12 -20.04 -6.17
C VAL E 263 -3.77 -19.63 -7.48
N GLY E 264 -5.04 -19.97 -7.68
CA GLY E 264 -5.75 -19.56 -8.87
C GLY E 264 -5.88 -18.05 -8.95
N LYS E 265 -6.19 -17.45 -7.81
CA LYS E 265 -6.36 -16.01 -7.70
C LYS E 265 -5.02 -15.31 -7.75
N LEU E 266 -4.00 -15.94 -7.17
CA LEU E 266 -2.66 -15.38 -7.16
C LEU E 266 -2.10 -15.32 -8.56
N ASN E 267 -2.35 -16.35 -9.37
CA ASN E 267 -1.99 -16.33 -10.77
C ASN E 267 -2.72 -15.22 -11.53
N TRP E 268 -4.00 -15.02 -11.25
CA TRP E 268 -4.71 -13.92 -11.90
C TRP E 268 -4.16 -12.56 -11.47
N ALA E 269 -3.59 -12.49 -10.26
CA ALA E 269 -2.96 -11.26 -9.80
C ALA E 269 -1.57 -11.06 -10.37
N SER E 270 -0.89 -12.14 -10.76
CA SER E 270 0.50 -12.02 -11.20
C SER E 270 0.63 -11.33 -12.55
N GLN E 271 -0.47 -10.96 -13.16
CA GLN E 271 -0.41 -10.31 -14.44
C GLN E 271 -0.08 -8.85 -14.35
N ILE E 272 -0.35 -8.26 -13.20
CA ILE E 272 -0.09 -6.85 -13.05
C ILE E 272 0.74 -6.64 -11.80
N TYR E 273 0.57 -7.50 -10.81
CA TYR E 273 1.31 -7.34 -9.57
C TYR E 273 2.65 -8.04 -9.70
N PRO E 274 3.76 -7.32 -9.77
CA PRO E 274 5.05 -7.98 -9.98
C PRO E 274 5.56 -8.67 -8.72
N GLY E 275 6.21 -9.81 -8.93
CA GLY E 275 6.85 -10.53 -7.85
C GLY E 275 5.99 -11.53 -7.14
N ILE E 276 4.78 -11.78 -7.63
CA ILE E 276 3.91 -12.78 -7.01
C ILE E 276 4.50 -14.16 -7.22
N LYS E 277 4.57 -14.95 -6.16
CA LYS E 277 5.14 -16.29 -6.22
C LYS E 277 4.15 -17.27 -5.63
N VAL E 278 3.97 -18.39 -6.34
CA VAL E 278 3.05 -19.44 -5.93
C VAL E 278 3.71 -20.81 -5.90
N ARG E 279 5.02 -20.89 -6.17
CA ARG E 279 5.69 -22.18 -6.26
C ARG E 279 5.62 -22.92 -4.93
N GLN E 280 5.94 -22.24 -3.83
CA GLN E 280 5.90 -22.87 -2.51
C GLN E 280 4.47 -23.17 -2.08
N LEU E 281 3.52 -22.30 -2.45
CA LEU E 281 2.12 -22.55 -2.11
C LEU E 281 1.57 -23.73 -2.89
N SER E 282 1.94 -23.83 -4.17
CA SER E 282 1.49 -24.95 -4.99
C SER E 282 2.24 -26.24 -4.67
N LYS E 283 3.38 -26.17 -3.99
CA LYS E 283 4.05 -27.41 -3.63
C LYS E 283 3.25 -28.23 -2.64
N LEU E 284 2.41 -27.59 -1.82
CA LEU E 284 1.68 -28.35 -0.81
C LEU E 284 0.60 -29.22 -1.44
N LEU E 285 -0.02 -28.76 -2.53
CA LEU E 285 -1.10 -29.48 -3.18
C LEU E 285 -0.60 -30.62 -4.07
N ARG E 286 0.68 -30.97 -4.00
CA ARG E 286 1.14 -32.16 -4.73
C ARG E 286 0.77 -33.40 -3.94
N GLY E 287 0.44 -34.48 -4.66
CA GLY E 287 0.24 -35.71 -3.95
C GLY E 287 -1.16 -36.02 -3.47
N THR E 288 -1.61 -35.27 -2.46
CA THR E 288 -2.90 -35.55 -1.83
C THR E 288 -4.05 -35.31 -2.79
N LYS E 289 -4.91 -36.32 -2.91
CA LYS E 289 -6.06 -36.32 -3.80
C LYS E 289 -7.36 -35.98 -3.09
N ALA E 290 -7.32 -35.68 -1.80
CA ALA E 290 -8.54 -35.39 -1.05
C ALA E 290 -8.84 -33.90 -1.17
N LEU E 291 -9.97 -33.57 -1.82
CA LEU E 291 -10.32 -32.17 -1.98
C LEU E 291 -10.59 -31.50 -0.65
N THR E 292 -11.11 -32.25 0.32
CA THR E 292 -11.50 -31.75 1.64
C THR E 292 -10.43 -31.98 2.72
N GLU E 293 -9.20 -32.33 2.33
CA GLU E 293 -8.17 -32.61 3.32
C GLU E 293 -7.56 -31.33 3.87
N VAL E 294 -7.16 -31.41 5.13
CA VAL E 294 -6.58 -30.28 5.85
C VAL E 294 -5.07 -30.36 5.72
N ILE E 295 -4.47 -29.46 4.94
CA ILE E 295 -3.03 -29.41 4.76
C ILE E 295 -2.47 -28.36 5.71
N PRO E 296 -1.51 -28.70 6.58
CA PRO E 296 -0.80 -27.63 7.29
C PRO E 296 0.15 -26.90 6.35
N LEU E 297 0.01 -25.59 6.25
CA LEU E 297 0.96 -24.80 5.50
C LEU E 297 2.34 -24.86 6.12
N THR E 298 3.35 -25.11 5.29
CA THR E 298 4.73 -25.13 5.74
C THR E 298 5.22 -23.70 5.98
N GLU E 299 6.34 -23.59 6.71
CA GLU E 299 6.90 -22.27 6.98
C GLU E 299 7.29 -21.58 5.67
N GLU E 300 7.76 -22.34 4.68
CA GLU E 300 8.04 -21.69 3.39
C GLU E 300 6.75 -21.22 2.76
N ALA E 301 5.65 -21.93 3.02
CA ALA E 301 4.38 -21.55 2.43
C ALA E 301 3.86 -20.29 3.11
N GLU E 302 3.90 -20.26 4.44
CA GLU E 302 3.45 -19.08 5.18
C GLU E 302 4.32 -17.88 4.85
N LEU E 303 5.60 -18.12 4.55
CA LEU E 303 6.47 -17.06 4.06
C LEU E 303 5.95 -16.49 2.75
N GLU E 304 5.62 -17.39 1.81
CA GLU E 304 5.12 -16.97 0.50
C GLU E 304 3.76 -16.28 0.64
N LEU E 305 2.91 -16.79 1.52
CA LEU E 305 1.61 -16.14 1.69
C LEU E 305 1.77 -14.75 2.29
N ALA E 306 2.82 -14.53 3.08
CA ALA E 306 3.02 -13.19 3.62
C ALA E 306 3.53 -12.24 2.55
N GLU E 307 4.41 -12.72 1.66
CA GLU E 307 4.87 -11.86 0.57
C GLU E 307 3.77 -11.57 -0.44
N ASN E 308 2.90 -12.55 -0.70
CA ASN E 308 1.81 -12.31 -1.64
C ASN E 308 0.79 -11.31 -1.08
N ARG E 309 0.46 -11.44 0.20
CA ARG E 309 -0.44 -10.45 0.82
C ARG E 309 0.23 -9.09 0.88
N GLU E 310 1.56 -9.09 0.99
CA GLU E 310 2.33 -7.85 1.11
C GLU E 310 2.23 -7.02 -0.17
N ILE E 311 2.28 -7.67 -1.32
CA ILE E 311 2.25 -6.97 -2.60
C ILE E 311 0.83 -6.81 -3.10
N LEU E 312 -0.15 -7.19 -2.28
CA LEU E 312 -1.54 -7.11 -2.70
C LEU E 312 -2.31 -6.12 -1.84
N LYS E 313 -1.68 -5.57 -0.80
CA LYS E 313 -2.37 -4.57 0.00
C LYS E 313 -2.35 -3.21 -0.71
N GLU E 314 -1.21 -2.80 -1.28
CA GLU E 314 -1.20 -1.56 -2.06
C GLU E 314 -1.38 -1.86 -3.54
N PRO E 315 -2.43 -1.34 -4.18
CA PRO E 315 -2.70 -1.67 -5.60
C PRO E 315 -1.67 -1.13 -6.58
N VAL E 316 -1.46 -1.90 -7.65
CA VAL E 316 -0.58 -1.53 -8.76
C VAL E 316 -1.38 -1.47 -10.07
N HIS E 317 -1.14 -0.43 -10.87
CA HIS E 317 -1.88 -0.18 -12.12
C HIS E 317 -0.92 -0.20 -13.31
N GLY E 318 -1.47 -0.54 -14.48
CA GLY E 318 -0.71 -0.58 -15.72
C GLY E 318 -1.21 0.36 -16.80
N VAL E 319 -0.35 0.71 -17.75
CA VAL E 319 -0.66 1.70 -18.79
C VAL E 319 -1.23 1.01 -20.03
N TYR E 320 -1.59 1.79 -21.03
CA TYR E 320 -2.09 1.28 -22.30
C TYR E 320 -0.99 1.31 -23.37
N TYR E 321 -1.27 0.65 -24.50
CA TYR E 321 -0.27 0.40 -25.53
C TYR E 321 -0.20 1.56 -26.50
N ASP E 322 1.02 2.08 -26.73
CA ASP E 322 1.27 3.12 -27.72
C ASP E 322 1.95 2.51 -28.93
N PRO E 323 1.26 2.42 -30.08
CA PRO E 323 1.88 1.77 -31.24
C PRO E 323 3.08 2.54 -31.80
N SER E 324 3.25 3.80 -31.43
CA SER E 324 4.36 4.58 -31.98
C SER E 324 5.67 4.33 -31.26
N LYS E 325 5.61 3.91 -29.99
CA LYS E 325 6.79 3.67 -29.17
C LYS E 325 7.12 2.18 -29.17
N ASP E 326 8.41 1.87 -29.01
CA ASP E 326 8.84 0.48 -29.05
C ASP E 326 8.34 -0.29 -27.83
N LEU E 327 8.20 -1.60 -28.02
CA LEU E 327 7.76 -2.51 -26.95
C LEU E 327 8.99 -3.17 -26.33
N ILE E 328 9.04 -3.18 -25.00
CA ILE E 328 10.20 -3.66 -24.27
C ILE E 328 9.77 -4.63 -23.17
N ALA E 329 10.55 -5.68 -22.99
CA ALA E 329 10.35 -6.65 -21.93
C ALA E 329 11.69 -6.91 -21.24
N GLU E 330 11.61 -7.16 -19.93
CA GLU E 330 12.78 -7.38 -19.09
C GLU E 330 12.50 -8.55 -18.15
N ILE E 331 13.48 -9.43 -18.00
CA ILE E 331 13.31 -10.62 -17.17
C ILE E 331 14.28 -10.53 -16.01
N GLN E 332 13.86 -11.03 -14.86
CA GLN E 332 14.71 -11.12 -13.69
C GLN E 332 14.59 -12.52 -13.09
N LYS E 333 15.72 -13.07 -12.66
CA LYS E 333 15.72 -14.35 -11.96
C LYS E 333 15.56 -14.03 -10.48
N GLN E 334 14.43 -14.43 -9.91
CA GLN E 334 14.14 -14.13 -8.52
C GLN E 334 14.53 -15.30 -7.63
N GLY E 335 13.89 -16.46 -7.79
CA GLY E 335 14.22 -17.62 -7.00
C GLY E 335 15.03 -18.61 -7.82
N GLN E 336 14.98 -19.87 -7.39
CA GLN E 336 15.62 -20.98 -8.09
C GLN E 336 14.54 -21.66 -8.91
N GLY E 337 14.75 -21.67 -10.23
CA GLY E 337 13.78 -22.07 -11.24
C GLY E 337 12.59 -21.15 -11.37
N GLN E 338 12.64 -19.94 -10.81
CA GLN E 338 11.53 -18.99 -10.84
C GLN E 338 12.01 -17.71 -11.52
N TRP E 339 11.15 -17.12 -12.34
CA TRP E 339 11.48 -15.90 -13.07
C TRP E 339 10.26 -14.99 -13.12
N THR E 340 10.53 -13.69 -13.24
CA THR E 340 9.50 -12.68 -13.42
C THR E 340 9.92 -11.74 -14.54
N TYR E 341 8.93 -11.22 -15.27
CA TYR E 341 9.18 -10.31 -16.37
C TYR E 341 8.23 -9.14 -16.30
N GLN E 342 8.63 -8.04 -16.94
CA GLN E 342 7.79 -6.85 -17.04
C GLN E 342 7.90 -6.32 -18.46
N ILE E 343 6.74 -6.03 -19.06
CA ILE E 343 6.67 -5.49 -20.41
C ILE E 343 6.23 -4.03 -20.30
N TYR E 344 7.05 -3.12 -20.82
CA TYR E 344 6.76 -1.69 -20.70
C TYR E 344 7.23 -0.97 -21.96
N GLN E 345 6.75 0.26 -22.12
CA GLN E 345 7.22 1.15 -23.18
C GLN E 345 7.96 2.36 -22.65
N GLU E 346 7.50 2.91 -21.53
CA GLU E 346 8.22 3.94 -20.81
C GLU E 346 8.65 3.37 -19.47
N PRO E 347 9.83 3.75 -18.99
CA PRO E 347 10.34 3.14 -17.76
C PRO E 347 9.40 3.36 -16.58
N PHE E 348 9.28 2.30 -15.77
CA PHE E 348 8.48 2.29 -14.54
C PHE E 348 6.99 2.54 -14.77
N LYS E 349 6.51 2.31 -16.00
CA LYS E 349 5.09 2.38 -16.36
C LYS E 349 4.77 1.09 -17.13
N ASN E 350 4.58 0.02 -16.38
CA ASN E 350 4.46 -1.31 -16.98
C ASN E 350 3.13 -1.47 -17.71
N LEU E 351 3.20 -2.16 -18.87
CA LEU E 351 2.01 -2.61 -19.58
C LEU E 351 1.46 -3.87 -18.94
N LYS E 352 2.33 -4.79 -18.55
CA LYS E 352 1.94 -6.03 -17.90
C LYS E 352 3.16 -6.64 -17.24
N THR E 353 2.90 -7.51 -16.27
CA THR E 353 3.93 -8.29 -15.60
C THR E 353 3.60 -9.77 -15.73
N GLY E 354 4.43 -10.61 -15.11
CA GLY E 354 4.18 -12.04 -15.19
C GLY E 354 5.32 -12.83 -14.58
N LYS E 355 5.13 -14.15 -14.58
CA LYS E 355 6.11 -15.06 -14.01
C LYS E 355 6.21 -16.31 -14.87
N TYR E 356 7.40 -16.92 -14.83
CA TYR E 356 7.65 -18.21 -15.48
C TYR E 356 8.30 -19.09 -14.43
N ALA E 357 7.63 -20.18 -14.04
CA ALA E 357 8.13 -21.08 -13.01
C ALA E 357 8.14 -22.53 -13.47
N ARG E 358 8.03 -22.74 -14.78
CA ARG E 358 7.95 -24.07 -15.38
C ARG E 358 9.31 -24.78 -15.38
N MET E 359 9.27 -26.05 -14.97
CA MET E 359 10.44 -26.95 -14.97
C MET E 359 10.38 -27.85 -16.19
N ARG E 360 11.04 -27.42 -17.26
CA ARG E 360 11.09 -28.20 -18.49
C ARG E 360 12.22 -29.23 -18.38
N GLY E 361 11.85 -30.49 -18.20
CA GLY E 361 12.88 -31.52 -18.14
C GLY E 361 13.31 -31.83 -16.71
N ALA E 362 13.93 -32.99 -16.56
CA ALA E 362 14.45 -33.38 -15.27
C ALA E 362 15.80 -32.74 -15.01
N HIS E 363 16.49 -32.28 -16.05
CA HIS E 363 17.78 -31.63 -15.92
C HIS E 363 17.84 -30.40 -16.83
N THR E 364 18.16 -29.25 -16.23
CA THR E 364 18.18 -28.00 -16.98
C THR E 364 19.09 -27.02 -16.24
N ASN E 365 19.35 -25.89 -16.89
CA ASN E 365 20.14 -24.83 -16.29
C ASN E 365 19.38 -23.52 -16.43
N ASP E 366 19.93 -22.48 -15.81
CA ASP E 366 19.28 -21.17 -15.84
C ASP E 366 19.26 -20.59 -17.25
N VAL E 367 20.27 -20.91 -18.07
CA VAL E 367 20.31 -20.38 -19.43
C VAL E 367 19.18 -20.96 -20.27
N LYS E 368 18.90 -22.25 -20.09
CA LYS E 368 17.77 -22.86 -20.78
C LYS E 368 16.47 -22.17 -20.38
N GLN E 369 16.22 -22.06 -19.07
CA GLN E 369 14.99 -21.44 -18.60
C GLN E 369 14.84 -20.01 -19.11
N LEU E 370 15.93 -19.25 -19.16
CA LEU E 370 15.83 -17.88 -19.67
C LEU E 370 15.35 -17.87 -21.11
N THR E 371 15.94 -18.69 -21.96
CA THR E 371 15.46 -18.82 -23.33
C THR E 371 14.00 -19.27 -23.34
N GLU E 372 13.67 -20.28 -22.55
CA GLU E 372 12.28 -20.73 -22.48
C GLU E 372 11.37 -19.61 -22.04
N ALA E 373 11.79 -18.83 -21.03
CA ALA E 373 11.01 -17.68 -20.60
C ALA E 373 10.92 -16.63 -21.70
N VAL E 374 11.97 -16.49 -22.51
CA VAL E 374 11.93 -15.51 -23.59
C VAL E 374 10.88 -15.93 -24.61
N GLN E 375 10.77 -17.23 -24.89
CA GLN E 375 9.76 -17.70 -25.82
C GLN E 375 8.36 -17.46 -25.26
N LYS E 376 8.16 -17.74 -23.97
CA LYS E 376 6.83 -17.51 -23.40
C LYS E 376 6.44 -16.05 -23.51
N ILE E 377 7.37 -15.14 -23.22
CA ILE E 377 7.09 -13.72 -23.36
C ILE E 377 6.91 -13.35 -24.82
N THR E 378 7.76 -13.89 -25.70
CA THR E 378 7.66 -13.58 -27.12
C THR E 378 6.32 -14.00 -27.71
N THR E 379 5.85 -15.21 -27.39
CA THR E 379 4.57 -15.64 -27.90
C THR E 379 3.42 -14.83 -27.31
N GLU E 380 3.48 -14.54 -26.00
CA GLU E 380 2.45 -13.72 -25.38
C GLU E 380 2.38 -12.32 -26.00
N SER E 381 3.53 -11.78 -26.41
CA SER E 381 3.54 -10.42 -26.98
C SER E 381 2.95 -10.40 -28.38
N ILE E 382 3.16 -11.46 -29.16
CA ILE E 382 2.58 -11.53 -30.48
C ILE E 382 1.07 -11.62 -30.38
N VAL E 383 0.56 -12.30 -29.35
CA VAL E 383 -0.88 -12.45 -29.21
C VAL E 383 -1.53 -11.13 -28.81
N ILE E 384 -0.91 -10.40 -27.89
CA ILE E 384 -1.56 -9.21 -27.34
C ILE E 384 -1.34 -8.00 -28.22
N TRP E 385 -0.14 -7.86 -28.78
CA TRP E 385 0.21 -6.67 -29.54
C TRP E 385 0.61 -6.97 -30.98
N GLY E 386 0.75 -8.24 -31.35
CA GLY E 386 1.12 -8.57 -32.72
C GLY E 386 2.54 -8.23 -33.12
N LYS E 387 3.42 -7.98 -32.16
CA LYS E 387 4.81 -7.67 -32.47
C LYS E 387 5.69 -8.31 -31.42
N THR E 388 6.95 -8.53 -31.77
CA THR E 388 7.89 -9.13 -30.83
C THR E 388 8.57 -8.03 -30.02
N PRO E 389 8.65 -8.16 -28.70
CA PRO E 389 9.26 -7.09 -27.90
C PRO E 389 10.77 -7.22 -27.82
N LYS E 390 11.41 -6.07 -27.70
CA LYS E 390 12.82 -5.99 -27.40
C LYS E 390 13.07 -6.46 -25.96
N PHE E 391 14.15 -7.21 -25.75
CA PHE E 391 14.42 -7.83 -24.46
C PHE E 391 15.63 -7.21 -23.76
N LYS E 392 15.53 -7.13 -22.45
CA LYS E 392 16.62 -6.71 -21.57
C LYS E 392 16.79 -7.83 -20.55
N LEU E 393 17.85 -8.62 -20.72
CA LEU E 393 18.08 -9.87 -20.02
C LEU E 393 19.28 -9.78 -19.09
N PRO E 394 19.20 -10.39 -17.91
CA PRO E 394 20.31 -10.39 -16.96
C PRO E 394 21.33 -11.50 -17.27
N ILE E 395 21.90 -11.42 -18.48
CA ILE E 395 22.91 -12.39 -18.91
C ILE E 395 23.90 -11.64 -19.79
N GLN E 396 25.18 -11.92 -19.55
CA GLN E 396 26.25 -11.27 -20.30
C GLN E 396 26.22 -11.65 -21.77
N LYS E 397 26.65 -10.71 -22.61
CA LYS E 397 26.71 -10.97 -24.04
C LYS E 397 27.65 -12.12 -24.33
N GLU E 398 28.78 -12.17 -23.63
CA GLU E 398 29.73 -13.27 -23.82
C GLU E 398 29.19 -14.58 -23.27
N THR E 399 28.42 -14.52 -22.18
CA THR E 399 27.80 -15.73 -21.65
C THR E 399 26.86 -16.41 -22.64
N TRP E 400 26.05 -15.61 -23.35
CA TRP E 400 25.17 -16.18 -24.36
C TRP E 400 25.95 -16.72 -25.56
N GLU E 401 27.01 -16.03 -25.95
CA GLU E 401 27.84 -16.50 -27.06
C GLU E 401 28.48 -17.84 -26.75
N THR E 402 28.98 -18.02 -25.52
CA THR E 402 29.60 -19.28 -25.18
C THR E 402 28.59 -20.42 -25.22
N TRP E 403 27.33 -20.15 -24.88
CA TRP E 403 26.37 -21.24 -24.77
C TRP E 403 25.93 -21.72 -26.15
N TRP E 404 25.51 -20.81 -27.03
CA TRP E 404 24.84 -21.28 -28.25
C TRP E 404 25.85 -21.91 -29.21
N THR E 405 27.10 -21.44 -29.19
CA THR E 405 28.08 -22.07 -30.05
C THR E 405 28.43 -23.47 -29.55
N GLU E 406 28.45 -23.67 -28.23
CA GLU E 406 28.82 -24.96 -27.68
C GLU E 406 27.63 -25.92 -27.54
N TYR E 407 26.41 -25.43 -27.77
CA TYR E 407 25.22 -26.25 -27.63
C TYR E 407 24.87 -26.87 -28.99
N TRP E 408 24.65 -28.19 -29.00
CA TRP E 408 24.36 -28.92 -30.24
C TRP E 408 22.97 -28.64 -30.81
N GLN E 409 22.06 -28.09 -30.01
CA GLN E 409 20.72 -27.73 -30.46
C GLN E 409 20.76 -26.33 -31.07
N ALA E 410 19.80 -26.08 -31.95
CA ALA E 410 19.62 -24.75 -32.52
C ALA E 410 18.87 -23.89 -31.51
N THR E 411 19.50 -22.81 -31.06
CA THR E 411 18.91 -21.94 -30.06
C THR E 411 19.10 -20.50 -30.53
N TRP E 412 18.13 -19.64 -30.21
CA TRP E 412 18.21 -18.26 -30.65
C TRP E 412 17.42 -17.38 -29.69
N ILE E 413 17.88 -16.15 -29.54
CA ILE E 413 17.17 -15.11 -28.79
C ILE E 413 17.11 -13.90 -29.71
N PRO E 414 15.94 -13.25 -29.86
CA PRO E 414 15.86 -12.09 -30.76
C PRO E 414 16.56 -10.88 -30.15
N GLU E 415 16.41 -9.72 -30.78
CA GLU E 415 17.20 -8.56 -30.39
C GLU E 415 17.13 -8.37 -28.89
N TRP E 416 18.30 -8.32 -28.25
CA TRP E 416 18.33 -8.22 -26.80
C TRP E 416 19.60 -7.49 -26.38
N GLU E 417 19.50 -6.84 -25.23
CA GLU E 417 20.62 -6.13 -24.61
C GLU E 417 20.81 -6.63 -23.19
N PHE E 418 22.02 -6.45 -22.69
CA PHE E 418 22.36 -6.92 -21.36
C PHE E 418 22.07 -5.83 -20.33
N VAL E 419 21.51 -6.24 -19.20
CA VAL E 419 21.31 -5.34 -18.08
C VAL E 419 21.97 -5.95 -16.85
N ASN E 420 22.69 -5.12 -16.10
CA ASN E 420 23.46 -5.59 -14.94
C ASN E 420 22.60 -5.53 -13.68
N THR E 421 21.69 -6.49 -13.57
CA THR E 421 20.80 -6.58 -12.42
C THR E 421 20.96 -7.96 -11.82
N PRO E 422 21.77 -8.11 -10.76
CA PRO E 422 21.92 -9.41 -10.14
C PRO E 422 20.59 -9.89 -9.59
N PRO E 423 20.39 -11.20 -9.49
CA PRO E 423 21.40 -12.21 -9.84
C PRO E 423 21.50 -12.45 -11.35
N LEU E 424 22.72 -12.44 -11.86
CA LEU E 424 22.95 -12.63 -13.29
C LEU E 424 22.91 -14.11 -13.64
N VAL E 425 22.50 -14.41 -14.86
CA VAL E 425 22.47 -15.78 -15.37
C VAL E 425 23.87 -16.16 -15.84
N LYS E 426 24.41 -17.24 -15.28
CA LYS E 426 25.76 -17.70 -15.54
C LYS E 426 25.75 -19.21 -15.74
N LEU E 427 26.86 -19.71 -16.26
CA LEU E 427 27.13 -21.14 -16.37
C LEU E 427 28.13 -21.49 -15.28
N TRP E 428 27.70 -22.29 -14.30
CA TRP E 428 28.51 -22.44 -13.10
C TRP E 428 29.75 -23.28 -13.34
N TYR E 429 29.78 -24.08 -14.40
CA TYR E 429 30.98 -24.84 -14.72
C TYR E 429 30.96 -25.10 -16.21
N GLN E 430 32.12 -25.46 -16.75
CA GLN E 430 32.24 -25.72 -18.17
C GLN E 430 33.23 -26.86 -18.36
N LEU E 431 32.74 -27.98 -18.89
CA LEU E 431 33.60 -29.13 -19.13
C LEU E 431 34.69 -28.78 -20.14
N GLU E 432 35.88 -29.34 -19.91
CA GLU E 432 37.00 -29.13 -20.81
C GLU E 432 36.76 -29.81 -22.15
N LYS E 433 37.44 -29.27 -23.18
CA LYS E 433 37.29 -29.77 -24.53
C LYS E 433 38.46 -30.64 -24.97
N GLU E 434 39.53 -30.68 -24.19
CA GLU E 434 40.66 -31.56 -24.43
C GLU E 434 41.06 -32.22 -23.12
N PRO E 435 41.60 -33.43 -23.16
CA PRO E 435 42.02 -34.10 -21.93
C PRO E 435 43.09 -33.30 -21.19
N ILE E 436 43.05 -33.37 -19.87
CA ILE E 436 43.94 -32.58 -19.02
C ILE E 436 45.22 -33.35 -18.78
N VAL E 437 46.37 -32.74 -19.14
CA VAL E 437 47.66 -33.34 -18.87
C VAL E 437 47.97 -33.28 -17.37
N GLY E 438 48.49 -34.38 -16.84
CA GLY E 438 48.83 -34.41 -15.43
C GLY E 438 47.67 -34.53 -14.49
N ALA E 439 46.50 -34.95 -14.97
CA ALA E 439 45.33 -35.19 -14.15
C ALA E 439 45.03 -36.68 -14.10
N GLU E 440 44.65 -37.17 -12.93
CA GLU E 440 44.36 -38.59 -12.78
C GLU E 440 43.16 -38.97 -13.64
N THR E 441 43.34 -39.98 -14.50
CA THR E 441 42.27 -40.45 -15.38
C THR E 441 41.44 -41.51 -14.65
N PHE E 442 40.14 -41.29 -14.60
CA PHE E 442 39.22 -42.17 -13.89
C PHE E 442 38.35 -42.92 -14.89
N TYR E 443 38.48 -44.24 -14.93
CA TYR E 443 37.63 -45.09 -15.75
C TYR E 443 36.49 -45.60 -14.88
N VAL E 444 35.27 -45.13 -15.14
CA VAL E 444 34.12 -45.41 -14.31
C VAL E 444 33.10 -46.25 -15.07
N ASP E 445 32.32 -47.02 -14.32
CA ASP E 445 31.21 -47.81 -14.84
C ASP E 445 30.36 -48.20 -13.63
N GLY E 446 29.13 -48.61 -13.92
CA GLY E 446 28.23 -49.06 -12.88
C GLY E 446 27.29 -50.07 -13.48
N ALA E 447 26.83 -50.99 -12.65
CA ALA E 447 25.94 -52.06 -13.08
C ALA E 447 24.88 -52.29 -12.03
N ALA E 448 23.77 -52.87 -12.48
CA ALA E 448 22.66 -53.18 -11.61
C ALA E 448 21.95 -54.38 -12.19
N ASN E 449 21.28 -55.14 -11.33
CA ASN E 449 20.52 -56.30 -11.76
C ASN E 449 19.08 -55.88 -12.02
N ARG E 450 18.48 -56.48 -13.06
CA ARG E 450 17.13 -56.08 -13.44
C ARG E 450 16.05 -56.62 -12.52
N GLU E 451 16.39 -57.54 -11.63
CA GLU E 451 15.42 -58.11 -10.69
C GLU E 451 15.74 -57.73 -9.25
N THR E 452 16.95 -58.05 -8.78
CA THR E 452 17.29 -57.81 -7.39
C THR E 452 17.48 -56.33 -7.07
N LYS E 453 17.69 -55.50 -8.09
CA LYS E 453 17.86 -54.05 -7.96
C LYS E 453 19.14 -53.66 -7.23
N LEU E 454 19.99 -54.62 -6.86
CA LEU E 454 21.30 -54.29 -6.32
C LEU E 454 22.24 -53.91 -7.44
N GLY E 455 23.24 -53.11 -7.11
CA GLY E 455 24.17 -52.66 -8.13
C GLY E 455 25.49 -52.26 -7.54
N LYS E 456 26.47 -52.11 -8.41
CA LYS E 456 27.80 -51.67 -8.05
C LYS E 456 28.25 -50.53 -8.94
N ALA E 457 29.05 -49.63 -8.39
CA ALA E 457 29.63 -48.53 -9.13
C ALA E 457 31.04 -48.31 -8.62
N GLY E 458 31.95 -48.04 -9.54
CA GLY E 458 33.33 -47.87 -9.13
C GLY E 458 34.19 -47.36 -10.27
N TYR E 459 35.49 -47.35 -10.02
CA TYR E 459 36.44 -46.81 -10.98
C TYR E 459 37.78 -47.51 -10.82
N VAL E 460 38.57 -47.41 -11.88
CA VAL E 460 39.99 -47.75 -11.85
C VAL E 460 40.68 -46.57 -12.52
N THR E 461 41.88 -46.26 -12.06
CA THR E 461 42.62 -45.11 -12.55
C THR E 461 43.97 -45.55 -13.10
N ASN E 462 44.59 -44.63 -13.85
CA ASN E 462 45.89 -44.93 -14.42
C ASN E 462 46.97 -44.99 -13.35
N LYS E 463 46.72 -44.40 -12.16
CA LYS E 463 47.67 -44.46 -11.07
C LYS E 463 47.49 -45.70 -10.20
N GLY E 464 46.53 -46.58 -10.54
CA GLY E 464 46.27 -47.79 -9.81
C GLY E 464 45.15 -47.73 -8.79
N ARG E 465 44.66 -46.53 -8.47
CA ARG E 465 43.59 -46.37 -7.50
C ARG E 465 42.27 -46.93 -8.02
N GLN E 466 41.61 -47.75 -7.19
CA GLN E 466 40.35 -48.41 -7.52
C GLN E 466 39.37 -48.29 -6.35
N LYS E 467 38.09 -48.46 -6.69
CA LYS E 467 37.00 -48.40 -5.72
C LYS E 467 35.77 -49.06 -6.32
N VAL E 468 35.02 -49.77 -5.47
CA VAL E 468 33.73 -50.35 -5.85
C VAL E 468 32.77 -50.19 -4.67
N VAL E 469 31.59 -49.66 -4.92
CA VAL E 469 30.62 -49.43 -3.86
C VAL E 469 29.37 -50.27 -4.14
N PRO E 470 28.80 -50.91 -3.14
CA PRO E 470 27.53 -51.63 -3.35
C PRO E 470 26.33 -50.72 -3.21
N LEU E 471 25.38 -50.89 -4.12
CA LEU E 471 24.19 -50.05 -4.20
C LEU E 471 22.95 -50.92 -4.03
N THR E 472 21.92 -50.33 -3.42
CA THR E 472 20.65 -50.99 -3.17
C THR E 472 19.53 -50.19 -3.81
N ASN E 473 18.56 -50.90 -4.39
CA ASN E 473 17.40 -50.27 -5.03
C ASN E 473 17.85 -49.22 -6.04
N THR E 474 18.56 -49.68 -7.06
CA THR E 474 19.14 -48.82 -8.06
C THR E 474 18.83 -49.37 -9.44
N THR E 475 19.13 -48.58 -10.46
CA THR E 475 19.00 -49.00 -11.84
C THR E 475 20.32 -48.84 -12.57
N ASN E 476 20.39 -49.41 -13.78
CA ASN E 476 21.62 -49.35 -14.56
C ASN E 476 22.05 -47.91 -14.82
N GLN E 477 21.08 -47.02 -15.10
CA GLN E 477 21.45 -45.64 -15.38
C GLN E 477 21.95 -44.92 -14.13
N LYS E 478 21.36 -45.21 -12.97
CA LYS E 478 21.84 -44.55 -11.75
C LYS E 478 23.25 -45.01 -11.39
N THR E 479 23.57 -46.29 -11.61
CA THR E 479 24.90 -46.77 -11.25
C THR E 479 25.96 -46.11 -12.12
N GLU E 480 25.65 -45.84 -13.38
CA GLU E 480 26.62 -45.13 -14.22
C GLU E 480 26.82 -43.71 -13.72
N LEU E 481 25.74 -43.02 -13.31
CA LEU E 481 25.90 -41.70 -12.71
C LEU E 481 26.56 -41.79 -11.34
N GLN E 482 26.24 -42.83 -10.56
CA GLN E 482 26.87 -42.98 -9.26
C GLN E 482 28.37 -43.23 -9.38
N ALA E 483 28.79 -43.95 -10.43
CA ALA E 483 30.22 -44.19 -10.62
C ALA E 483 30.95 -42.89 -10.96
N ILE E 484 30.32 -42.02 -11.75
CA ILE E 484 30.93 -40.72 -12.03
C ILE E 484 31.03 -39.90 -10.76
N TYR E 485 30.03 -39.98 -9.89
CA TYR E 485 30.07 -39.24 -8.64
C TYR E 485 31.25 -39.70 -7.79
N LEU E 486 31.54 -41.01 -7.81
CA LEU E 486 32.68 -41.51 -7.05
C LEU E 486 33.98 -40.94 -7.57
N ALA E 487 34.14 -40.89 -8.88
CA ALA E 487 35.36 -40.31 -9.44
C ALA E 487 35.48 -38.82 -9.09
N LEU E 488 34.36 -38.10 -9.08
CA LEU E 488 34.41 -36.69 -8.74
C LEU E 488 34.75 -36.49 -7.27
N GLN E 489 34.25 -37.36 -6.39
CA GLN E 489 34.57 -37.25 -4.97
C GLN E 489 36.04 -37.55 -4.70
N ASP E 490 36.53 -38.66 -5.25
CA ASP E 490 37.86 -39.17 -4.93
C ASP E 490 38.91 -38.70 -5.91
N SER E 491 38.89 -37.43 -6.33
CA SER E 491 39.89 -36.92 -7.25
C SER E 491 40.29 -35.51 -6.84
N GLY E 492 41.39 -35.04 -7.43
CA GLY E 492 41.86 -33.70 -7.19
C GLY E 492 41.06 -32.65 -7.95
N LEU E 493 41.64 -31.46 -8.05
CA LEU E 493 40.95 -30.38 -8.73
C LEU E 493 40.97 -30.53 -10.24
N GLU E 494 41.79 -31.42 -10.78
CA GLU E 494 41.82 -31.68 -12.21
C GLU E 494 41.73 -33.19 -12.42
N VAL E 495 40.72 -33.63 -13.18
CA VAL E 495 40.41 -35.05 -13.31
C VAL E 495 39.94 -35.33 -14.73
N ASN E 496 40.33 -36.47 -15.26
CA ASN E 496 39.83 -36.99 -16.53
C ASN E 496 39.00 -38.23 -16.25
N ILE E 497 37.79 -38.28 -16.81
CA ILE E 497 36.85 -39.35 -16.55
C ILE E 497 36.43 -39.96 -17.89
N VAL E 498 36.45 -41.28 -17.98
CA VAL E 498 36.09 -42.01 -19.20
C VAL E 498 34.94 -42.95 -18.84
N THR E 499 33.77 -42.74 -19.45
CA THR E 499 32.61 -43.56 -19.19
C THR E 499 32.05 -44.15 -20.48
N ASP E 500 31.26 -45.22 -20.34
CA ASP E 500 30.61 -45.88 -21.46
C ASP E 500 29.11 -45.58 -21.53
N SER E 501 28.62 -44.68 -20.68
CA SER E 501 27.20 -44.40 -20.58
C SER E 501 26.86 -43.17 -21.42
N GLN E 502 26.12 -43.38 -22.52
CA GLN E 502 25.61 -42.22 -23.25
C GLN E 502 24.64 -41.43 -22.41
N TYR E 503 23.88 -42.12 -21.54
CA TYR E 503 22.91 -41.44 -20.71
C TYR E 503 23.58 -40.48 -19.74
N ALA E 504 24.58 -40.96 -19.01
CA ALA E 504 25.27 -40.10 -18.06
C ALA E 504 26.02 -38.98 -18.78
N LEU E 505 26.58 -39.28 -19.96
CA LEU E 505 27.33 -38.26 -20.68
C LEU E 505 26.42 -37.13 -21.13
N GLY E 506 25.26 -37.46 -21.68
CA GLY E 506 24.35 -36.42 -22.16
C GLY E 506 23.83 -35.51 -21.08
N ILE E 507 23.67 -36.02 -19.86
CA ILE E 507 23.19 -35.18 -18.76
C ILE E 507 24.24 -34.15 -18.38
N ILE E 508 25.45 -34.61 -18.13
CA ILE E 508 26.52 -33.75 -17.62
C ILE E 508 26.97 -32.78 -18.70
N GLN E 509 27.02 -33.23 -19.96
CA GLN E 509 27.50 -32.37 -21.05
C GLN E 509 26.55 -31.22 -21.35
N ALA E 510 25.29 -31.29 -20.91
CA ALA E 510 24.31 -30.23 -21.03
C ALA E 510 24.53 -29.08 -20.05
N GLN E 511 25.54 -29.17 -19.19
CA GLN E 511 25.81 -28.15 -18.19
C GLN E 511 24.59 -27.79 -17.34
N PRO E 512 23.99 -28.77 -16.65
CA PRO E 512 22.87 -28.44 -15.77
C PRO E 512 23.33 -27.89 -14.42
N ASP E 513 22.58 -26.91 -13.90
CA ASP E 513 22.79 -26.44 -12.53
C ASP E 513 21.72 -26.90 -11.56
N LYS E 514 20.65 -27.54 -12.04
CA LYS E 514 19.59 -28.03 -11.17
C LYS E 514 19.05 -29.32 -11.76
N SER E 515 18.49 -30.18 -10.90
CA SER E 515 17.96 -31.45 -11.38
C SER E 515 16.95 -31.99 -10.39
N GLU E 516 15.92 -32.65 -10.91
CA GLU E 516 14.98 -33.36 -10.06
C GLU E 516 15.64 -34.55 -9.37
N SER E 517 16.69 -35.11 -9.96
CA SER E 517 17.43 -36.21 -9.35
C SER E 517 18.38 -35.67 -8.29
N GLU E 518 18.25 -36.18 -7.06
CA GLU E 518 19.16 -35.80 -5.99
C GLU E 518 20.60 -36.14 -6.34
N LEU E 519 20.81 -37.30 -6.99
CA LEU E 519 22.16 -37.72 -7.35
C LEU E 519 22.82 -36.74 -8.30
N VAL E 520 22.08 -36.25 -9.29
CA VAL E 520 22.62 -35.29 -10.24
C VAL E 520 22.96 -33.97 -9.55
N ASN E 521 22.17 -33.57 -8.56
CA ASN E 521 22.51 -32.34 -7.84
C ASN E 521 23.83 -32.48 -7.11
N GLN E 522 24.10 -33.65 -6.51
CA GLN E 522 25.41 -33.87 -5.91
C GLN E 522 26.52 -33.84 -6.95
N ILE E 523 26.27 -34.41 -8.13
CA ILE E 523 27.30 -34.39 -9.18
C ILE E 523 27.54 -32.97 -9.67
N ILE E 524 26.46 -32.19 -9.82
CA ILE E 524 26.62 -30.80 -10.22
C ILE E 524 27.42 -30.04 -9.16
N GLU E 525 27.13 -30.30 -7.88
CA GLU E 525 27.87 -29.63 -6.82
C GLU E 525 29.35 -29.97 -6.87
N GLN E 526 29.68 -31.23 -7.19
CA GLN E 526 31.09 -31.58 -7.33
C GLN E 526 31.73 -30.90 -8.53
N LEU E 527 30.97 -30.74 -9.62
CA LEU E 527 31.51 -30.15 -10.83
C LEU E 527 31.83 -28.68 -10.63
N ILE E 528 31.01 -27.98 -9.84
CA ILE E 528 31.28 -26.56 -9.60
C ILE E 528 32.57 -26.39 -8.82
N LYS E 529 32.83 -27.28 -7.86
CA LYS E 529 33.99 -27.16 -7.00
C LYS E 529 35.31 -27.55 -7.68
N LYS E 530 35.25 -28.20 -8.84
CA LYS E 530 36.50 -28.55 -9.52
C LYS E 530 37.01 -27.37 -10.33
N GLU E 531 38.29 -27.44 -10.69
CA GLU E 531 38.91 -26.45 -11.54
C GLU E 531 38.93 -26.88 -13.00
N LYS E 532 39.20 -28.15 -13.26
CA LYS E 532 39.22 -28.66 -14.62
C LYS E 532 38.67 -30.08 -14.60
N VAL E 533 37.69 -30.33 -15.46
CA VAL E 533 37.08 -31.65 -15.59
C VAL E 533 36.92 -31.96 -17.07
N TYR E 534 37.38 -33.13 -17.48
CA TYR E 534 37.24 -33.60 -18.84
C TYR E 534 36.51 -34.94 -18.80
N LEU E 535 35.37 -35.01 -19.48
CA LEU E 535 34.53 -36.19 -19.50
C LEU E 535 34.52 -36.74 -20.91
N ALA E 536 35.04 -37.96 -21.09
CA ALA E 536 35.08 -38.62 -22.38
C ALA E 536 34.21 -39.86 -22.39
N TRP E 537 33.80 -40.28 -23.59
CA TRP E 537 32.92 -41.44 -23.74
C TRP E 537 33.60 -42.46 -24.64
N VAL E 538 33.38 -43.73 -24.32
CA VAL E 538 33.87 -44.85 -25.13
C VAL E 538 32.78 -45.88 -25.26
N PRO E 539 32.76 -46.62 -26.36
CA PRO E 539 31.77 -47.69 -26.52
C PRO E 539 32.07 -48.85 -25.58
N ALA E 540 31.06 -49.27 -24.83
CA ALA E 540 31.18 -50.35 -23.88
C ALA E 540 31.36 -51.69 -24.59
N HIS E 541 32.06 -52.60 -23.93
CA HIS E 541 32.23 -53.98 -24.41
C HIS E 541 32.94 -54.06 -25.76
N LYS E 542 34.06 -53.33 -25.86
CA LYS E 542 34.91 -53.41 -27.05
C LYS E 542 36.37 -53.60 -26.67
N GLY E 543 36.65 -54.00 -25.43
CA GLY E 543 38.02 -54.22 -25.01
C GLY E 543 38.89 -52.98 -25.02
N ILE E 544 38.37 -51.86 -24.51
CA ILE E 544 39.04 -50.57 -24.57
C ILE E 544 39.63 -50.25 -23.20
N GLY E 545 40.90 -49.86 -23.20
CA GLY E 545 41.58 -49.30 -22.05
C GLY E 545 41.08 -49.69 -20.68
N GLY E 546 40.94 -48.70 -19.80
CA GLY E 546 40.46 -48.97 -18.46
C GLY E 546 38.98 -49.27 -18.34
N ASN E 547 38.22 -49.01 -19.41
CA ASN E 547 36.79 -49.31 -19.33
C ASN E 547 36.55 -50.80 -19.08
N GLU E 548 37.35 -51.67 -19.69
CA GLU E 548 37.16 -53.10 -19.50
C GLU E 548 37.42 -53.53 -18.06
N GLN E 549 38.43 -52.93 -17.42
CA GLN E 549 38.77 -53.35 -16.07
C GLN E 549 37.66 -52.96 -15.08
N VAL E 550 37.17 -51.73 -15.15
CA VAL E 550 36.09 -51.34 -14.25
C VAL E 550 34.77 -51.99 -14.63
N ASP E 551 34.58 -52.37 -15.91
CA ASP E 551 33.41 -53.14 -16.29
C ASP E 551 33.41 -54.52 -15.64
N LYS E 552 34.58 -55.12 -15.53
CA LYS E 552 34.68 -56.42 -14.87
C LYS E 552 34.39 -56.30 -13.39
N LEU E 553 34.76 -55.17 -12.77
CA LEU E 553 34.58 -55.00 -11.34
C LEU E 553 33.11 -54.90 -10.95
N VAL E 554 32.32 -54.15 -11.73
CA VAL E 554 30.92 -53.89 -11.36
C VAL E 554 29.92 -54.87 -11.94
N SER E 555 30.32 -55.72 -12.89
CA SER E 555 29.39 -56.70 -13.44
C SER E 555 29.43 -58.04 -12.71
N ALA E 556 30.41 -58.26 -11.84
CA ALA E 556 30.50 -59.52 -11.11
C ALA E 556 29.77 -59.42 -9.76
N ILE F 21 -17.28 -25.87 -66.35
CA ILE F 21 -16.21 -26.83 -66.04
C ILE F 21 -16.65 -27.73 -64.90
N GLU F 22 -16.74 -29.04 -65.15
CA GLU F 22 -17.18 -29.96 -64.11
C GLU F 22 -16.06 -30.29 -63.12
N THR F 23 -16.45 -30.43 -61.86
CA THR F 23 -15.53 -30.68 -60.76
C THR F 23 -15.20 -32.17 -60.69
N VAL F 24 -14.05 -32.49 -60.13
CA VAL F 24 -13.66 -33.89 -59.95
C VAL F 24 -14.09 -34.31 -58.55
N PRO F 25 -14.73 -35.45 -58.38
CA PRO F 25 -15.19 -35.84 -57.03
C PRO F 25 -13.99 -36.14 -56.14
N VAL F 26 -13.97 -35.55 -54.96
CA VAL F 26 -12.91 -35.80 -53.99
C VAL F 26 -13.51 -36.19 -52.66
N LYS F 27 -12.90 -37.18 -52.01
CA LYS F 27 -13.31 -37.67 -50.71
C LYS F 27 -12.06 -37.83 -49.84
N LEU F 28 -12.29 -38.18 -48.58
CA LEU F 28 -11.24 -38.44 -47.62
C LEU F 28 -10.89 -39.92 -47.61
N LYS F 29 -9.83 -40.27 -46.90
CA LYS F 29 -9.47 -41.66 -46.77
C LYS F 29 -10.53 -42.39 -45.94
N PRO F 30 -10.82 -43.64 -46.27
CA PRO F 30 -11.88 -44.37 -45.56
C PRO F 30 -11.68 -44.30 -44.06
N GLY F 31 -12.72 -43.86 -43.35
CA GLY F 31 -12.64 -43.85 -41.91
C GLY F 31 -11.82 -42.72 -41.34
N MET F 32 -11.73 -41.59 -42.03
CA MET F 32 -10.92 -40.47 -41.57
C MET F 32 -11.74 -39.20 -41.63
N ASP F 33 -11.72 -38.42 -40.55
CA ASP F 33 -12.40 -37.13 -40.53
C ASP F 33 -11.51 -36.04 -41.13
N GLY F 34 -11.94 -34.80 -41.02
CA GLY F 34 -11.18 -33.69 -41.55
C GLY F 34 -10.16 -33.16 -40.56
N PRO F 35 -9.39 -32.17 -40.99
CA PRO F 35 -8.37 -31.60 -40.13
C PRO F 35 -8.98 -30.65 -39.12
N LYS F 36 -8.52 -30.73 -37.88
CA LYS F 36 -8.97 -29.83 -36.81
C LYS F 36 -7.75 -29.27 -36.08
N VAL F 37 -6.98 -28.43 -36.76
CA VAL F 37 -5.74 -27.89 -36.24
C VAL F 37 -5.99 -26.45 -35.84
N LYS F 38 -5.60 -26.10 -34.61
CA LYS F 38 -5.78 -24.73 -34.15
C LYS F 38 -4.86 -23.77 -34.89
N GLN F 39 -5.35 -22.56 -35.10
CA GLN F 39 -4.55 -21.53 -35.74
C GLN F 39 -3.66 -20.82 -34.71
N TRP F 40 -2.34 -20.77 -35.00
CA TRP F 40 -1.34 -20.20 -34.11
C TRP F 40 -1.18 -18.70 -34.36
N PRO F 41 -0.73 -17.98 -33.33
CA PRO F 41 -0.73 -16.52 -33.40
C PRO F 41 0.11 -16.00 -34.55
N LEU F 42 -0.27 -14.82 -35.04
CA LEU F 42 0.37 -14.18 -36.17
C LEU F 42 0.62 -12.71 -35.83
N THR F 43 1.62 -12.14 -36.49
CA THR F 43 1.95 -10.76 -36.20
C THR F 43 1.01 -9.82 -36.94
N GLU F 44 1.00 -8.55 -36.52
CA GLU F 44 0.15 -7.58 -37.19
C GLU F 44 0.51 -7.47 -38.66
N GLU F 45 1.81 -7.50 -38.97
CA GLU F 45 2.25 -7.39 -40.35
C GLU F 45 1.72 -8.53 -41.21
N LYS F 46 1.58 -9.72 -40.62
CA LYS F 46 1.10 -10.88 -41.35
C LYS F 46 -0.43 -10.94 -41.38
N ILE F 47 -1.09 -10.55 -40.28
CA ILE F 47 -2.55 -10.59 -40.25
C ILE F 47 -3.13 -9.55 -41.20
N LYS F 48 -2.49 -8.39 -41.27
CA LYS F 48 -2.96 -7.34 -42.17
C LYS F 48 -2.85 -7.80 -43.63
N ALA F 49 -1.78 -8.53 -43.96
CA ALA F 49 -1.66 -9.05 -45.32
C ALA F 49 -2.64 -10.17 -45.59
N LEU F 50 -2.95 -11.00 -44.58
CA LEU F 50 -3.88 -12.09 -44.80
C LEU F 50 -5.31 -11.58 -44.96
N VAL F 51 -5.67 -10.53 -44.20
CA VAL F 51 -7.01 -9.99 -44.34
C VAL F 51 -7.18 -9.27 -45.67
N GLU F 52 -6.09 -8.72 -46.21
CA GLU F 52 -6.20 -8.09 -47.53
C GLU F 52 -6.26 -9.13 -48.63
N ILE F 53 -5.59 -10.26 -48.44
CA ILE F 53 -5.56 -11.31 -49.47
C ILE F 53 -6.89 -12.06 -49.49
N CYS F 54 -7.39 -12.46 -48.32
CA CYS F 54 -8.62 -13.25 -48.31
C CYS F 54 -9.82 -12.44 -48.79
N THR F 55 -9.83 -11.12 -48.53
CA THR F 55 -10.94 -10.32 -49.00
C THR F 55 -10.95 -10.24 -50.52
N GLU F 56 -9.77 -10.19 -51.14
CA GLU F 56 -9.69 -10.18 -52.60
C GLU F 56 -10.06 -11.54 -53.16
N MET F 57 -9.70 -12.61 -52.45
CA MET F 57 -10.07 -13.94 -52.94
C MET F 57 -11.58 -14.10 -52.86
N GLU F 58 -12.21 -13.49 -51.86
CA GLU F 58 -13.66 -13.55 -51.72
C GLU F 58 -14.36 -12.82 -52.87
N LYS F 59 -13.84 -11.66 -53.29
CA LYS F 59 -14.43 -10.96 -54.43
C LYS F 59 -14.37 -11.79 -55.70
N GLU F 60 -13.28 -12.53 -55.89
CA GLU F 60 -13.10 -13.32 -57.10
C GLU F 60 -13.69 -14.71 -56.98
N GLY F 61 -14.41 -14.99 -55.90
CA GLY F 61 -15.15 -16.23 -55.80
C GLY F 61 -14.31 -17.44 -55.43
N LYS F 62 -13.04 -17.25 -55.08
CA LYS F 62 -12.20 -18.41 -54.81
C LYS F 62 -12.46 -18.96 -53.41
N ILE F 63 -12.73 -18.08 -52.45
CA ILE F 63 -13.05 -18.49 -51.09
C ILE F 63 -14.32 -17.76 -50.68
N SER F 64 -14.95 -18.28 -49.63
CA SER F 64 -16.20 -17.72 -49.12
C SER F 64 -16.21 -17.87 -47.60
N LYS F 65 -16.76 -16.87 -46.92
CA LYS F 65 -16.83 -16.90 -45.47
C LYS F 65 -17.76 -18.04 -45.04
N ILE F 66 -17.43 -18.64 -43.89
CA ILE F 66 -18.19 -19.75 -43.33
C ILE F 66 -18.43 -19.49 -41.85
N GLY F 67 -19.35 -20.25 -41.27
CA GLY F 67 -19.68 -20.09 -39.88
C GLY F 67 -19.04 -21.09 -38.94
N PRO F 68 -19.44 -21.07 -37.66
CA PRO F 68 -18.87 -21.99 -36.68
C PRO F 68 -19.42 -23.41 -36.74
N GLU F 69 -20.46 -23.65 -37.54
CA GLU F 69 -20.97 -25.00 -37.73
C GLU F 69 -20.00 -25.92 -38.47
N ASN F 70 -18.98 -25.34 -39.13
CA ASN F 70 -17.91 -26.11 -39.76
C ASN F 70 -16.84 -26.46 -38.73
N PRO F 71 -16.74 -27.72 -38.34
CA PRO F 71 -15.82 -28.12 -37.26
C PRO F 71 -14.36 -28.27 -37.66
N TYR F 72 -13.99 -27.95 -38.88
CA TYR F 72 -12.65 -28.20 -39.36
C TYR F 72 -11.86 -26.90 -39.42
N ASN F 73 -10.53 -27.04 -39.42
CA ASN F 73 -9.66 -25.87 -39.51
C ASN F 73 -8.28 -26.33 -39.97
N THR F 74 -7.51 -25.37 -40.48
CA THR F 74 -6.20 -25.63 -41.00
C THR F 74 -5.38 -24.37 -40.72
N PRO F 75 -4.16 -24.51 -40.23
CA PRO F 75 -3.34 -23.33 -39.94
C PRO F 75 -3.07 -22.52 -41.20
N VAL F 76 -3.12 -21.21 -41.06
CA VAL F 76 -2.83 -20.31 -42.16
C VAL F 76 -1.88 -19.22 -41.69
N PHE F 77 -1.08 -18.72 -42.62
CA PHE F 77 -0.11 -17.67 -42.35
C PHE F 77 0.45 -17.18 -43.67
N ALA F 78 1.19 -16.07 -43.61
CA ALA F 78 1.75 -15.42 -44.77
C ALA F 78 3.26 -15.31 -44.66
N ILE F 79 3.93 -15.30 -45.81
CA ILE F 79 5.38 -15.15 -45.86
C ILE F 79 5.72 -14.18 -46.98
N LYS F 80 6.86 -13.50 -46.83
CA LYS F 80 7.38 -12.63 -47.88
C LYS F 80 8.18 -13.45 -48.86
N LYS F 81 7.85 -13.31 -50.14
CA LYS F 81 8.48 -14.11 -51.17
C LYS F 81 9.97 -13.77 -51.23
N LYS F 82 10.75 -14.68 -51.81
CA LYS F 82 12.18 -14.46 -52.00
C LYS F 82 12.42 -13.32 -52.98
N ASP F 83 13.17 -12.31 -52.55
CA ASP F 83 13.49 -11.14 -53.37
C ASP F 83 12.22 -10.44 -53.83
N SER F 84 11.41 -10.08 -52.84
CA SER F 84 10.11 -9.45 -53.04
C SER F 84 9.60 -8.95 -51.71
N THR F 85 8.65 -8.02 -51.77
CA THR F 85 7.93 -7.54 -50.59
C THR F 85 6.48 -7.97 -50.61
N LYS F 86 5.97 -8.47 -51.74
CA LYS F 86 4.59 -8.92 -51.87
C LYS F 86 4.38 -10.20 -51.06
N TRP F 87 3.43 -10.14 -50.13
CA TRP F 87 3.11 -11.29 -49.29
C TRP F 87 2.41 -12.39 -50.07
N ARG F 88 2.71 -13.63 -49.69
CA ARG F 88 2.11 -14.83 -50.25
C ARG F 88 1.36 -15.58 -49.16
N LYS F 89 0.17 -16.07 -49.49
CA LYS F 89 -0.61 -16.86 -48.55
C LYS F 89 -0.12 -18.30 -48.54
N LEU F 90 0.23 -18.80 -47.36
CA LEU F 90 0.71 -20.17 -47.22
C LEU F 90 -0.21 -20.92 -46.27
N VAL F 91 -0.73 -22.05 -46.72
CA VAL F 91 -1.68 -22.85 -45.96
C VAL F 91 -0.98 -24.13 -45.51
N ASP F 92 -1.13 -24.47 -44.23
CA ASP F 92 -0.50 -25.68 -43.70
C ASP F 92 -1.51 -26.82 -43.87
N PHE F 93 -1.56 -27.34 -45.09
CA PHE F 93 -2.45 -28.44 -45.47
C PHE F 93 -1.89 -29.80 -45.12
N ARG F 94 -0.86 -29.85 -44.27
CA ARG F 94 -0.24 -31.12 -43.94
C ARG F 94 -1.27 -32.10 -43.40
N GLU F 95 -2.13 -31.64 -42.48
CA GLU F 95 -3.14 -32.53 -41.93
C GLU F 95 -4.18 -32.93 -42.96
N LEU F 96 -4.55 -32.02 -43.87
CA LEU F 96 -5.54 -32.39 -44.87
C LEU F 96 -4.94 -33.37 -45.88
N ASN F 97 -3.69 -33.14 -46.29
CA ASN F 97 -3.07 -34.05 -47.25
C ASN F 97 -2.90 -35.44 -46.66
N LYS F 98 -2.61 -35.53 -45.36
CA LYS F 98 -2.53 -36.84 -44.74
C LYS F 98 -3.88 -37.57 -44.76
N ARG F 99 -4.98 -36.82 -44.75
CA ARG F 99 -6.31 -37.41 -44.78
C ARG F 99 -6.97 -37.37 -46.16
N THR F 100 -6.35 -36.73 -47.14
CA THR F 100 -6.93 -36.76 -48.46
C THR F 100 -6.71 -38.16 -49.02
N GLN F 101 -7.64 -38.61 -49.85
CA GLN F 101 -7.59 -40.00 -50.30
C GLN F 101 -6.26 -40.32 -50.98
N ASP F 102 -5.92 -41.61 -50.98
CA ASP F 102 -4.68 -42.04 -51.61
C ASP F 102 -4.78 -42.01 -53.13
N PHE F 103 -5.97 -41.79 -53.69
CA PHE F 103 -6.11 -41.79 -55.14
C PHE F 103 -5.33 -40.65 -55.77
N TRP F 104 -5.08 -39.60 -55.01
CA TRP F 104 -4.32 -38.45 -55.48
C TRP F 104 -2.82 -38.70 -55.46
N GLU F 105 -2.40 -39.81 -54.86
CA GLU F 105 -1.00 -40.20 -54.78
C GLU F 105 -0.76 -41.61 -55.31
N VAL F 106 -1.81 -42.32 -55.68
CA VAL F 106 -1.71 -43.71 -56.14
C VAL F 106 -2.45 -43.90 -57.46
N GLN F 107 -3.69 -43.39 -57.55
CA GLN F 107 -4.49 -43.56 -58.76
C GLN F 107 -3.70 -43.12 -60.00
N LEU F 108 -3.32 -41.84 -60.05
CA LEU F 108 -2.52 -41.29 -61.14
C LEU F 108 -1.27 -40.69 -60.51
N GLY F 109 -0.17 -41.44 -60.54
CA GLY F 109 1.07 -40.99 -59.94
C GLY F 109 2.00 -40.33 -60.95
N ILE F 110 2.82 -39.42 -60.43
CA ILE F 110 3.77 -38.66 -61.26
C ILE F 110 5.06 -39.45 -61.35
N PRO F 111 5.38 -40.07 -62.48
CA PRO F 111 6.67 -40.76 -62.60
C PRO F 111 7.82 -39.80 -62.36
N HIS F 112 8.82 -40.26 -61.61
CA HIS F 112 9.86 -39.31 -61.27
C HIS F 112 10.97 -39.37 -62.32
N PRO F 113 11.33 -38.25 -62.94
CA PRO F 113 12.42 -38.27 -63.92
C PRO F 113 13.78 -38.37 -63.23
N ALA F 114 14.53 -39.42 -63.56
CA ALA F 114 15.85 -39.59 -62.98
C ALA F 114 16.87 -38.63 -63.55
N GLY F 115 16.57 -37.98 -64.68
CA GLY F 115 17.52 -37.06 -65.25
C GLY F 115 17.42 -35.63 -64.78
N LEU F 116 16.37 -35.31 -64.02
CA LEU F 116 16.28 -33.95 -63.49
C LEU F 116 17.45 -33.63 -62.58
N LYS F 117 17.82 -34.59 -61.72
CA LYS F 117 18.92 -34.37 -60.77
C LYS F 117 20.25 -34.23 -61.48
N LYS F 118 20.39 -34.85 -62.65
CA LYS F 118 21.63 -34.84 -63.43
C LYS F 118 21.75 -33.63 -64.33
N LYS F 119 20.68 -32.86 -64.49
CA LYS F 119 20.69 -31.74 -65.40
C LYS F 119 21.65 -30.68 -64.86
N LYS F 120 22.06 -29.75 -65.72
CA LYS F 120 23.10 -28.80 -65.34
C LYS F 120 22.51 -27.58 -64.65
N SER F 121 21.30 -27.19 -65.03
CA SER F 121 20.61 -26.04 -64.46
C SER F 121 19.13 -26.39 -64.35
N VAL F 122 18.56 -26.14 -63.18
CA VAL F 122 17.15 -26.41 -62.91
C VAL F 122 16.55 -25.16 -62.29
N THR F 123 15.35 -24.79 -62.76
CA THR F 123 14.65 -23.61 -62.29
C THR F 123 13.27 -23.99 -61.80
N VAL F 124 12.91 -23.50 -60.62
CA VAL F 124 11.60 -23.73 -60.01
C VAL F 124 10.63 -22.64 -60.43
N LEU F 125 9.39 -23.04 -60.71
CA LEU F 125 8.35 -22.13 -61.21
C LEU F 125 7.10 -22.31 -60.37
N ASP F 126 6.64 -21.24 -59.73
CA ASP F 126 5.39 -21.25 -58.98
C ASP F 126 4.21 -21.25 -59.95
N VAL F 127 3.50 -22.37 -60.05
CA VAL F 127 2.35 -22.44 -60.93
C VAL F 127 1.07 -22.61 -60.11
N GLY F 128 1.10 -22.16 -58.87
CA GLY F 128 -0.04 -22.31 -57.99
C GLY F 128 -1.23 -21.49 -58.46
N ASP F 129 -0.96 -20.42 -59.22
CA ASP F 129 -2.04 -19.57 -59.73
C ASP F 129 -2.93 -20.35 -60.69
N ALA F 130 -2.47 -21.49 -61.20
CA ALA F 130 -3.30 -22.24 -62.12
C ALA F 130 -4.48 -22.84 -61.38
N TYR F 131 -4.30 -23.15 -60.10
CA TYR F 131 -5.37 -23.82 -59.38
C TYR F 131 -6.48 -22.87 -59.00
N PHE F 132 -6.38 -21.57 -59.32
CA PHE F 132 -7.42 -20.68 -58.85
C PHE F 132 -8.51 -20.54 -59.90
N SER F 133 -8.43 -21.35 -60.94
CA SER F 133 -9.37 -21.36 -62.05
C SER F 133 -10.15 -22.66 -62.17
N VAL F 134 -9.96 -23.60 -61.25
CA VAL F 134 -10.59 -24.91 -61.32
C VAL F 134 -11.44 -25.04 -60.08
N PRO F 135 -12.75 -25.28 -60.20
CA PRO F 135 -13.58 -25.39 -59.00
C PRO F 135 -13.25 -26.65 -58.23
N LEU F 136 -13.73 -26.68 -56.99
CA LEU F 136 -13.51 -27.80 -56.11
C LEU F 136 -14.85 -28.47 -55.84
N ASP F 137 -14.80 -29.76 -55.59
CA ASP F 137 -16.02 -30.47 -55.25
C ASP F 137 -16.67 -29.82 -54.04
N GLU F 138 -17.97 -29.56 -54.12
CA GLU F 138 -18.66 -28.79 -53.09
C GLU F 138 -18.65 -29.53 -51.75
N ASP F 139 -18.97 -30.83 -51.75
CA ASP F 139 -18.99 -31.56 -50.48
C ASP F 139 -17.61 -31.77 -49.90
N PHE F 140 -16.56 -31.32 -50.59
CA PHE F 140 -15.21 -31.36 -50.06
C PHE F 140 -14.71 -30.00 -49.60
N ARG F 141 -15.43 -28.92 -49.93
CA ARG F 141 -14.96 -27.59 -49.58
C ARG F 141 -14.88 -27.41 -48.07
N LYS F 142 -15.72 -28.13 -47.31
CA LYS F 142 -15.78 -27.92 -45.87
C LYS F 142 -14.48 -28.32 -45.17
N TYR F 143 -13.64 -29.16 -45.78
CA TYR F 143 -12.42 -29.58 -45.12
C TYR F 143 -11.28 -28.59 -45.29
N THR F 144 -11.44 -27.55 -46.11
CA THR F 144 -10.39 -26.56 -46.31
C THR F 144 -10.62 -25.30 -45.50
N ALA F 145 -11.29 -25.43 -44.36
CA ALA F 145 -11.60 -24.27 -43.54
C ALA F 145 -10.35 -23.80 -42.83
N PHE F 146 -10.28 -22.49 -42.60
CA PHE F 146 -9.16 -21.90 -41.90
C PHE F 146 -9.65 -20.60 -41.27
N THR F 147 -9.05 -20.23 -40.15
CA THR F 147 -9.47 -19.07 -39.39
C THR F 147 -8.33 -18.06 -39.37
N ILE F 148 -8.68 -16.81 -39.60
CA ILE F 148 -7.73 -15.70 -39.51
C ILE F 148 -7.85 -15.09 -38.13
N PRO F 149 -6.79 -15.10 -37.32
CA PRO F 149 -6.87 -14.52 -35.98
C PRO F 149 -6.80 -13.00 -36.03
N SER F 150 -7.08 -12.39 -34.89
CA SER F 150 -7.00 -10.95 -34.71
C SER F 150 -6.12 -10.64 -33.51
N ILE F 151 -5.57 -9.43 -33.52
CA ILE F 151 -4.67 -9.03 -32.44
C ILE F 151 -5.48 -8.83 -31.16
N ASN F 152 -4.92 -9.32 -30.06
CA ASN F 152 -5.53 -9.21 -28.73
C ASN F 152 -6.94 -9.81 -28.69
N ASN F 153 -7.20 -10.76 -29.57
CA ASN F 153 -8.52 -11.40 -29.66
C ASN F 153 -9.63 -10.37 -29.76
N GLU F 154 -9.34 -9.28 -30.47
CA GLU F 154 -10.31 -8.20 -30.63
C GLU F 154 -11.58 -8.69 -31.32
N THR F 155 -11.42 -9.30 -32.49
CA THR F 155 -12.50 -9.91 -33.24
C THR F 155 -12.40 -11.42 -33.23
N PRO F 156 -13.53 -12.13 -33.12
CA PRO F 156 -13.50 -13.58 -33.25
C PRO F 156 -12.94 -13.95 -34.62
N GLY F 157 -12.36 -15.14 -34.71
CA GLY F 157 -11.72 -15.53 -35.95
C GLY F 157 -12.69 -15.52 -37.11
N ILE F 158 -12.29 -14.88 -38.21
CA ILE F 158 -13.09 -14.86 -39.42
C ILE F 158 -12.68 -16.08 -40.24
N ARG F 159 -13.64 -16.95 -40.51
CA ARG F 159 -13.37 -18.23 -41.14
C ARG F 159 -13.76 -18.19 -42.60
N TYR F 160 -12.95 -18.86 -43.43
CA TYR F 160 -13.21 -19.02 -44.84
C TYR F 160 -13.04 -20.48 -45.22
N GLN F 161 -13.65 -20.86 -46.33
CA GLN F 161 -13.43 -22.15 -46.98
C GLN F 161 -13.17 -21.94 -48.46
N TYR F 162 -12.32 -22.80 -49.02
CA TYR F 162 -11.96 -22.69 -50.42
C TYR F 162 -13.10 -23.12 -51.34
N ASN F 163 -13.23 -22.42 -52.47
CA ASN F 163 -14.16 -22.78 -53.52
C ASN F 163 -13.48 -23.36 -54.75
N VAL F 164 -12.16 -23.22 -54.87
CA VAL F 164 -11.44 -23.76 -56.00
C VAL F 164 -10.34 -24.69 -55.48
N LEU F 165 -9.45 -25.10 -56.36
CA LEU F 165 -8.32 -25.91 -55.93
C LEU F 165 -7.36 -25.02 -55.16
N PRO F 166 -7.02 -25.36 -53.91
CA PRO F 166 -6.13 -24.50 -53.12
C PRO F 166 -4.66 -24.80 -53.42
N GLN F 167 -3.83 -23.77 -53.32
CA GLN F 167 -2.40 -24.01 -53.32
C GLN F 167 -1.99 -24.73 -52.05
N GLY F 168 -1.05 -25.66 -52.18
CA GLY F 168 -0.57 -26.46 -51.08
C GLY F 168 -1.37 -27.69 -50.73
N TRP F 169 -2.47 -27.96 -51.43
CA TRP F 169 -3.24 -29.18 -51.18
C TRP F 169 -2.66 -30.33 -51.98
N LYS F 170 -2.62 -31.52 -51.37
CA LYS F 170 -2.06 -32.68 -52.07
C LYS F 170 -2.84 -33.04 -53.32
N GLY F 171 -4.18 -32.89 -53.27
CA GLY F 171 -5.00 -33.25 -54.40
C GLY F 171 -5.13 -32.19 -55.46
N SER F 172 -4.60 -30.99 -55.20
CA SER F 172 -4.72 -29.94 -56.20
C SER F 172 -3.91 -30.28 -57.45
N PRO F 173 -2.62 -30.61 -57.35
CA PRO F 173 -1.86 -30.93 -58.58
C PRO F 173 -2.32 -32.21 -59.23
N ALA F 174 -2.92 -33.12 -58.46
CA ALA F 174 -3.38 -34.39 -59.03
C ALA F 174 -4.60 -34.18 -59.91
N ILE F 175 -5.55 -33.36 -59.45
CA ILE F 175 -6.73 -33.08 -60.27
C ILE F 175 -6.34 -32.28 -61.50
N PHE F 176 -5.33 -31.41 -61.40
CA PHE F 176 -4.86 -30.67 -62.54
C PHE F 176 -3.89 -31.46 -63.42
N GLN F 177 -3.52 -32.69 -63.02
CA GLN F 177 -2.47 -33.41 -63.74
C GLN F 177 -2.86 -33.69 -65.17
N SER F 178 -4.11 -34.11 -65.40
CA SER F 178 -4.55 -34.39 -66.77
C SER F 178 -4.42 -33.14 -67.63
N SER F 179 -4.70 -31.97 -67.06
CA SER F 179 -4.55 -30.72 -67.80
C SER F 179 -3.09 -30.33 -67.94
N MET F 180 -2.28 -30.56 -66.91
CA MET F 180 -0.89 -30.12 -66.93
C MET F 180 -0.09 -30.86 -68.00
N THR F 181 -0.35 -32.16 -68.16
CA THR F 181 0.32 -32.92 -69.21
C THR F 181 0.00 -32.33 -70.58
N LYS F 182 -1.26 -31.93 -70.79
CA LYS F 182 -1.67 -31.41 -72.09
C LYS F 182 -1.06 -30.04 -72.33
N ILE F 183 -1.00 -29.21 -71.28
CA ILE F 183 -0.39 -27.89 -71.39
C ILE F 183 1.07 -28.00 -71.83
N LEU F 184 1.80 -28.95 -71.23
CA LEU F 184 3.22 -29.12 -71.43
C LEU F 184 3.57 -29.94 -72.68
N GLU F 185 2.58 -30.56 -73.34
CA GLU F 185 2.90 -31.48 -74.42
C GLU F 185 3.53 -30.81 -75.61
N PRO F 186 3.00 -29.69 -76.12
CA PRO F 186 3.74 -28.93 -77.13
C PRO F 186 5.16 -28.59 -76.79
N PHE F 187 5.39 -28.01 -75.61
CA PHE F 187 6.75 -27.61 -75.24
C PHE F 187 7.70 -28.80 -75.15
N LYS F 188 7.29 -29.89 -74.48
CA LYS F 188 8.19 -31.03 -74.33
C LYS F 188 8.59 -31.65 -75.67
N LYS F 189 7.69 -31.58 -76.66
CA LYS F 189 8.07 -32.01 -78.02
C LYS F 189 9.01 -30.99 -78.64
N GLN F 190 8.79 -29.70 -78.35
CA GLN F 190 9.66 -28.65 -78.85
C GLN F 190 11.06 -28.78 -78.25
N ASN F 191 11.14 -29.07 -76.95
CA ASN F 191 12.40 -29.17 -76.21
C ASN F 191 12.45 -30.50 -75.48
N PRO F 192 12.87 -31.58 -76.14
CA PRO F 192 12.90 -32.87 -75.44
C PRO F 192 14.05 -33.01 -74.45
N ASP F 193 15.13 -32.24 -74.61
CA ASP F 193 16.22 -32.22 -73.65
C ASP F 193 15.86 -31.49 -72.35
N ILE F 194 14.67 -30.92 -72.23
CA ILE F 194 14.22 -30.24 -71.02
C ILE F 194 13.36 -31.19 -70.19
N VAL F 195 13.70 -31.35 -68.92
CA VAL F 195 12.94 -32.18 -68.00
C VAL F 195 12.06 -31.31 -67.12
N ILE F 196 10.77 -31.62 -67.09
CA ILE F 196 9.79 -30.88 -66.31
C ILE F 196 9.15 -31.83 -65.32
N TYR F 197 9.30 -31.53 -64.03
CA TYR F 197 8.72 -32.32 -62.95
C TYR F 197 7.80 -31.42 -62.12
N GLN F 198 6.66 -31.96 -61.71
CA GLN F 198 5.67 -31.18 -60.98
C GLN F 198 5.55 -31.72 -59.56
N TYR F 199 5.61 -30.81 -58.59
CA TYR F 199 5.45 -31.13 -57.17
C TYR F 199 4.74 -29.97 -56.50
N MET F 200 3.45 -30.18 -56.19
CA MET F 200 2.63 -29.18 -55.50
C MET F 200 2.60 -27.92 -56.37
N ASP F 201 2.67 -26.73 -55.78
CA ASP F 201 2.58 -25.50 -56.56
C ASP F 201 3.81 -25.23 -57.43
N ASP F 202 4.87 -26.04 -57.35
CA ASP F 202 6.10 -25.76 -58.08
C ASP F 202 6.24 -26.63 -59.32
N LEU F 203 7.02 -26.11 -60.27
CA LEU F 203 7.32 -26.80 -61.52
C LEU F 203 8.82 -26.73 -61.76
N TYR F 204 9.47 -27.88 -61.74
CA TYR F 204 10.91 -28.01 -61.89
C TYR F 204 11.28 -28.29 -63.34
N VAL F 205 12.19 -27.49 -63.89
CA VAL F 205 12.56 -27.58 -65.30
C VAL F 205 14.07 -27.65 -65.38
N GLY F 206 14.59 -28.76 -65.90
CA GLY F 206 16.02 -28.97 -65.95
C GLY F 206 16.53 -29.09 -67.37
N SER F 207 17.68 -28.45 -67.59
CA SER F 207 18.31 -28.45 -68.88
C SER F 207 19.82 -28.48 -68.80
N ASP F 208 20.46 -29.25 -69.66
CA ASP F 208 21.91 -29.29 -69.74
C ASP F 208 22.46 -28.11 -70.54
N LEU F 209 21.61 -27.13 -70.87
CA LEU F 209 21.99 -25.98 -71.69
C LEU F 209 22.91 -25.03 -70.92
N GLU F 210 23.42 -24.02 -71.64
CA GLU F 210 24.26 -22.99 -71.04
C GLU F 210 23.48 -22.13 -70.06
N ILE F 211 24.22 -21.45 -69.18
CA ILE F 211 23.55 -20.80 -68.05
C ILE F 211 22.68 -19.66 -68.55
N GLY F 212 23.16 -18.93 -69.56
CA GLY F 212 22.38 -17.82 -70.08
C GLY F 212 21.24 -18.27 -70.97
N GLN F 213 21.43 -19.36 -71.72
CA GLN F 213 20.36 -19.87 -72.56
C GLN F 213 19.43 -20.82 -71.82
N HIS F 214 19.82 -21.32 -70.65
CA HIS F 214 18.86 -22.05 -69.83
C HIS F 214 17.79 -21.09 -69.32
N ARG F 215 18.21 -19.89 -68.91
CA ARG F 215 17.29 -18.87 -68.44
C ARG F 215 16.47 -18.31 -69.59
N THR F 216 16.95 -18.46 -70.83
CA THR F 216 16.17 -18.03 -71.99
C THR F 216 15.07 -19.03 -72.35
N LYS F 217 15.33 -20.32 -72.16
CA LYS F 217 14.29 -21.33 -72.29
C LYS F 217 13.21 -21.23 -71.22
N ILE F 218 13.56 -20.79 -70.02
CA ILE F 218 12.54 -20.54 -69.01
C ILE F 218 11.57 -19.46 -69.46
N GLU F 219 12.09 -18.36 -70.00
CA GLU F 219 11.20 -17.34 -70.55
C GLU F 219 10.30 -17.93 -71.62
N GLU F 220 10.86 -18.79 -72.48
CA GLU F 220 10.06 -19.42 -73.53
C GLU F 220 9.00 -20.31 -72.89
N LEU F 221 9.29 -20.86 -71.73
CA LEU F 221 8.32 -21.72 -71.05
C LEU F 221 7.16 -20.87 -70.55
N ARG F 222 7.46 -19.71 -69.97
CA ARG F 222 6.41 -18.88 -69.43
C ARG F 222 5.45 -18.44 -70.53
N GLN F 223 5.98 -18.12 -71.73
CA GLN F 223 5.05 -17.73 -72.78
C GLN F 223 4.24 -18.92 -73.28
N HIS F 224 4.87 -20.09 -73.41
CA HIS F 224 4.07 -21.25 -73.77
C HIS F 224 3.01 -21.51 -72.72
N LEU F 225 3.36 -21.30 -71.44
CA LEU F 225 2.37 -21.49 -70.38
C LEU F 225 1.40 -20.33 -70.34
N LEU F 226 1.87 -19.13 -70.69
CA LEU F 226 0.97 -17.99 -70.80
C LEU F 226 -0.11 -18.22 -71.86
N ARG F 227 0.21 -18.95 -72.92
CA ARG F 227 -0.83 -19.23 -73.92
C ARG F 227 -1.94 -20.07 -73.31
N TRP F 228 -1.60 -21.16 -72.62
CA TRP F 228 -2.58 -22.04 -72.02
C TRP F 228 -3.10 -21.55 -70.67
N GLY F 229 -2.74 -20.34 -70.25
CA GLY F 229 -3.28 -19.81 -69.01
C GLY F 229 -2.24 -19.94 -67.90
N LEU F 230 -1.06 -19.40 -68.13
CA LEU F 230 0.06 -19.44 -67.19
C LEU F 230 0.56 -20.87 -67.02
N TRP F 245 7.44 -15.35 -63.28
CA TRP F 245 7.41 -14.88 -61.89
C TRP F 245 8.80 -15.03 -61.33
N MET F 246 8.93 -15.37 -60.05
CA MET F 246 10.28 -15.47 -59.52
C MET F 246 10.79 -16.90 -59.56
N GLY F 247 12.02 -17.08 -60.05
CA GLY F 247 12.62 -18.41 -60.19
C GLY F 247 13.67 -18.83 -59.17
N TYR F 248 13.66 -20.12 -58.78
CA TYR F 248 14.72 -20.68 -57.94
C TYR F 248 15.70 -21.39 -58.85
N GLU F 249 16.90 -20.83 -59.05
CA GLU F 249 17.81 -21.43 -60.02
C GLU F 249 18.67 -22.47 -59.30
N LEU F 250 18.66 -23.72 -59.78
CA LEU F 250 19.38 -24.81 -59.13
C LEU F 250 20.41 -25.45 -60.05
N HIS F 251 21.42 -26.05 -59.42
CA HIS F 251 22.48 -26.73 -60.14
C HIS F 251 22.69 -28.09 -59.49
N PRO F 252 21.86 -29.08 -59.85
CA PRO F 252 21.95 -30.39 -59.17
C PRO F 252 23.20 -31.16 -59.55
N ASP F 253 23.77 -30.90 -60.73
CA ASP F 253 24.96 -31.61 -61.19
C ASP F 253 26.20 -31.18 -60.43
N LYS F 254 26.06 -30.23 -59.51
CA LYS F 254 27.16 -29.78 -58.66
C LYS F 254 26.94 -30.13 -57.20
N TRP F 255 25.85 -30.81 -56.87
CA TRP F 255 25.62 -31.24 -55.50
C TRP F 255 26.69 -32.23 -55.08
N THR F 256 27.19 -32.06 -53.86
CA THR F 256 28.28 -32.83 -53.30
C THR F 256 27.78 -33.72 -52.17
N VAL F 257 28.54 -34.79 -51.93
CA VAL F 257 28.31 -35.71 -50.82
C VAL F 257 29.46 -35.56 -49.85
N GLN F 258 29.13 -35.44 -48.55
CA GLN F 258 30.13 -35.29 -47.50
C GLN F 258 30.36 -36.63 -46.84
N PRO F 259 31.47 -37.32 -47.12
CA PRO F 259 31.75 -38.60 -46.47
C PRO F 259 32.31 -38.44 -45.06
N ILE F 260 32.15 -39.50 -44.28
CA ILE F 260 32.67 -39.54 -42.91
C ILE F 260 34.19 -39.49 -42.98
N VAL F 261 34.80 -38.51 -42.32
CA VAL F 261 36.25 -38.36 -42.36
C VAL F 261 36.85 -38.77 -41.03
N LEU F 262 38.13 -39.13 -41.06
CA LEU F 262 38.87 -39.51 -39.87
C LEU F 262 40.01 -38.53 -39.59
N PRO F 263 40.33 -38.31 -38.32
CA PRO F 263 41.37 -37.33 -37.99
C PRO F 263 42.74 -37.81 -38.47
N GLU F 264 43.58 -36.86 -38.85
CA GLU F 264 44.96 -37.13 -39.23
C GLU F 264 45.87 -36.47 -38.20
N LYS F 265 46.66 -37.29 -37.49
CA LYS F 265 47.52 -36.81 -36.42
C LYS F 265 48.92 -37.40 -36.56
N ASP F 266 49.91 -36.63 -36.12
CA ASP F 266 51.29 -37.13 -36.06
C ASP F 266 51.51 -38.08 -34.90
N SER F 267 50.89 -37.80 -33.75
CA SER F 267 50.94 -38.69 -32.61
C SER F 267 49.53 -38.86 -32.06
N TRP F 268 49.26 -40.03 -31.48
CA TRP F 268 47.95 -40.37 -30.96
C TRP F 268 48.06 -40.63 -29.47
N THR F 269 47.18 -40.00 -28.70
CA THR F 269 47.09 -40.26 -27.27
C THR F 269 46.06 -41.35 -26.98
N VAL F 270 45.99 -41.78 -25.73
CA VAL F 270 44.96 -42.72 -25.35
C VAL F 270 43.59 -42.12 -25.68
N ASN F 271 43.42 -40.83 -25.39
CA ASN F 271 42.16 -40.17 -25.68
C ASN F 271 41.89 -40.11 -27.19
N ASP F 272 42.92 -39.86 -28.00
CA ASP F 272 42.73 -39.79 -29.46
C ASP F 272 42.26 -41.11 -30.03
N ILE F 273 42.81 -42.22 -29.55
CA ILE F 273 42.44 -43.54 -30.04
C ILE F 273 41.09 -43.97 -29.48
N GLN F 274 40.79 -43.60 -28.25
CA GLN F 274 39.49 -43.93 -27.68
C GLN F 274 38.38 -43.25 -28.47
N LYS F 275 38.63 -42.03 -28.95
CA LYS F 275 37.64 -41.38 -29.78
C LYS F 275 37.62 -41.97 -31.18
N LEU F 276 38.77 -42.41 -31.68
CA LEU F 276 38.79 -43.04 -33.00
C LEU F 276 38.04 -44.36 -32.99
N VAL F 277 38.29 -45.20 -31.98
CA VAL F 277 37.62 -46.49 -31.92
C VAL F 277 36.11 -46.31 -31.77
N GLY F 278 35.67 -45.36 -30.95
CA GLY F 278 34.26 -45.10 -30.82
C GLY F 278 33.63 -44.63 -32.12
N LYS F 279 34.33 -43.76 -32.85
CA LYS F 279 33.78 -43.27 -34.11
C LYS F 279 33.71 -44.40 -35.12
N LEU F 280 34.73 -45.25 -35.17
CA LEU F 280 34.72 -46.35 -36.13
C LEU F 280 33.71 -47.41 -35.71
N ASN F 281 33.53 -47.61 -34.40
CA ASN F 281 32.51 -48.57 -33.97
C ASN F 281 31.13 -48.12 -34.40
N TRP F 282 30.85 -46.83 -34.29
CA TRP F 282 29.57 -46.31 -34.74
C TRP F 282 29.46 -46.39 -36.26
N ALA F 283 30.50 -45.97 -36.98
CA ALA F 283 30.48 -46.03 -38.43
C ALA F 283 30.46 -47.46 -38.97
N SER F 284 30.78 -48.47 -38.15
CA SER F 284 30.67 -49.84 -38.60
C SER F 284 29.24 -50.25 -38.89
N GLN F 285 28.26 -49.54 -38.31
CA GLN F 285 26.86 -49.79 -38.59
C GLN F 285 26.45 -49.25 -39.96
N ILE F 286 27.20 -48.30 -40.51
CA ILE F 286 26.92 -47.74 -41.83
C ILE F 286 27.74 -48.44 -42.91
N TYR F 287 29.04 -48.61 -42.67
CA TYR F 287 29.97 -49.26 -43.58
C TYR F 287 30.34 -50.62 -43.04
N PRO F 288 30.15 -51.70 -43.80
CA PRO F 288 30.37 -53.04 -43.23
C PRO F 288 31.82 -53.38 -42.91
N GLY F 289 32.76 -53.03 -43.79
CA GLY F 289 34.12 -53.50 -43.64
C GLY F 289 34.93 -52.87 -42.53
N ILE F 290 34.35 -52.00 -41.72
CA ILE F 290 35.13 -51.32 -40.69
C ILE F 290 35.55 -52.31 -39.61
N LYS F 291 36.84 -52.32 -39.29
CA LYS F 291 37.40 -53.15 -38.23
C LYS F 291 38.20 -52.26 -37.28
N VAL F 292 38.22 -52.64 -36.00
CA VAL F 292 38.85 -51.82 -34.97
C VAL F 292 39.68 -52.70 -34.07
N ARG F 293 39.90 -53.96 -34.48
CA ARG F 293 40.62 -54.89 -33.61
C ARG F 293 42.03 -54.39 -33.35
N GLN F 294 42.77 -54.08 -34.41
CA GLN F 294 44.15 -53.64 -34.21
C GLN F 294 44.23 -52.29 -33.51
N LEU F 295 43.22 -51.43 -33.70
CA LEU F 295 43.25 -50.16 -33.00
C LEU F 295 42.91 -50.32 -31.53
N SER F 296 42.00 -51.25 -31.19
CA SER F 296 41.70 -51.51 -29.79
C SER F 296 42.85 -52.21 -29.08
N LYS F 297 43.73 -52.90 -29.82
CA LYS F 297 44.89 -53.52 -29.19
C LYS F 297 45.78 -52.48 -28.53
N LEU F 298 45.80 -51.26 -29.07
CA LEU F 298 46.71 -50.26 -28.54
C LEU F 298 46.20 -49.68 -27.22
N LEU F 299 44.93 -49.89 -26.88
CA LEU F 299 44.41 -49.42 -25.61
C LEU F 299 44.19 -50.58 -24.65
N ARG F 300 45.21 -51.39 -24.41
CA ARG F 300 44.99 -52.62 -23.67
C ARG F 300 45.19 -52.46 -22.16
N GLY F 301 45.82 -51.38 -21.72
CA GLY F 301 46.13 -51.20 -20.32
C GLY F 301 45.14 -50.29 -19.62
N THR F 302 45.64 -49.47 -18.69
CA THR F 302 44.85 -48.45 -17.99
C THR F 302 45.67 -47.16 -17.91
N LYS F 303 45.80 -46.49 -19.06
CA LYS F 303 46.73 -45.40 -19.23
C LYS F 303 46.04 -44.06 -19.04
N ALA F 304 46.85 -43.01 -18.98
CA ALA F 304 46.34 -41.65 -18.88
C ALA F 304 45.87 -41.19 -20.25
N LEU F 305 44.83 -40.35 -20.26
CA LEU F 305 44.27 -39.92 -21.54
C LEU F 305 45.31 -39.22 -22.38
N THR F 306 46.22 -38.47 -21.75
CA THR F 306 47.24 -37.69 -22.45
C THR F 306 48.50 -38.48 -22.76
N GLU F 307 48.53 -39.77 -22.44
CA GLU F 307 49.69 -40.59 -22.76
C GLU F 307 49.75 -40.85 -24.27
N VAL F 308 50.92 -40.66 -24.86
CA VAL F 308 51.10 -40.87 -26.29
C VAL F 308 51.28 -42.36 -26.56
N ILE F 309 50.50 -42.87 -27.51
CA ILE F 309 50.54 -44.28 -27.88
C ILE F 309 51.04 -44.37 -29.33
N PRO F 310 52.17 -45.01 -29.58
CA PRO F 310 52.61 -45.22 -30.95
C PRO F 310 51.72 -46.21 -31.68
N LEU F 311 51.44 -45.92 -32.95
CA LEU F 311 50.63 -46.83 -33.75
C LEU F 311 51.52 -47.96 -34.26
N THR F 312 51.03 -49.19 -34.12
CA THR F 312 51.72 -50.32 -34.71
C THR F 312 51.54 -50.32 -36.23
N GLU F 313 52.36 -51.09 -36.91
CA GLU F 313 52.23 -51.17 -38.36
C GLU F 313 50.88 -51.78 -38.75
N GLU F 314 50.44 -52.78 -37.99
CA GLU F 314 49.16 -53.40 -38.25
C GLU F 314 48.00 -52.42 -38.04
N ALA F 315 48.12 -51.56 -37.03
CA ALA F 315 47.10 -50.56 -36.74
C ALA F 315 47.08 -49.47 -37.81
N GLU F 316 48.26 -49.05 -38.28
CA GLU F 316 48.35 -48.03 -39.32
C GLU F 316 47.67 -48.46 -40.62
N LEU F 317 47.78 -49.74 -40.99
CA LEU F 317 47.11 -50.22 -42.19
C LEU F 317 45.59 -50.25 -41.99
N GLU F 318 45.14 -50.75 -40.84
CA GLU F 318 43.70 -50.77 -40.54
C GLU F 318 43.10 -49.38 -40.60
N LEU F 319 43.80 -48.38 -40.05
CA LEU F 319 43.28 -47.02 -40.17
C LEU F 319 43.25 -46.58 -41.62
N ALA F 320 44.26 -46.99 -42.40
CA ALA F 320 44.30 -46.63 -43.82
C ALA F 320 43.16 -47.26 -44.60
N GLU F 321 42.86 -48.54 -44.30
CA GLU F 321 41.77 -49.22 -45.00
C GLU F 321 40.41 -48.67 -44.59
N ASN F 322 40.25 -48.24 -43.33
CA ASN F 322 38.98 -47.64 -42.92
C ASN F 322 38.73 -46.32 -43.64
N ARG F 323 39.77 -45.49 -43.82
CA ARG F 323 39.64 -44.30 -44.66
C ARG F 323 39.17 -44.67 -46.07
N GLU F 324 39.73 -45.75 -46.64
CA GLU F 324 39.32 -46.15 -47.98
C GLU F 324 37.83 -46.49 -48.01
N ILE F 325 37.35 -47.19 -46.98
CA ILE F 325 35.94 -47.58 -46.96
C ILE F 325 35.05 -46.36 -46.86
N LEU F 326 35.41 -45.39 -46.02
CA LEU F 326 34.56 -44.24 -45.81
C LEU F 326 34.41 -43.40 -47.06
N LYS F 327 35.28 -43.61 -48.05
CA LYS F 327 35.19 -42.92 -49.33
C LYS F 327 34.44 -43.71 -50.40
N GLU F 328 34.42 -45.04 -50.31
CA GLU F 328 33.66 -45.84 -51.25
C GLU F 328 32.18 -45.86 -50.88
N PRO F 329 31.29 -45.93 -51.86
CA PRO F 329 29.85 -45.87 -51.58
C PRO F 329 29.37 -47.19 -51.01
N VAL F 330 28.32 -47.11 -50.17
CA VAL F 330 27.74 -48.34 -49.62
C VAL F 330 26.98 -49.10 -50.69
N HIS F 331 27.12 -50.42 -50.69
CA HIS F 331 26.49 -51.29 -51.68
C HIS F 331 25.24 -51.95 -51.10
N GLY F 332 24.15 -51.93 -51.86
CA GLY F 332 22.88 -52.46 -51.38
C GLY F 332 21.89 -51.49 -50.81
N VAL F 333 22.11 -50.19 -50.95
CA VAL F 333 21.21 -49.17 -50.42
C VAL F 333 20.56 -48.45 -51.57
N TYR F 334 19.31 -48.82 -51.89
CA TYR F 334 18.54 -48.17 -52.94
C TYR F 334 17.20 -47.69 -52.41
N TYR F 335 16.74 -46.58 -52.99
CA TYR F 335 15.52 -45.90 -52.55
C TYR F 335 14.27 -46.72 -52.84
N ASP F 336 13.46 -46.92 -51.80
CA ASP F 336 12.19 -47.61 -51.92
C ASP F 336 11.06 -46.61 -51.99
N PRO F 337 10.33 -46.52 -53.10
CA PRO F 337 9.28 -45.50 -53.20
C PRO F 337 8.11 -45.74 -52.26
N SER F 338 8.04 -46.91 -51.61
CA SER F 338 6.93 -47.20 -50.72
C SER F 338 7.17 -46.76 -49.29
N LYS F 339 8.43 -46.56 -48.89
CA LYS F 339 8.77 -46.16 -47.55
C LYS F 339 8.99 -44.65 -47.50
N ASP F 340 8.75 -44.08 -46.33
CA ASP F 340 8.90 -42.63 -46.17
C ASP F 340 10.37 -42.27 -46.08
N LEU F 341 10.69 -41.04 -46.47
CA LEU F 341 12.05 -40.54 -46.34
C LEU F 341 12.24 -39.86 -44.99
N ILE F 342 13.41 -40.06 -44.40
CA ILE F 342 13.75 -39.48 -43.11
C ILE F 342 15.04 -38.70 -43.26
N ALA F 343 15.07 -37.49 -42.71
CA ALA F 343 16.25 -36.64 -42.78
C ALA F 343 16.59 -36.17 -41.37
N GLU F 344 17.85 -36.35 -40.97
CA GLU F 344 18.34 -35.87 -39.69
C GLU F 344 19.40 -34.80 -39.92
N ILE F 345 19.38 -33.78 -39.09
CA ILE F 345 20.31 -32.66 -39.17
C ILE F 345 21.02 -32.54 -37.83
N GLN F 346 22.31 -32.22 -37.88
CA GLN F 346 23.12 -32.01 -36.68
C GLN F 346 23.74 -30.62 -36.77
N LYS F 347 23.72 -29.91 -35.65
CA LYS F 347 24.38 -28.62 -35.58
C LYS F 347 25.85 -28.84 -35.26
N GLN F 348 26.73 -28.33 -36.13
CA GLN F 348 28.16 -28.55 -35.97
C GLN F 348 28.88 -27.28 -35.55
N GLY F 349 28.14 -26.21 -35.27
CA GLY F 349 28.77 -24.98 -34.87
C GLY F 349 29.42 -24.23 -36.02
N GLN F 350 29.64 -22.94 -35.81
CA GLN F 350 30.23 -22.08 -36.83
C GLN F 350 29.41 -22.11 -38.12
N GLY F 351 28.09 -22.11 -37.98
CA GLY F 351 27.21 -22.05 -39.13
C GLY F 351 27.23 -23.25 -40.05
N GLN F 352 27.71 -24.40 -39.58
CA GLN F 352 27.80 -25.59 -40.41
C GLN F 352 26.77 -26.63 -39.96
N TRP F 353 26.13 -27.27 -40.94
CA TRP F 353 25.05 -28.21 -40.65
C TRP F 353 25.24 -29.42 -41.54
N THR F 354 25.27 -30.60 -40.91
CA THR F 354 25.35 -31.87 -41.60
C THR F 354 23.98 -32.54 -41.61
N TYR F 355 23.77 -33.41 -42.60
CA TYR F 355 22.47 -34.05 -42.73
C TYR F 355 22.64 -35.40 -43.43
N GLN F 356 21.68 -36.27 -43.19
CA GLN F 356 21.63 -37.60 -43.77
C GLN F 356 20.18 -37.93 -44.06
N ILE F 357 19.91 -38.40 -45.27
CA ILE F 357 18.58 -38.81 -45.67
C ILE F 357 18.57 -40.33 -45.81
N TYR F 358 17.58 -40.98 -45.22
CA TYR F 358 17.54 -42.43 -45.22
C TYR F 358 16.08 -42.85 -45.04
N GLN F 359 15.85 -44.14 -45.27
CA GLN F 359 14.55 -44.75 -45.03
C GLN F 359 14.61 -45.83 -43.96
N GLU F 360 15.68 -46.59 -43.95
CA GLU F 360 15.91 -47.54 -42.90
C GLU F 360 17.14 -47.12 -42.13
N PRO F 361 17.25 -47.51 -40.86
CA PRO F 361 18.40 -47.09 -40.06
C PRO F 361 19.70 -47.60 -40.67
N PHE F 362 20.72 -46.72 -40.67
CA PHE F 362 22.05 -47.02 -41.17
C PHE F 362 22.10 -47.31 -42.66
N LYS F 363 21.00 -47.09 -43.38
CA LYS F 363 20.96 -47.24 -44.84
C LYS F 363 20.80 -45.86 -45.46
N ASN F 364 21.87 -45.07 -45.43
CA ASN F 364 21.79 -43.69 -45.83
C ASN F 364 21.77 -43.58 -47.35
N LEU F 365 20.84 -42.77 -47.87
CA LEU F 365 20.78 -42.51 -49.29
C LEU F 365 21.60 -41.30 -49.70
N LYS F 366 21.77 -40.32 -48.80
CA LYS F 366 22.57 -39.14 -49.09
C LYS F 366 23.08 -38.53 -47.80
N THR F 367 24.36 -38.19 -47.76
CA THR F 367 24.95 -37.48 -46.62
C THR F 367 25.63 -36.23 -47.15
N GLY F 368 25.17 -35.07 -46.70
CA GLY F 368 25.66 -33.78 -47.15
C GLY F 368 25.94 -32.85 -45.98
N LYS F 369 26.47 -31.67 -46.32
CA LYS F 369 26.74 -30.66 -45.30
C LYS F 369 26.38 -29.29 -45.85
N TYR F 370 25.71 -28.49 -45.00
CA TYR F 370 25.30 -27.14 -45.36
C TYR F 370 25.92 -26.08 -44.45
N ALA F 371 26.52 -25.11 -45.09
CA ALA F 371 27.15 -24.07 -44.35
C ALA F 371 26.83 -22.76 -44.97
N ARG F 372 27.06 -21.68 -44.24
CA ARG F 372 26.83 -20.37 -44.76
C ARG F 372 25.51 -20.21 -45.41
N MET F 373 24.49 -20.66 -44.73
CA MET F 373 23.17 -20.40 -45.25
C MET F 373 22.63 -19.14 -44.60
N THR F 378 25.41 -16.71 -36.68
CA THR F 378 24.66 -15.76 -35.88
C THR F 378 23.27 -16.29 -35.56
N ASN F 379 22.44 -16.48 -36.58
CA ASN F 379 21.06 -16.89 -36.32
C ASN F 379 20.94 -18.40 -36.47
N ASP F 380 20.61 -19.08 -35.37
CA ASP F 380 20.52 -20.54 -35.47
C ASP F 380 19.20 -20.97 -36.10
N VAL F 381 18.10 -20.30 -35.78
CA VAL F 381 16.81 -20.74 -36.29
C VAL F 381 16.71 -20.47 -37.78
N LYS F 382 17.25 -19.34 -38.24
CA LYS F 382 17.22 -19.02 -39.66
C LYS F 382 18.04 -20.01 -40.47
N GLN F 383 19.18 -20.44 -39.93
CA GLN F 383 20.02 -21.39 -40.64
C GLN F 383 19.38 -22.76 -40.71
N LEU F 384 18.71 -23.18 -39.63
CA LEU F 384 18.08 -24.50 -39.65
C LEU F 384 16.89 -24.52 -40.60
N THR F 385 16.10 -23.46 -40.62
CA THR F 385 14.95 -23.45 -41.53
C THR F 385 15.41 -23.49 -42.98
N GLU F 386 16.42 -22.69 -43.31
CA GLU F 386 17.02 -22.74 -44.63
C GLU F 386 17.62 -24.11 -44.92
N ALA F 387 18.21 -24.76 -43.91
CA ALA F 387 18.73 -26.10 -44.11
C ALA F 387 17.61 -27.06 -44.50
N VAL F 388 16.47 -26.98 -43.83
CA VAL F 388 15.37 -27.90 -44.10
C VAL F 388 14.90 -27.73 -45.54
N GLN F 389 14.90 -26.49 -46.02
CA GLN F 389 14.38 -26.24 -47.37
C GLN F 389 15.34 -26.77 -48.43
N LYS F 390 16.66 -26.55 -48.26
CA LYS F 390 17.59 -27.03 -49.26
C LYS F 390 17.69 -28.56 -49.25
N ILE F 391 17.46 -29.20 -48.10
CA ILE F 391 17.38 -30.66 -48.09
C ILE F 391 16.10 -31.13 -48.77
N THR F 392 14.97 -30.56 -48.40
CA THR F 392 13.70 -30.91 -49.04
C THR F 392 13.76 -30.70 -50.55
N THR F 393 14.36 -29.59 -50.98
CA THR F 393 14.53 -29.34 -52.41
C THR F 393 15.31 -30.47 -53.06
N GLU F 394 16.35 -30.92 -52.45
CA GLU F 394 17.09 -31.97 -53.06
C GLU F 394 16.23 -33.18 -53.08
N SER F 395 15.60 -33.46 -51.96
CA SER F 395 14.81 -34.68 -51.87
C SER F 395 13.70 -34.71 -52.92
N ILE F 396 13.11 -33.55 -53.24
CA ILE F 396 12.08 -33.48 -54.27
C ILE F 396 12.68 -33.74 -55.65
N VAL F 397 13.81 -33.10 -55.94
CA VAL F 397 14.43 -33.24 -57.25
C VAL F 397 14.88 -34.67 -57.46
N ILE F 398 15.36 -35.31 -56.39
CA ILE F 398 15.99 -36.62 -56.51
C ILE F 398 14.98 -37.75 -56.41
N TRP F 399 14.01 -37.67 -55.50
CA TRP F 399 13.09 -38.79 -55.32
C TRP F 399 11.62 -38.44 -55.55
N GLY F 400 11.26 -37.17 -55.69
CA GLY F 400 9.85 -36.83 -55.81
C GLY F 400 9.08 -36.89 -54.52
N LYS F 401 9.74 -37.08 -53.40
CA LYS F 401 9.13 -37.17 -52.06
C LYS F 401 9.67 -36.05 -51.19
N THR F 402 9.03 -35.85 -50.04
CA THR F 402 9.53 -34.92 -49.04
C THR F 402 9.84 -35.72 -47.77
N PRO F 403 11.01 -35.52 -47.17
CA PRO F 403 11.39 -36.32 -46.01
C PRO F 403 10.76 -35.82 -44.73
N LYS F 404 10.68 -36.73 -43.77
CA LYS F 404 10.30 -36.39 -42.40
C LYS F 404 11.54 -35.95 -41.62
N PHE F 405 11.54 -34.70 -41.19
CA PHE F 405 12.71 -34.12 -40.56
C PHE F 405 12.73 -34.47 -39.08
N LYS F 406 13.92 -34.66 -38.55
CA LYS F 406 14.14 -34.78 -37.11
C LYS F 406 14.94 -33.55 -36.72
N LEU F 407 14.24 -32.52 -36.26
CA LEU F 407 14.92 -31.26 -36.08
C LEU F 407 15.59 -31.21 -34.71
N PRO F 408 16.83 -30.70 -34.66
CA PRO F 408 17.55 -30.49 -33.39
C PRO F 408 17.31 -29.10 -32.83
N ILE F 409 16.10 -28.92 -32.28
CA ILE F 409 15.67 -27.64 -31.75
C ILE F 409 14.54 -27.92 -30.78
N GLN F 410 14.35 -27.02 -29.82
CA GLN F 410 13.21 -27.09 -28.93
C GLN F 410 11.93 -26.77 -29.71
N LYS F 411 10.88 -27.54 -29.42
CA LYS F 411 9.65 -27.42 -30.21
C LYS F 411 9.13 -25.99 -30.17
N GLU F 412 9.07 -25.39 -28.98
CA GLU F 412 8.56 -24.04 -28.86
C GLU F 412 9.44 -23.03 -29.57
N THR F 413 10.76 -23.29 -29.63
CA THR F 413 11.65 -22.38 -30.33
C THR F 413 11.37 -22.39 -31.83
N TRP F 414 11.03 -23.56 -32.37
CA TRP F 414 10.79 -23.69 -33.79
C TRP F 414 9.44 -23.12 -34.18
N GLU F 415 8.40 -23.49 -33.45
CA GLU F 415 7.05 -23.05 -33.79
C GLU F 415 6.85 -21.54 -33.60
N THR F 416 7.79 -20.84 -33.00
CA THR F 416 7.66 -19.40 -32.81
C THR F 416 8.33 -18.57 -33.90
N TRP F 417 9.35 -19.13 -34.57
CA TRP F 417 10.18 -18.39 -35.52
C TRP F 417 10.30 -19.00 -36.90
N TRP F 418 9.85 -20.23 -37.12
CA TRP F 418 10.09 -20.88 -38.39
C TRP F 418 9.35 -20.20 -39.55
N THR F 419 8.25 -19.52 -39.27
CA THR F 419 7.52 -18.82 -40.33
C THR F 419 8.22 -17.55 -40.79
N GLU F 420 9.00 -16.92 -39.92
CA GLU F 420 9.74 -15.71 -40.30
C GLU F 420 10.84 -15.93 -41.32
N TYR F 421 11.26 -17.16 -41.60
CA TYR F 421 12.33 -17.40 -42.56
C TYR F 421 11.95 -18.49 -43.56
N TRP F 422 10.67 -18.72 -43.77
CA TRP F 422 10.19 -19.71 -44.73
C TRP F 422 9.73 -19.09 -46.03
N GLN F 423 10.14 -19.68 -47.15
CA GLN F 423 9.85 -19.15 -48.47
C GLN F 423 9.39 -20.23 -49.45
N ALA F 424 9.12 -21.44 -48.99
CA ALA F 424 8.65 -22.50 -49.87
C ALA F 424 7.13 -22.63 -49.77
N THR F 425 6.52 -23.10 -50.86
CA THR F 425 5.08 -23.26 -50.92
C THR F 425 4.57 -24.56 -50.28
N TRP F 426 5.46 -25.45 -49.85
CA TRP F 426 5.08 -26.67 -49.15
C TRP F 426 5.59 -26.64 -47.72
N ILE F 427 5.07 -27.56 -46.91
CA ILE F 427 5.54 -27.66 -45.53
C ILE F 427 5.77 -29.14 -45.25
N PRO F 428 7.01 -29.55 -45.02
CA PRO F 428 7.31 -30.95 -44.71
C PRO F 428 7.00 -31.30 -43.26
N GLU F 429 6.82 -32.60 -43.03
CA GLU F 429 6.67 -33.08 -41.67
C GLU F 429 7.99 -33.05 -40.94
N TRP F 430 7.91 -32.83 -39.64
CA TRP F 430 9.08 -32.71 -38.81
C TRP F 430 8.72 -33.25 -37.44
N GLU F 431 9.76 -33.49 -36.65
CA GLU F 431 9.62 -33.79 -35.24
C GLU F 431 10.80 -33.17 -34.51
N PHE F 432 10.85 -33.34 -33.20
CA PHE F 432 11.85 -32.63 -32.42
C PHE F 432 12.64 -33.64 -31.59
N VAL F 433 13.97 -33.55 -31.70
CA VAL F 433 14.88 -34.51 -31.10
C VAL F 433 16.07 -33.77 -30.48
N ASN F 434 17.01 -34.56 -29.95
CA ASN F 434 18.23 -34.02 -29.37
C ASN F 434 19.22 -35.14 -29.10
N THR F 435 20.47 -34.96 -29.52
CA THR F 435 21.43 -36.03 -29.28
C THR F 435 22.85 -35.50 -29.27
N PRO F 436 23.57 -35.70 -28.17
CA PRO F 436 24.94 -35.17 -28.08
C PRO F 436 25.98 -35.93 -28.87
N PRO F 437 26.17 -37.23 -28.59
CA PRO F 437 27.35 -37.91 -29.14
C PRO F 437 27.24 -38.32 -30.60
N LEU F 438 26.09 -38.14 -31.26
CA LEU F 438 25.96 -38.51 -32.66
C LEU F 438 26.54 -37.43 -33.58
N VAL F 439 26.51 -36.17 -33.14
CA VAL F 439 27.00 -35.05 -33.93
C VAL F 439 28.51 -35.08 -34.11
N LYS F 440 29.25 -35.78 -33.24
CA LYS F 440 30.70 -35.79 -33.33
C LYS F 440 31.18 -36.78 -34.38
N LEU F 441 30.41 -37.83 -34.63
CA LEU F 441 30.84 -38.88 -35.54
C LEU F 441 30.55 -38.58 -37.01
N TRP F 442 29.89 -37.47 -37.34
CA TRP F 442 29.62 -37.19 -38.75
C TRP F 442 30.55 -36.14 -39.31
N TYR F 443 31.12 -35.28 -38.47
CA TYR F 443 31.90 -34.15 -38.94
C TYR F 443 33.05 -34.00 -37.96
N GLN F 444 34.28 -33.94 -38.48
CA GLN F 444 35.46 -33.88 -37.62
C GLN F 444 35.36 -32.76 -36.58
#